data_6FOG
#
_entry.id   6FOG
#
_cell.length_a   75.984
_cell.length_b   116.679
_cell.length_c   125.753
_cell.angle_alpha   90.00
_cell.angle_beta   89.94
_cell.angle_gamma   90.00
#
_symmetry.space_group_name_H-M   'P 1 21 1'
#
loop_
_entity.id
_entity.type
_entity.pdbx_description
1 polymer 'Acylpyruvase FAHD1, mitochondrial'
2 non-polymer 'MAGNESIUM ION'
3 non-polymer 'OXALATE ION'
4 non-polymer 'CHLORIDE ION'
5 water water
#
_entity_poly.entity_id   1
_entity_poly.type   'polypeptide(L)'
_entity_poly.pdbx_seq_one_letter_code
;MGIMAASRPLSRFWEWGKNIVCVGRNYADHVREMRSAVLSEPVLFLKPSTAYAPEGSPILMPAYTRNLHHELELGVVMGK
RCRAVPEAAAMDYVGGYALCLDMTARDVQDECKKKGLPWTLAKSFTASCPVSAFVPKEKIPDPHKLKLWLKVNGELRQEG
ETSSMIFSIPYIISYVSKIITLEEGDIILTGTPKGVGPVKENDEIEAGIHGLVSMTFKVEKPEY
;
_entity_poly.pdbx_strand_id   A,G,F,D,B,C,H,E
#
loop_
_chem_comp.id
_chem_comp.type
_chem_comp.name
_chem_comp.formula
CL non-polymer 'CHLORIDE ION' 'Cl -1'
MG non-polymer 'MAGNESIUM ION' 'Mg 2'
OXL non-polymer 'OXALATE ION' 'C2 O4 -2'
#
# COMPACT_ATOMS: atom_id res chain seq x y z
N ALA A 6 49.33 25.55 -36.52
CA ALA A 6 49.46 24.79 -35.22
C ALA A 6 48.91 25.62 -34.05
N SER A 7 49.30 25.31 -32.81
CA SER A 7 48.77 26.11 -31.68
C SER A 7 49.41 27.52 -31.59
N ARG A 8 48.66 28.43 -30.98
CA ARG A 8 49.06 29.84 -30.84
C ARG A 8 48.99 30.18 -29.37
N PRO A 9 49.77 31.16 -28.91
CA PRO A 9 49.84 31.34 -27.47
C PRO A 9 48.60 32.03 -26.89
N LEU A 10 48.23 31.64 -25.66
CA LEU A 10 47.17 32.30 -24.94
C LEU A 10 47.50 33.76 -24.64
N SER A 11 48.79 34.11 -24.58
CA SER A 11 49.24 35.51 -24.40
C SER A 11 48.73 36.46 -25.50
N ARG A 12 48.35 35.90 -26.66
CA ARG A 12 47.76 36.63 -27.77
C ARG A 12 46.41 36.06 -28.16
N PHE A 13 45.60 35.63 -27.20
CA PHE A 13 44.34 34.91 -27.47
C PHE A 13 43.35 35.68 -28.34
N TRP A 14 43.32 37.02 -28.19
CA TRP A 14 42.44 37.87 -29.00
C TRP A 14 42.72 37.83 -30.49
N GLU A 15 43.96 37.49 -30.88
CA GLU A 15 44.36 37.38 -32.29
C GLU A 15 43.78 36.16 -32.98
N TRP A 16 43.60 35.05 -32.27
CA TRP A 16 43.14 33.80 -32.89
C TRP A 16 41.87 33.23 -32.30
N GLY A 17 41.47 33.65 -31.11
CA GLY A 17 40.26 33.11 -30.48
C GLY A 17 38.98 33.40 -31.25
N LYS A 18 38.08 32.44 -31.30
CA LYS A 18 36.90 32.48 -32.14
C LYS A 18 35.68 33.16 -31.53
N ASN A 19 35.41 32.90 -30.22
CA ASN A 19 34.13 33.27 -29.62
C ASN A 19 34.29 34.04 -28.31
N ILE A 20 33.38 34.96 -28.09
CA ILE A 20 33.20 35.76 -26.87
C ILE A 20 31.76 35.50 -26.37
N VAL A 21 31.63 35.01 -25.13
CA VAL A 21 30.37 34.82 -24.41
C VAL A 21 30.32 35.75 -23.21
N CYS A 22 29.19 36.41 -23.01
CA CYS A 22 29.06 37.43 -21.96
C CYS A 22 27.90 37.10 -21.04
N VAL A 23 28.13 37.26 -19.73
CA VAL A 23 27.12 37.08 -18.72
C VAL A 23 26.45 38.40 -18.35
N GLY A 24 25.13 38.37 -18.23
CA GLY A 24 24.40 39.55 -17.79
C GLY A 24 23.82 39.35 -16.41
N ARG A 25 23.72 40.46 -15.65
CA ARG A 25 23.04 40.48 -14.35
C ARG A 25 23.68 39.60 -13.28
N ASN A 26 24.98 39.79 -13.14
CA ASN A 26 25.79 39.00 -12.24
C ASN A 26 26.29 39.75 -10.99
N TYR A 27 25.95 41.04 -10.85
CA TYR A 27 26.30 41.79 -9.63
C TYR A 27 25.03 42.50 -9.17
N ALA A 28 24.62 42.25 -7.92
CA ALA A 28 23.31 42.70 -7.44
C ALA A 28 23.11 44.21 -7.56
N ASP A 29 24.18 44.98 -7.29
CA ASP A 29 24.09 46.43 -7.36
C ASP A 29 24.02 46.97 -8.81
N HIS A 30 24.56 46.24 -9.76
CA HIS A 30 24.33 46.59 -11.19
C HIS A 30 22.91 46.30 -11.60
N VAL A 31 22.39 45.16 -11.18
CA VAL A 31 21.00 44.80 -11.45
C VAL A 31 20.04 45.89 -10.95
N ARG A 32 20.30 46.40 -9.74
CA ARG A 32 19.50 47.47 -9.17
C ARG A 32 19.55 48.78 -9.96
N GLU A 33 20.75 49.22 -10.34
CA GLU A 33 20.90 50.45 -11.13
C GLU A 33 20.23 50.32 -12.52
N MET A 34 20.21 49.12 -13.11
CA MET A 34 19.49 48.87 -14.38
C MET A 34 17.98 48.73 -14.23
N ARG A 35 17.51 48.62 -12.98
CA ARG A 35 16.14 48.23 -12.63
C ARG A 35 15.68 46.93 -13.29
N SER A 36 16.58 45.96 -13.43
CA SER A 36 16.22 44.63 -13.90
C SER A 36 16.07 43.67 -12.75
N ALA A 37 15.93 42.38 -13.05
CA ALA A 37 15.86 41.32 -12.02
C ALA A 37 16.82 40.21 -12.43
N VAL A 38 17.41 39.56 -11.43
CA VAL A 38 18.17 38.31 -11.66
C VAL A 38 17.17 37.17 -11.94
N LEU A 39 17.42 36.38 -12.97
CA LEU A 39 16.61 35.20 -13.27
C LEU A 39 17.15 34.00 -12.48
N SER A 40 16.68 32.78 -12.79
CA SER A 40 17.20 31.58 -12.16
C SER A 40 18.57 31.14 -12.70
N GLU A 41 18.91 31.63 -13.90
CA GLU A 41 20.14 31.32 -14.59
C GLU A 41 20.75 32.57 -15.16
N PRO A 42 22.08 32.60 -15.37
CA PRO A 42 22.69 33.81 -15.91
C PRO A 42 22.18 34.10 -17.31
N VAL A 43 21.96 35.39 -17.60
CA VAL A 43 21.67 35.82 -18.99
C VAL A 43 22.95 35.73 -19.82
N LEU A 44 22.87 35.22 -21.05
CA LEU A 44 24.01 35.11 -21.96
C LEU A 44 23.82 35.85 -23.27
N PHE A 45 24.86 36.55 -23.71
CA PHE A 45 24.86 37.09 -25.10
C PHE A 45 26.27 36.92 -25.66
N LEU A 46 26.44 37.15 -26.96
CA LEU A 46 27.65 36.91 -27.69
C LEU A 46 28.21 38.18 -28.30
N LYS A 47 29.52 38.18 -28.47
CA LYS A 47 30.21 39.15 -29.27
C LYS A 47 31.02 38.39 -30.32
N PRO A 48 31.20 38.99 -31.52
CA PRO A 48 32.08 38.39 -32.51
C PRO A 48 33.55 38.60 -32.13
N SER A 49 34.43 37.80 -32.68
CA SER A 49 35.93 37.95 -32.51
C SER A 49 36.45 39.35 -32.83
N THR A 50 35.81 40.02 -33.80
CA THR A 50 36.19 41.40 -34.14
C THR A 50 35.72 42.47 -33.16
N ALA A 51 34.97 42.11 -32.11
CA ALA A 51 34.75 42.99 -30.95
C ALA A 51 36.06 43.25 -30.17
N TYR A 52 37.01 42.34 -30.23
CA TYR A 52 38.29 42.50 -29.48
C TYR A 52 39.06 43.75 -29.90
N ALA A 53 39.47 44.53 -28.92
CA ALA A 53 40.34 45.69 -29.11
C ALA A 53 41.46 45.53 -28.09
N PRO A 54 42.61 44.95 -28.54
CA PRO A 54 43.71 44.84 -27.59
C PRO A 54 44.36 46.22 -27.33
N GLU A 55 45.17 46.30 -26.29
CA GLU A 55 45.86 47.56 -26.00
C GLU A 55 46.64 48.04 -27.22
N GLY A 56 46.53 49.33 -27.49
CA GLY A 56 47.08 49.95 -28.70
C GLY A 56 46.04 50.18 -29.79
N SER A 57 44.87 49.56 -29.66
CA SER A 57 43.74 49.79 -30.55
C SER A 57 42.70 50.67 -29.86
N PRO A 58 41.94 51.46 -30.64
CA PRO A 58 40.94 52.33 -30.03
C PRO A 58 39.64 51.61 -29.64
N ILE A 59 38.95 52.18 -28.66
CA ILE A 59 37.52 51.96 -28.49
C ILE A 59 36.87 52.76 -29.61
N LEU A 60 36.03 52.12 -30.44
CA LEU A 60 35.35 52.79 -31.53
C LEU A 60 33.88 53.00 -31.19
N MET A 61 33.43 54.27 -31.25
CA MET A 61 32.03 54.60 -31.01
C MET A 61 31.21 54.27 -32.28
N PRO A 62 30.14 53.49 -32.17
CA PRO A 62 29.25 53.36 -33.37
C PRO A 62 28.52 54.67 -33.69
N ALA A 63 28.27 54.90 -34.98
CA ALA A 63 27.62 56.14 -35.43
C ALA A 63 26.15 56.20 -35.01
N TYR A 64 25.55 55.05 -34.68
CA TYR A 64 24.13 54.96 -34.37
C TYR A 64 23.79 55.10 -32.87
N THR A 65 24.80 55.36 -32.01
CA THR A 65 24.55 55.55 -30.57
C THR A 65 24.91 56.97 -30.17
N ARG A 66 24.17 57.51 -29.21
CA ARG A 66 24.50 58.75 -28.49
C ARG A 66 24.71 58.49 -26.99
N ASN A 67 24.87 57.21 -26.61
CA ASN A 67 24.96 56.80 -25.21
C ASN A 67 25.78 55.50 -25.12
N LEU A 68 27.08 55.61 -25.36
CA LEU A 68 28.00 54.46 -25.28
C LEU A 68 28.49 54.34 -23.85
N HIS A 69 28.22 53.20 -23.24
CA HIS A 69 28.58 52.95 -21.85
C HIS A 69 29.81 52.07 -21.70
N HIS A 70 30.60 52.35 -20.68
CA HIS A 70 31.62 51.41 -20.21
C HIS A 70 31.01 50.38 -19.26
N GLU A 71 31.55 49.15 -19.31
CA GLU A 71 31.23 48.07 -18.34
C GLU A 71 32.51 47.29 -18.04
N LEU A 72 32.90 47.29 -16.78
CA LEU A 72 34.14 46.68 -16.32
C LEU A 72 33.91 45.21 -15.95
N GLU A 73 34.63 44.27 -16.60
CA GLU A 73 34.38 42.85 -16.34
C GLU A 73 35.62 41.99 -16.35
N LEU A 74 35.60 40.95 -15.52
CA LEU A 74 36.62 39.93 -15.56
C LEU A 74 36.28 38.98 -16.70
N GLY A 75 37.25 38.73 -17.59
CA GLY A 75 37.17 37.71 -18.62
C GLY A 75 37.88 36.43 -18.19
N VAL A 76 37.22 35.30 -18.42
CA VAL A 76 37.78 33.95 -18.23
C VAL A 76 38.09 33.30 -19.55
N VAL A 77 39.40 33.11 -19.81
CA VAL A 77 39.91 32.53 -21.06
C VAL A 77 40.07 31.02 -20.93
N MET A 78 39.45 30.28 -21.84
CA MET A 78 39.48 28.83 -21.83
C MET A 78 40.79 28.27 -22.42
N GLY A 79 41.35 27.27 -21.72
CA GLY A 79 42.62 26.63 -22.08
C GLY A 79 42.49 25.31 -22.79
N LYS A 80 41.31 24.72 -22.73
CA LYS A 80 41.04 23.40 -23.37
C LYS A 80 39.58 23.38 -23.79
N ARG A 81 39.31 22.61 -24.83
N ARG A 81 39.30 22.61 -24.83
CA ARG A 81 37.92 22.45 -25.33
CA ARG A 81 37.92 22.45 -25.33
C ARG A 81 37.00 21.99 -24.18
C ARG A 81 37.00 21.99 -24.18
N CYS A 82 35.88 22.69 -24.01
CA CYS A 82 35.01 22.54 -22.84
C CYS A 82 33.56 22.30 -23.26
N ARG A 83 33.18 21.03 -23.24
CA ARG A 83 31.84 20.60 -23.63
C ARG A 83 31.12 19.97 -22.45
N ALA A 84 30.01 20.59 -22.02
CA ALA A 84 29.07 20.06 -21.02
C ALA A 84 29.76 19.50 -19.76
N VAL A 85 30.57 20.32 -19.12
CA VAL A 85 31.38 19.87 -17.98
C VAL A 85 30.66 20.16 -16.67
N PRO A 86 30.86 19.33 -15.64
CA PRO A 86 30.31 19.65 -14.31
C PRO A 86 31.03 20.83 -13.65
N GLU A 87 30.35 21.47 -12.70
CA GLU A 87 30.90 22.59 -11.92
C GLU A 87 32.22 22.20 -11.25
N ALA A 88 32.24 21.02 -10.65
CA ALA A 88 33.42 20.52 -9.95
C ALA A 88 34.67 20.33 -10.82
N ALA A 89 34.52 20.21 -12.13
CA ALA A 89 35.64 20.08 -13.05
C ALA A 89 35.94 21.35 -13.83
N ALA A 90 35.14 22.41 -13.69
CA ALA A 90 35.12 23.51 -14.65
C ALA A 90 36.42 24.32 -14.69
N MET A 91 37.01 24.55 -13.54
CA MET A 91 38.29 25.25 -13.43
C MET A 91 39.45 24.56 -14.12
N ASP A 92 39.42 23.24 -14.27
CA ASP A 92 40.39 22.51 -15.08
C ASP A 92 40.48 23.00 -16.52
N TYR A 93 39.40 23.59 -17.04
CA TYR A 93 39.30 24.05 -18.44
C TYR A 93 39.75 25.47 -18.65
N VAL A 94 40.04 26.19 -17.57
CA VAL A 94 40.49 27.58 -17.64
C VAL A 94 41.97 27.67 -17.89
N GLY A 95 42.36 28.54 -18.82
CA GLY A 95 43.75 28.85 -19.14
C GLY A 95 44.25 30.09 -18.46
N GLY A 96 43.37 31.05 -18.29
CA GLY A 96 43.72 32.27 -17.57
C GLY A 96 42.64 33.31 -17.69
N TYR A 97 43.06 34.56 -17.58
CA TYR A 97 42.16 35.66 -17.40
C TYR A 97 42.58 36.89 -18.15
N ALA A 98 41.59 37.76 -18.37
CA ALA A 98 41.85 39.10 -18.87
C ALA A 98 40.77 40.04 -18.39
N LEU A 99 41.15 41.31 -18.26
CA LEU A 99 40.20 42.33 -17.92
C LEU A 99 39.58 42.86 -19.21
N CYS A 100 38.27 42.94 -19.25
CA CYS A 100 37.56 43.41 -20.43
C CYS A 100 36.63 44.54 -20.10
N LEU A 101 36.31 45.32 -21.13
CA LEU A 101 35.21 46.25 -21.08
C LEU A 101 34.14 45.75 -22.05
N ASP A 102 32.95 45.55 -21.55
CA ASP A 102 31.76 45.25 -22.37
C ASP A 102 31.09 46.58 -22.80
N MET A 103 31.65 47.19 -23.84
CA MET A 103 31.17 48.48 -24.32
C MET A 103 29.78 48.24 -24.86
N THR A 104 28.86 49.14 -24.53
CA THR A 104 27.41 48.91 -24.70
C THR A 104 26.77 50.18 -25.24
N ALA A 105 26.08 50.08 -26.37
CA ALA A 105 25.25 51.21 -26.82
C ALA A 105 23.89 51.11 -26.08
N ARG A 106 23.78 51.86 -24.97
CA ARG A 106 22.69 51.72 -24.04
C ARG A 106 21.32 52.16 -24.56
N ASP A 107 21.27 53.26 -25.33
CA ASP A 107 20.06 53.68 -26.06
C ASP A 107 19.53 52.61 -27.01
N VAL A 108 20.43 51.99 -27.77
CA VAL A 108 20.09 50.85 -28.67
C VAL A 108 19.61 49.66 -27.85
N GLN A 109 20.27 49.37 -26.73
CA GLN A 109 19.84 48.26 -25.88
C GLN A 109 18.43 48.46 -25.34
N ASP A 110 18.09 49.69 -24.92
CA ASP A 110 16.75 49.97 -24.40
C ASP A 110 15.67 49.70 -25.49
N GLU A 111 15.96 50.06 -26.73
CA GLU A 111 15.02 49.84 -27.82
C GLU A 111 14.87 48.34 -28.13
N CYS A 112 16.00 47.60 -28.14
CA CYS A 112 16.00 46.15 -28.32
C CYS A 112 15.18 45.38 -27.32
N LYS A 113 15.34 45.71 -26.04
CA LYS A 113 14.53 45.13 -24.99
C LYS A 113 13.03 45.39 -25.18
N LYS A 114 12.71 46.64 -25.53
CA LYS A 114 11.32 47.09 -25.71
C LYS A 114 10.65 46.36 -26.88
N LYS A 115 11.40 46.17 -27.96
CA LYS A 115 10.87 45.55 -29.18
C LYS A 115 11.11 44.04 -29.28
N GLY A 116 11.73 43.45 -28.26
CA GLY A 116 12.09 42.00 -28.28
C GLY A 116 13.01 41.62 -29.42
N LEU A 117 14.02 42.43 -29.65
CA LEU A 117 14.99 42.22 -30.74
C LEU A 117 16.27 41.71 -30.15
N PRO A 118 17.16 41.14 -31.01
CA PRO A 118 18.48 40.76 -30.51
C PRO A 118 19.27 41.95 -30.01
N TRP A 119 20.17 41.67 -29.09
CA TRP A 119 21.01 42.69 -28.47
C TRP A 119 22.25 42.99 -29.28
N THR A 120 22.41 42.38 -30.45
CA THR A 120 23.55 42.60 -31.35
C THR A 120 24.10 44.01 -31.60
N LEU A 121 23.30 44.96 -32.06
CA LEU A 121 23.80 46.32 -32.31
C LEU A 121 24.14 47.05 -30.99
N ALA A 122 23.55 46.62 -29.89
CA ALA A 122 23.82 47.22 -28.61
C ALA A 122 25.13 46.71 -28.01
N LYS A 123 25.50 45.47 -28.29
CA LYS A 123 26.56 44.79 -27.56
C LYS A 123 27.69 44.19 -28.38
N SER A 124 27.55 44.10 -29.69
CA SER A 124 28.36 43.11 -30.43
C SER A 124 29.06 43.70 -31.63
N PHE A 125 29.27 45.00 -31.59
CA PHE A 125 29.89 45.76 -32.67
C PHE A 125 31.42 45.68 -32.60
N THR A 126 32.06 46.08 -33.69
CA THR A 126 33.52 46.19 -33.83
C THR A 126 34.13 47.01 -32.69
N ALA A 127 35.16 46.46 -32.06
CA ALA A 127 35.86 47.12 -30.95
C ALA A 127 34.99 47.30 -29.68
N SER A 128 33.94 46.48 -29.51
CA SER A 128 33.09 46.50 -28.31
C SER A 128 33.66 45.69 -27.11
N CYS A 129 34.82 45.06 -27.29
CA CYS A 129 35.52 44.29 -26.23
C CYS A 129 37.01 44.67 -26.11
N PRO A 130 37.28 45.87 -25.60
CA PRO A 130 38.63 46.18 -25.10
C PRO A 130 39.10 45.15 -24.10
N VAL A 131 40.36 44.72 -24.24
CA VAL A 131 40.90 43.57 -23.54
C VAL A 131 42.34 43.83 -23.11
N SER A 132 42.65 43.49 -21.85
CA SER A 132 44.00 43.62 -21.30
C SER A 132 44.94 42.51 -21.80
N ALA A 133 46.20 42.60 -21.38
CA ALA A 133 47.10 41.45 -21.41
C ALA A 133 46.52 40.21 -20.70
N PHE A 134 46.89 39.04 -21.23
CA PHE A 134 46.53 37.76 -20.67
C PHE A 134 47.20 37.57 -19.32
N VAL A 135 46.42 37.18 -18.34
CA VAL A 135 46.94 36.76 -17.02
C VAL A 135 46.83 35.25 -16.88
N PRO A 136 47.99 34.55 -16.87
CA PRO A 136 47.94 33.10 -16.67
C PRO A 136 47.25 32.68 -15.40
N LYS A 137 46.56 31.55 -15.45
CA LYS A 137 45.80 31.01 -14.33
C LYS A 137 46.62 30.87 -13.03
N GLU A 138 47.90 30.52 -13.16
CA GLU A 138 48.80 30.37 -11.98
C GLU A 138 48.90 31.65 -11.13
N LYS A 139 48.73 32.81 -11.74
CA LYS A 139 48.73 34.09 -10.99
C LYS A 139 47.43 34.41 -10.25
N ILE A 140 46.34 33.65 -10.51
CA ILE A 140 45.05 33.90 -9.91
C ILE A 140 44.53 32.56 -9.38
N PRO A 141 44.94 32.18 -8.15
CA PRO A 141 44.43 30.95 -7.52
C PRO A 141 42.93 31.03 -7.18
N ASP A 142 42.44 32.23 -6.88
CA ASP A 142 41.01 32.43 -6.62
C ASP A 142 40.51 33.69 -7.36
N PRO A 143 39.84 33.47 -8.52
CA PRO A 143 39.27 34.60 -9.24
C PRO A 143 38.11 35.31 -8.56
N HIS A 144 37.54 34.75 -7.47
CA HIS A 144 36.52 35.42 -6.65
C HIS A 144 37.08 36.21 -5.48
N LYS A 145 38.37 36.52 -5.53
CA LYS A 145 38.98 37.42 -4.56
C LYS A 145 39.73 38.58 -5.22
N LEU A 146 39.21 39.08 -6.33
CA LEU A 146 39.86 40.15 -7.07
C LEU A 146 39.13 41.47 -6.88
N LYS A 147 39.88 42.55 -6.97
CA LYS A 147 39.30 43.88 -7.04
C LYS A 147 39.54 44.50 -8.40
N LEU A 148 38.45 44.95 -9.01
CA LEU A 148 38.48 45.59 -10.32
C LEU A 148 38.26 47.09 -10.16
N TRP A 149 38.93 47.89 -11.00
CA TRP A 149 38.71 49.34 -11.03
C TRP A 149 38.75 49.93 -12.45
N LEU A 150 38.08 51.06 -12.63
CA LEU A 150 38.01 51.74 -13.89
C LEU A 150 37.95 53.23 -13.66
N LYS A 151 38.79 53.98 -14.40
CA LYS A 151 38.80 55.44 -14.41
C LYS A 151 38.46 55.98 -15.80
N VAL A 152 37.74 57.09 -15.83
CA VAL A 152 37.56 57.89 -17.04
C VAL A 152 38.20 59.25 -16.87
N ASN A 153 39.17 59.57 -17.73
CA ASN A 153 39.96 60.82 -17.62
C ASN A 153 40.52 61.03 -16.20
N GLY A 154 41.08 59.97 -15.62
CA GLY A 154 41.65 60.04 -14.26
C GLY A 154 40.69 59.92 -13.08
N GLU A 155 39.38 59.97 -13.32
CA GLU A 155 38.39 59.89 -12.23
C GLU A 155 37.82 58.47 -12.11
N LEU A 156 37.88 57.92 -10.91
CA LEU A 156 37.32 56.61 -10.61
C LEU A 156 35.80 56.61 -10.81
N ARG A 157 35.33 55.65 -11.62
CA ARG A 157 33.89 55.50 -11.95
C ARG A 157 33.29 54.14 -11.60
N GLN A 158 34.08 53.07 -11.69
CA GLN A 158 33.63 51.73 -11.35
C GLN A 158 34.69 51.05 -10.53
N GLU A 159 34.22 50.33 -9.53
CA GLU A 159 35.03 49.44 -8.72
C GLU A 159 34.15 48.27 -8.38
N GLY A 160 34.76 47.10 -8.29
CA GLY A 160 34.01 45.92 -7.93
C GLY A 160 34.90 44.85 -7.35
N GLU A 161 34.25 43.98 -6.59
CA GLU A 161 34.87 42.82 -5.99
C GLU A 161 34.24 41.62 -6.61
N THR A 162 35.06 40.73 -7.13
CA THR A 162 34.57 39.49 -7.79
C THR A 162 33.93 38.51 -6.83
N SER A 163 34.16 38.68 -5.51
CA SER A 163 33.38 37.97 -4.51
C SER A 163 31.88 38.27 -4.55
N SER A 164 31.48 39.41 -5.13
CA SER A 164 30.06 39.77 -5.25
C SER A 164 29.28 39.14 -6.39
N MET A 165 29.94 38.30 -7.23
CA MET A 165 29.25 37.63 -8.33
C MET A 165 28.11 36.73 -7.85
N ILE A 166 26.94 36.86 -8.46
CA ILE A 166 25.77 36.09 -8.08
C ILE A 166 25.94 34.61 -8.47
N PHE A 167 26.38 34.41 -9.71
CA PHE A 167 26.80 33.08 -10.20
C PHE A 167 28.29 33.01 -10.25
N SER A 168 28.85 31.96 -9.70
CA SER A 168 30.32 31.77 -9.61
C SER A 168 30.85 31.40 -10.99
N ILE A 169 32.15 31.57 -11.16
CA ILE A 169 32.87 31.21 -12.38
C ILE A 169 32.73 29.71 -12.70
N PRO A 170 32.94 28.79 -11.71
CA PRO A 170 32.68 27.39 -12.06
C PRO A 170 31.24 27.07 -12.52
N TYR A 171 30.25 27.76 -11.92
CA TYR A 171 28.85 27.63 -12.35
C TYR A 171 28.65 28.13 -13.78
N ILE A 172 29.16 29.33 -14.06
CA ILE A 172 29.04 29.95 -15.41
C ILE A 172 29.65 29.04 -16.47
N ILE A 173 30.87 28.56 -16.24
CA ILE A 173 31.56 27.70 -17.20
C ILE A 173 30.76 26.45 -17.48
N SER A 174 30.32 25.77 -16.43
CA SER A 174 29.49 24.59 -16.55
C SER A 174 28.17 24.83 -17.31
N TYR A 175 27.46 25.89 -16.89
CA TYR A 175 26.23 26.33 -17.55
C TYR A 175 26.39 26.65 -19.05
N VAL A 176 27.37 27.49 -19.39
CA VAL A 176 27.67 27.85 -20.78
C VAL A 176 28.06 26.63 -21.60
N SER A 177 28.95 25.79 -21.04
CA SER A 177 29.46 24.60 -21.75
C SER A 177 28.39 23.59 -22.16
N LYS A 178 27.30 23.52 -21.39
CA LYS A 178 26.16 22.67 -21.69
C LYS A 178 25.28 23.22 -22.81
N ILE A 179 25.35 24.52 -23.06
CA ILE A 179 24.58 25.18 -24.11
C ILE A 179 25.45 25.36 -25.36
N ILE A 180 26.64 25.89 -25.16
CA ILE A 180 27.60 26.27 -26.22
C ILE A 180 28.95 25.63 -25.87
N THR A 181 29.41 24.68 -26.70
CA THR A 181 30.77 24.19 -26.53
C THR A 181 31.78 25.34 -26.66
N LEU A 182 32.73 25.37 -25.73
CA LEU A 182 33.74 26.41 -25.69
C LEU A 182 35.05 25.83 -26.19
N GLU A 183 35.70 26.52 -27.11
CA GLU A 183 37.01 26.10 -27.66
C GLU A 183 38.11 26.75 -26.85
N GLU A 184 39.30 26.14 -26.88
CA GLU A 184 40.54 26.85 -26.48
C GLU A 184 40.58 28.27 -27.05
N GLY A 185 40.80 29.25 -26.16
CA GLY A 185 40.85 30.66 -26.54
C GLY A 185 39.57 31.46 -26.61
N ASP A 186 38.44 30.79 -26.45
CA ASP A 186 37.15 31.45 -26.14
C ASP A 186 37.25 32.13 -24.75
N ILE A 187 36.64 33.31 -24.66
CA ILE A 187 36.52 34.04 -23.40
C ILE A 187 35.04 34.07 -22.92
N ILE A 188 34.85 34.08 -21.59
CA ILE A 188 33.56 34.34 -20.98
C ILE A 188 33.72 35.63 -20.13
N LEU A 189 32.95 36.65 -20.46
CA LEU A 189 32.89 37.88 -19.66
C LEU A 189 31.88 37.67 -18.57
N THR A 190 32.26 37.97 -17.31
CA THR A 190 31.46 37.54 -16.15
C THR A 190 30.54 38.59 -15.52
N GLY A 191 30.32 39.70 -16.21
CA GLY A 191 29.37 40.74 -15.83
C GLY A 191 30.06 41.93 -15.14
N THR A 192 29.33 43.02 -15.04
CA THR A 192 29.86 44.29 -14.54
C THR A 192 29.30 44.61 -13.16
N PRO A 193 30.14 45.17 -12.28
CA PRO A 193 29.59 45.75 -11.06
C PRO A 193 28.88 47.09 -11.34
N LYS A 194 28.33 47.69 -10.28
CA LYS A 194 27.66 48.97 -10.46
C LYS A 194 28.63 50.06 -10.96
N GLY A 195 28.03 51.16 -11.44
CA GLY A 195 28.74 52.35 -11.87
C GLY A 195 28.91 52.51 -13.36
N VAL A 196 28.11 51.81 -14.17
CA VAL A 196 28.18 51.98 -15.62
C VAL A 196 27.77 53.41 -16.01
N GLY A 197 28.34 53.90 -17.10
CA GLY A 197 28.11 55.28 -17.48
C GLY A 197 28.70 55.60 -18.82
N PRO A 198 28.32 56.76 -19.39
CA PRO A 198 28.69 57.09 -20.76
C PRO A 198 30.13 57.55 -20.93
N VAL A 199 30.66 57.34 -22.12
CA VAL A 199 31.92 57.92 -22.56
C VAL A 199 31.73 58.68 -23.86
N LYS A 200 32.62 59.62 -24.12
CA LYS A 200 32.54 60.44 -25.33
C LYS A 200 33.86 60.39 -26.03
N GLU A 201 33.88 60.89 -27.28
CA GLU A 201 35.07 60.91 -28.08
C GLU A 201 36.21 61.62 -27.37
N ASN A 202 37.37 60.99 -27.44
CA ASN A 202 38.63 61.41 -26.82
C ASN A 202 38.75 61.17 -25.31
N ASP A 203 37.77 60.56 -24.66
CA ASP A 203 37.94 60.12 -23.28
C ASP A 203 39.03 59.03 -23.20
N GLU A 204 39.78 59.07 -22.10
CA GLU A 204 40.77 58.06 -21.81
C GLU A 204 40.22 57.16 -20.71
N ILE A 205 40.10 55.86 -21.01
CA ILE A 205 39.71 54.87 -20.01
C ILE A 205 40.93 54.09 -19.53
N GLU A 206 41.11 54.07 -18.21
CA GLU A 206 42.11 53.24 -17.60
C GLU A 206 41.40 52.28 -16.69
N ALA A 207 41.84 51.03 -16.71
CA ALA A 207 41.20 50.01 -15.88
C ALA A 207 42.19 48.95 -15.49
N GLY A 208 41.88 48.24 -14.41
CA GLY A 208 42.77 47.22 -13.91
C GLY A 208 42.16 46.25 -12.94
N ILE A 209 42.93 45.19 -12.70
CA ILE A 209 42.71 44.26 -11.60
C ILE A 209 43.83 44.60 -10.62
N HIS A 210 43.46 44.98 -9.40
CA HIS A 210 44.42 45.36 -8.37
C HIS A 210 45.50 44.31 -8.20
N GLY A 211 46.75 44.78 -8.35
CA GLY A 211 47.91 43.91 -8.13
C GLY A 211 48.32 43.02 -9.28
N LEU A 212 47.56 43.02 -10.40
CA LEU A 212 47.79 42.04 -11.50
C LEU A 212 47.97 42.66 -12.90
N VAL A 213 47.13 43.61 -13.27
CA VAL A 213 47.12 44.13 -14.63
C VAL A 213 46.41 45.48 -14.70
N SER A 214 46.85 46.32 -15.64
CA SER A 214 46.08 47.48 -16.02
C SER A 214 46.15 47.72 -17.52
N MET A 215 45.30 48.62 -17.99
CA MET A 215 45.19 48.91 -19.42
C MET A 215 44.61 50.31 -19.62
N THR A 216 44.98 50.92 -20.76
CA THR A 216 44.50 52.24 -21.14
C THR A 216 43.98 52.23 -22.57
N PHE A 217 42.83 52.88 -22.78
CA PHE A 217 42.14 52.94 -24.08
C PHE A 217 41.66 54.36 -24.31
N LYS A 218 41.80 54.82 -25.57
CA LYS A 218 41.21 56.06 -26.00
C LYS A 218 39.91 55.77 -26.76
N VAL A 219 38.87 56.57 -26.48
CA VAL A 219 37.63 56.52 -27.21
C VAL A 219 37.73 57.38 -28.49
N GLU A 220 37.51 56.73 -29.64
CA GLU A 220 37.63 57.35 -30.93
C GLU A 220 36.40 57.03 -31.79
N LYS A 221 36.27 57.81 -32.88
CA LYS A 221 35.29 57.49 -33.92
C LYS A 221 36.06 56.91 -35.12
N PRO A 222 35.42 56.04 -35.92
CA PRO A 222 36.18 55.36 -36.98
C PRO A 222 36.76 56.26 -38.04
N GLU A 223 37.95 55.89 -38.54
CA GLU A 223 38.78 56.59 -39.56
C GLU A 223 38.92 58.11 -39.31
N ALA B 6 -25.91 -53.91 49.90
CA ALA B 6 -24.53 -54.23 49.34
C ALA B 6 -24.54 -54.12 47.80
N SER B 7 -23.87 -54.99 47.04
CA SER B 7 -23.87 -54.85 45.60
C SER B 7 -25.21 -55.28 44.95
N ARG B 8 -25.49 -54.71 43.78
CA ARG B 8 -26.74 -54.92 43.09
C ARG B 8 -26.52 -55.46 41.68
N PRO B 9 -27.44 -56.29 41.20
CA PRO B 9 -27.19 -56.93 39.94
C PRO B 9 -27.37 -56.07 38.72
N LEU B 10 -26.59 -56.31 37.67
CA LEU B 10 -26.78 -55.65 36.37
C LEU B 10 -28.14 -55.95 35.76
N SER B 11 -28.75 -57.08 36.10
CA SER B 11 -30.12 -57.41 35.66
C SER B 11 -31.18 -56.38 36.07
N ARG B 12 -30.88 -55.58 37.09
CA ARG B 12 -31.73 -54.50 37.57
C ARG B 12 -31.01 -53.17 37.56
N PHE B 13 -30.13 -52.93 36.56
CA PHE B 13 -29.26 -51.75 36.53
C PHE B 13 -30.00 -50.41 36.62
N TRP B 14 -31.21 -50.33 36.04
CA TRP B 14 -32.04 -49.13 36.08
C TRP B 14 -32.45 -48.69 37.50
N GLU B 15 -32.51 -49.64 38.43
CA GLU B 15 -32.85 -49.37 39.83
C GLU B 15 -31.75 -48.66 40.60
N TRP B 16 -30.49 -48.91 40.28
CA TRP B 16 -29.38 -48.35 41.06
C TRP B 16 -28.38 -47.57 40.26
N GLY B 17 -28.37 -47.70 38.93
CA GLY B 17 -27.44 -46.93 38.11
C GLY B 17 -27.66 -45.41 38.19
N LYS B 18 -26.55 -44.68 38.17
CA LYS B 18 -26.51 -43.26 38.43
C LYS B 18 -26.74 -42.40 37.18
N ASN B 19 -26.10 -42.76 36.06
CA ASN B 19 -25.99 -41.87 34.91
C ASN B 19 -26.41 -42.53 33.59
N ILE B 20 -27.04 -41.71 32.75
CA ILE B 20 -27.42 -42.04 31.38
C ILE B 20 -26.74 -40.99 30.46
N VAL B 21 -25.90 -41.49 29.55
CA VAL B 21 -25.26 -40.69 28.49
C VAL B 21 -25.82 -41.11 27.13
N CYS B 22 -26.14 -40.13 26.30
CA CYS B 22 -26.78 -40.39 25.00
C CYS B 22 -25.95 -39.79 23.87
N VAL B 23 -25.79 -40.58 22.80
CA VAL B 23 -25.11 -40.15 21.59
C VAL B 23 -26.13 -39.61 20.57
N GLY B 24 -25.78 -38.48 19.96
CA GLY B 24 -26.59 -37.92 18.89
C GLY B 24 -25.90 -38.02 17.56
N ARG B 25 -26.70 -38.15 16.50
CA ARG B 25 -26.21 -38.12 15.11
C ARG B 25 -25.28 -39.28 14.75
N ASN B 26 -25.75 -40.47 15.07
CA ASN B 26 -24.93 -41.67 14.88
C ASN B 26 -25.40 -42.59 13.74
N TYR B 27 -26.48 -42.25 13.06
CA TYR B 27 -26.96 -43.03 11.89
C TYR B 27 -27.21 -42.00 10.80
N ALA B 28 -26.53 -42.19 9.66
CA ALA B 28 -26.54 -41.17 8.58
C ALA B 28 -27.94 -40.83 8.09
N ASP B 29 -28.82 -41.83 8.00
CA ASP B 29 -30.19 -41.59 7.54
C ASP B 29 -31.06 -40.86 8.57
N HIS B 30 -30.76 -40.99 9.86
CA HIS B 30 -31.43 -40.14 10.87
C HIS B 30 -30.95 -38.71 10.77
N VAL B 31 -29.64 -38.52 10.59
CA VAL B 31 -29.07 -37.19 10.41
C VAL B 31 -29.75 -36.46 9.23
N ARG B 32 -29.95 -37.17 8.13
CA ARG B 32 -30.62 -36.63 6.94
C ARG B 32 -32.06 -36.21 7.22
N GLU B 33 -32.85 -37.08 7.86
CA GLU B 33 -34.24 -36.75 8.18
C GLU B 33 -34.35 -35.55 9.16
N MET B 34 -33.37 -35.38 10.06
CA MET B 34 -33.33 -34.20 10.95
C MET B 34 -32.79 -32.93 10.28
N ARG B 35 -32.27 -33.08 9.06
CA ARG B 35 -31.51 -32.05 8.35
C ARG B 35 -30.36 -31.45 9.16
N SER B 36 -29.67 -32.29 9.94
CA SER B 36 -28.46 -31.86 10.65
C SER B 36 -27.23 -32.34 9.90
N ALA B 37 -26.06 -32.19 10.51
CA ALA B 37 -24.80 -32.67 9.96
C ALA B 37 -24.07 -33.41 11.07
N VAL B 38 -23.34 -34.46 10.71
CA VAL B 38 -22.41 -35.12 11.63
C VAL B 38 -21.18 -34.23 11.82
N LEU B 39 -20.75 -34.06 13.05
CA LEU B 39 -19.51 -33.35 13.40
C LEU B 39 -18.32 -34.32 13.32
N SER B 40 -17.14 -33.90 13.79
CA SER B 40 -15.99 -34.77 13.88
C SER B 40 -16.05 -35.78 15.05
N GLU B 41 -16.91 -35.50 16.02
CA GLU B 41 -17.10 -36.29 17.21
C GLU B 41 -18.57 -36.45 17.51
N PRO B 42 -18.94 -37.54 18.21
CA PRO B 42 -20.37 -37.73 18.52
C PRO B 42 -20.88 -36.61 19.42
N VAL B 43 -22.10 -36.16 19.17
CA VAL B 43 -22.84 -35.28 20.09
C VAL B 43 -23.25 -36.07 21.35
N LEU B 44 -23.06 -35.47 22.53
CA LEU B 44 -23.45 -36.09 23.80
C LEU B 44 -24.47 -35.28 24.59
N PHE B 45 -25.47 -35.93 25.13
CA PHE B 45 -26.35 -35.28 26.14
C PHE B 45 -26.68 -36.29 27.23
N LEU B 46 -27.27 -35.82 28.33
CA LEU B 46 -27.52 -36.59 29.51
C LEU B 46 -28.99 -36.72 29.82
N LYS B 47 -29.32 -37.83 30.48
CA LYS B 47 -30.60 -38.00 31.11
C LYS B 47 -30.34 -38.29 32.60
N PRO B 48 -31.28 -37.87 33.48
CA PRO B 48 -31.15 -38.26 34.86
C PRO B 48 -31.57 -39.74 35.05
N SER B 49 -31.13 -40.35 36.15
CA SER B 49 -31.56 -41.75 36.53
C SER B 49 -33.09 -41.94 36.56
N THR B 50 -33.83 -40.89 36.92
CA THR B 50 -35.30 -40.96 36.90
C THR B 50 -35.96 -40.88 35.51
N ALA B 51 -35.17 -40.71 34.44
CA ALA B 51 -35.65 -40.96 33.07
C ALA B 51 -35.98 -42.43 32.83
N TYR B 52 -35.37 -43.34 33.56
CA TYR B 52 -35.60 -44.80 33.36
C TYR B 52 -37.06 -45.18 33.60
N ALA B 53 -37.65 -45.90 32.66
CA ALA B 53 -38.97 -46.50 32.78
C ALA B 53 -38.80 -47.97 32.41
N PRO B 54 -38.65 -48.83 33.42
CA PRO B 54 -38.53 -50.26 33.09
C PRO B 54 -39.86 -50.85 32.66
N GLU B 55 -39.85 -52.03 32.06
CA GLU B 55 -41.09 -52.68 31.64
C GLU B 55 -42.06 -52.79 32.82
N GLY B 56 -43.32 -52.46 32.56
CA GLY B 56 -44.35 -52.37 33.60
C GLY B 56 -44.63 -50.95 34.03
N SER B 57 -43.74 -50.00 33.70
CA SER B 57 -43.94 -48.58 33.96
C SER B 57 -44.34 -47.88 32.66
N PRO B 58 -45.14 -46.80 32.75
CA PRO B 58 -45.57 -46.11 31.55
C PRO B 58 -44.51 -45.18 30.95
N ILE B 59 -44.61 -44.93 29.66
CA ILE B 59 -44.04 -43.74 29.05
C ILE B 59 -44.96 -42.60 29.48
N LEU B 60 -44.39 -41.55 30.08
CA LEU B 60 -45.16 -40.40 30.54
C LEU B 60 -44.94 -39.21 29.61
N MET B 61 -46.03 -38.69 29.05
CA MET B 61 -45.98 -37.53 28.16
C MET B 61 -45.83 -36.27 29.03
N PRO B 62 -44.82 -35.41 28.78
CA PRO B 62 -44.83 -34.12 29.51
C PRO B 62 -45.97 -33.21 29.07
N ALA B 63 -46.49 -32.39 29.98
CA ALA B 63 -47.62 -31.51 29.70
C ALA B 63 -47.24 -30.39 28.73
N TYR B 64 -45.95 -30.09 28.60
CA TYR B 64 -45.45 -28.98 27.81
C TYR B 64 -45.10 -29.34 26.34
N THR B 65 -45.33 -30.59 25.92
CA THR B 65 -45.09 -31.02 24.54
C THR B 65 -46.41 -31.38 23.86
N ARG B 66 -46.49 -31.11 22.56
CA ARG B 66 -47.53 -31.59 21.66
C ARG B 66 -46.92 -32.45 20.53
N ASN B 67 -45.67 -32.87 20.70
CA ASN B 67 -44.93 -33.61 19.66
C ASN B 67 -43.86 -34.49 20.33
N LEU B 68 -44.32 -35.54 21.00
CA LEU B 68 -43.44 -36.50 21.69
C LEU B 68 -43.05 -37.58 20.71
N HIS B 69 -41.74 -37.71 20.47
CA HIS B 69 -41.21 -38.65 19.49
C HIS B 69 -40.63 -39.89 20.14
N HIS B 70 -40.80 -41.02 19.47
CA HIS B 70 -40.02 -42.23 19.80
C HIS B 70 -38.66 -42.20 19.08
N GLU B 71 -37.64 -42.75 19.73
CA GLU B 71 -36.31 -42.98 19.17
C GLU B 71 -35.79 -44.34 19.67
N LEU B 72 -35.54 -45.24 18.74
CA LEU B 72 -35.13 -46.60 19.04
C LEU B 72 -33.61 -46.70 19.12
N GLU B 73 -33.06 -47.13 20.27
CA GLU B 73 -31.60 -47.13 20.43
C GLU B 73 -31.06 -48.31 21.24
N LEU B 74 -29.89 -48.78 20.85
CA LEU B 74 -29.16 -49.75 21.62
C LEU B 74 -28.47 -49.03 22.79
N GLY B 75 -28.69 -49.53 24.01
CA GLY B 75 -27.98 -49.11 25.20
C GLY B 75 -26.83 -50.04 25.54
N VAL B 76 -25.68 -49.45 25.85
CA VAL B 76 -24.49 -50.17 26.34
C VAL B 76 -24.29 -49.92 27.84
N VAL B 77 -24.48 -50.98 28.64
CA VAL B 77 -24.38 -50.93 30.10
C VAL B 77 -22.97 -51.27 30.56
N MET B 78 -22.38 -50.38 31.35
CA MET B 78 -21.02 -50.52 31.80
C MET B 78 -20.92 -51.46 33.02
N GLY B 79 -19.93 -52.35 32.97
CA GLY B 79 -19.70 -53.39 33.99
C GLY B 79 -18.57 -53.08 34.93
N LYS B 80 -17.75 -52.08 34.63
CA LYS B 80 -16.62 -51.69 35.46
C LYS B 80 -16.43 -50.18 35.33
N ARG B 81 -15.93 -49.54 36.39
CA ARG B 81 -15.57 -48.14 36.33
C ARG B 81 -14.64 -47.85 35.14
N CYS B 82 -14.99 -46.85 34.35
CA CYS B 82 -14.36 -46.62 33.02
C CYS B 82 -13.95 -45.15 32.92
N ARG B 83 -12.67 -44.91 33.17
CA ARG B 83 -12.07 -43.60 33.13
C ARG B 83 -10.98 -43.53 32.07
N ALA B 84 -11.21 -42.68 31.05
CA ALA B 84 -10.24 -42.35 29.99
C ALA B 84 -9.53 -43.59 29.39
N VAL B 85 -10.32 -44.52 28.89
CA VAL B 85 -9.77 -45.79 28.41
C VAL B 85 -9.53 -45.72 26.89
N PRO B 86 -8.52 -46.44 26.39
CA PRO B 86 -8.34 -46.54 24.92
C PRO B 86 -9.45 -47.37 24.25
N GLU B 87 -9.65 -47.12 22.95
CA GLU B 87 -10.62 -47.86 22.13
C GLU B 87 -10.35 -49.36 22.18
N ALA B 88 -9.08 -49.74 22.07
CA ALA B 88 -8.69 -51.16 22.08
C ALA B 88 -9.03 -51.92 23.38
N ALA B 89 -9.23 -51.21 24.49
CA ALA B 89 -9.60 -51.82 25.76
C ALA B 89 -11.08 -51.65 26.12
N ALA B 90 -11.86 -50.90 25.32
CA ALA B 90 -13.15 -50.34 25.79
C ALA B 90 -14.20 -51.41 26.03
N MET B 91 -14.25 -52.43 25.18
CA MET B 91 -15.15 -53.55 25.35
C MET B 91 -14.97 -54.34 26.65
N ASP B 92 -13.77 -54.37 27.20
CA ASP B 92 -13.53 -54.93 28.54
C ASP B 92 -14.37 -54.31 29.64
N TYR B 93 -14.82 -53.06 29.45
CA TYR B 93 -15.60 -52.31 30.45
C TYR B 93 -17.09 -52.48 30.32
N VAL B 94 -17.54 -53.17 29.27
CA VAL B 94 -18.96 -53.40 29.04
C VAL B 94 -19.44 -54.62 29.83
N GLY B 95 -20.60 -54.47 30.48
CA GLY B 95 -21.29 -55.52 31.23
C GLY B 95 -22.38 -56.17 30.41
N GLY B 96 -23.04 -55.39 29.58
CA GLY B 96 -24.07 -55.90 28.71
C GLY B 96 -24.83 -54.80 28.02
N TYR B 97 -26.08 -55.11 27.68
CA TYR B 97 -26.87 -54.28 26.79
C TYR B 97 -28.32 -54.19 27.20
N ALA B 98 -28.97 -53.14 26.71
CA ALA B 98 -30.40 -53.04 26.77
C ALA B 98 -30.92 -52.20 25.62
N LEU B 99 -32.16 -52.47 25.24
CA LEU B 99 -32.85 -51.67 24.24
C LEU B 99 -33.52 -50.51 24.93
N CYS B 100 -33.31 -49.30 24.43
CA CYS B 100 -33.90 -48.10 25.00
C CYS B 100 -34.69 -47.34 23.97
N LEU B 101 -35.63 -46.52 24.47
CA LEU B 101 -36.24 -45.49 23.69
C LEU B 101 -35.78 -44.15 24.27
N ASP B 102 -35.16 -43.32 23.44
CA ASP B 102 -34.85 -41.92 23.78
C ASP B 102 -36.06 -41.03 23.44
N MET B 103 -37.04 -41.01 24.34
CA MET B 103 -38.27 -40.26 24.14
C MET B 103 -37.88 -38.80 24.14
N THR B 104 -38.45 -38.05 23.18
CA THR B 104 -37.95 -36.71 22.85
C THR B 104 -39.13 -35.78 22.63
N ALA B 105 -39.20 -34.68 23.37
CA ALA B 105 -40.17 -33.63 23.04
C ALA B 105 -39.59 -32.77 21.91
N ARG B 106 -39.98 -33.08 20.68
CA ARG B 106 -39.37 -32.53 19.48
C ARG B 106 -39.62 -31.03 19.25
N ASP B 107 -40.83 -30.56 19.52
CA ASP B 107 -41.16 -29.12 19.53
C ASP B 107 -40.29 -28.31 20.52
N VAL B 108 -40.10 -28.86 21.72
CA VAL B 108 -39.21 -28.26 22.74
C VAL B 108 -37.76 -28.29 22.24
N GLN B 109 -37.33 -29.38 21.64
CA GLN B 109 -35.99 -29.46 21.09
C GLN B 109 -35.72 -28.42 20.02
N ASP B 110 -36.68 -28.20 19.13
CA ASP B 110 -36.54 -27.18 18.07
C ASP B 110 -36.32 -25.77 18.67
N GLU B 111 -37.05 -25.47 19.74
CA GLU B 111 -36.92 -24.16 20.40
C GLU B 111 -35.55 -24.03 21.09
N CYS B 112 -35.10 -25.10 21.76
CA CYS B 112 -33.78 -25.16 22.41
C CYS B 112 -32.62 -24.92 21.48
N LYS B 113 -32.64 -25.59 20.33
CA LYS B 113 -31.64 -25.39 19.29
C LYS B 113 -31.62 -23.94 18.81
N LYS B 114 -32.80 -23.38 18.57
CA LYS B 114 -32.97 -22.02 18.04
C LYS B 114 -32.43 -20.97 19.01
N LYS B 115 -32.69 -21.18 20.30
CA LYS B 115 -32.32 -20.24 21.34
C LYS B 115 -31.00 -20.53 22.02
N GLY B 116 -30.30 -21.59 21.59
CA GLY B 116 -29.03 -22.01 22.23
C GLY B 116 -29.19 -22.37 23.70
N LEU B 117 -30.24 -23.11 24.02
CA LEU B 117 -30.54 -23.49 25.40
C LEU B 117 -30.17 -24.97 25.58
N PRO B 118 -30.07 -25.42 26.85
CA PRO B 118 -29.88 -26.83 27.07
C PRO B 118 -31.02 -27.67 26.55
N TRP B 119 -30.69 -28.92 26.22
CA TRP B 119 -31.66 -29.85 25.68
C TRP B 119 -32.46 -30.56 26.76
N THR B 120 -32.23 -30.24 28.04
CA THR B 120 -32.93 -30.85 29.16
C THR B 120 -34.44 -31.11 29.12
N LEU B 121 -35.29 -30.10 28.87
CA LEU B 121 -36.73 -30.34 28.81
C LEU B 121 -37.13 -31.17 27.58
N ALA B 122 -36.32 -31.16 26.56
CA ALA B 122 -36.59 -31.94 25.35
C ALA B 122 -36.24 -33.41 25.52
N LYS B 123 -35.23 -33.70 26.33
CA LYS B 123 -34.62 -35.02 26.34
C LYS B 123 -34.52 -35.72 27.68
N SER B 124 -34.76 -35.03 28.79
CA SER B 124 -34.22 -35.50 30.07
C SER B 124 -35.25 -35.55 31.18
N PHE B 125 -36.50 -35.64 30.79
CA PHE B 125 -37.64 -35.64 31.71
C PHE B 125 -37.89 -37.06 32.27
N THR B 126 -38.70 -37.11 33.32
CA THR B 126 -39.18 -38.32 33.97
C THR B 126 -39.78 -39.30 32.96
N ALA B 127 -39.31 -40.55 33.02
CA ALA B 127 -39.78 -41.61 32.12
C ALA B 127 -39.44 -41.38 30.63
N SER B 128 -38.39 -40.59 30.34
CA SER B 128 -37.91 -40.37 28.97
C SER B 128 -36.96 -41.46 28.43
N CYS B 129 -36.66 -42.47 29.27
CA CYS B 129 -35.81 -43.63 28.89
C CYS B 129 -36.47 -44.98 29.26
N PRO B 130 -37.52 -45.35 28.51
CA PRO B 130 -38.00 -46.74 28.51
C PRO B 130 -36.85 -47.68 28.19
N VAL B 131 -36.78 -48.78 28.96
CA VAL B 131 -35.63 -49.68 28.93
C VAL B 131 -36.08 -51.13 29.05
N SER B 132 -35.50 -51.99 28.22
CA SER B 132 -35.78 -53.43 28.23
C SER B 132 -35.08 -54.15 29.40
N ALA B 133 -35.32 -55.48 29.49
CA ALA B 133 -34.45 -56.33 30.27
C ALA B 133 -32.97 -56.23 29.85
N PHE B 134 -32.09 -56.40 30.85
CA PHE B 134 -30.67 -56.45 30.63
C PHE B 134 -30.31 -57.70 29.82
N VAL B 135 -29.50 -57.49 28.78
CA VAL B 135 -28.91 -58.58 28.01
C VAL B 135 -27.43 -58.69 28.33
N PRO B 136 -27.02 -59.80 29.00
CA PRO B 136 -25.60 -59.97 29.30
C PRO B 136 -24.72 -59.95 28.07
N LYS B 137 -23.50 -59.42 28.23
CA LYS B 137 -22.54 -59.29 27.14
C LYS B 137 -22.26 -60.61 26.39
N GLU B 138 -22.25 -61.74 27.12
CA GLU B 138 -21.98 -63.05 26.50
C GLU B 138 -23.00 -63.41 25.41
N LYS B 139 -24.22 -62.88 25.48
CA LYS B 139 -25.22 -63.11 24.42
C LYS B 139 -25.06 -62.25 23.17
N ILE B 140 -24.17 -61.25 23.20
CA ILE B 140 -23.95 -60.34 22.08
C ILE B 140 -22.43 -60.27 21.86
N PRO B 141 -21.87 -61.23 21.09
CA PRO B 141 -20.46 -61.18 20.72
C PRO B 141 -20.10 -60.00 19.80
N ASP B 142 -21.03 -59.57 18.95
CA ASP B 142 -20.84 -58.39 18.12
C ASP B 142 -22.07 -57.47 18.16
N PRO B 143 -21.99 -56.40 18.95
CA PRO B 143 -23.09 -55.44 19.00
C PRO B 143 -23.32 -54.63 17.73
N HIS B 144 -22.39 -54.65 16.76
CA HIS B 144 -22.56 -54.02 15.45
C HIS B 144 -23.13 -54.98 14.40
N LYS B 145 -23.74 -56.08 14.82
CA LYS B 145 -24.47 -56.95 13.91
C LYS B 145 -25.90 -57.23 14.41
N LEU B 146 -26.54 -56.22 14.99
CA LEU B 146 -27.88 -56.38 15.53
C LEU B 146 -28.90 -55.69 14.65
N LYS B 147 -30.12 -56.23 14.66
CA LYS B 147 -31.24 -55.56 14.02
C LYS B 147 -32.24 -55.12 15.07
N LEU B 148 -32.59 -53.84 15.01
CA LEU B 148 -33.54 -53.23 15.92
C LEU B 148 -34.85 -52.96 15.20
N TRP B 149 -35.98 -53.12 15.91
CA TRP B 149 -37.30 -52.78 15.38
C TRP B 149 -38.23 -52.12 16.42
N LEU B 150 -39.19 -51.36 15.92
CA LEU B 150 -40.15 -50.68 16.76
C LEU B 150 -41.47 -50.58 16.05
N LYS B 151 -42.55 -50.92 16.76
CA LYS B 151 -43.94 -50.80 16.29
C LYS B 151 -44.74 -49.84 17.17
N VAL B 152 -45.63 -49.09 16.54
CA VAL B 152 -46.64 -48.31 17.24
C VAL B 152 -48.04 -48.83 16.90
N ASN B 153 -48.79 -49.25 17.91
CA ASN B 153 -50.11 -49.88 17.70
C ASN B 153 -50.05 -51.02 16.62
N GLY B 154 -49.03 -51.87 16.71
CA GLY B 154 -48.86 -52.99 15.78
C GLY B 154 -48.21 -52.68 14.41
N GLU B 155 -48.03 -51.40 14.07
CA GLU B 155 -47.43 -51.02 12.81
C GLU B 155 -45.97 -50.69 12.92
N LEU B 156 -45.15 -51.33 12.09
CA LEU B 156 -43.70 -51.07 12.07
C LEU B 156 -43.42 -49.62 11.65
N ARG B 157 -42.62 -48.94 12.47
CA ARG B 157 -42.25 -47.51 12.26
C ARG B 157 -40.74 -47.25 12.17
N GLN B 158 -39.94 -48.03 12.91
CA GLN B 158 -38.49 -47.89 12.87
C GLN B 158 -37.86 -49.25 12.81
N GLU B 159 -36.82 -49.33 12.00
CA GLU B 159 -35.94 -50.46 11.94
C GLU B 159 -34.56 -49.96 11.70
N GLY B 160 -33.57 -50.66 12.23
CA GLY B 160 -32.19 -50.26 12.05
C GLY B 160 -31.23 -51.38 12.26
N GLU B 161 -30.05 -51.20 11.67
CA GLU B 161 -28.96 -52.16 11.75
C GLU B 161 -27.86 -51.43 12.45
N THR B 162 -27.35 -52.01 13.54
CA THR B 162 -26.26 -51.42 14.31
C THR B 162 -24.92 -51.35 13.55
N SER B 163 -24.80 -52.12 12.45
CA SER B 163 -23.70 -51.94 11.52
C SER B 163 -23.63 -50.56 10.88
N SER B 164 -24.76 -49.82 10.84
CA SER B 164 -24.80 -48.47 10.28
C SER B 164 -24.30 -47.35 11.18
N MET B 165 -23.89 -47.64 12.43
CA MET B 165 -23.39 -46.60 13.34
C MET B 165 -22.16 -45.89 12.77
N ILE B 166 -22.17 -44.56 12.81
CA ILE B 166 -21.08 -43.77 12.27
C ILE B 166 -19.83 -43.88 13.19
N PHE B 167 -20.08 -43.74 14.48
CA PHE B 167 -19.07 -44.00 15.51
C PHE B 167 -19.35 -45.31 16.17
N SER B 168 -18.34 -46.17 16.25
CA SER B 168 -18.48 -47.53 16.82
C SER B 168 -18.62 -47.43 18.34
N ILE B 169 -19.12 -48.51 18.93
CA ILE B 169 -19.26 -48.65 20.37
C ILE B 169 -17.92 -48.51 21.11
N PRO B 170 -16.84 -49.21 20.64
CA PRO B 170 -15.56 -48.95 21.32
C PRO B 170 -15.07 -47.49 21.26
N TYR B 171 -15.33 -46.81 20.13
CA TYR B 171 -15.02 -45.38 20.00
C TYR B 171 -15.82 -44.52 20.96
N ILE B 172 -17.14 -44.76 21.02
CA ILE B 172 -18.04 -44.01 21.91
C ILE B 172 -17.60 -44.16 23.36
N ILE B 173 -17.36 -45.38 23.81
CA ILE B 173 -16.95 -45.64 25.20
C ILE B 173 -15.69 -44.89 25.53
N SER B 174 -14.67 -45.03 24.68
CA SER B 174 -13.40 -44.35 24.86
C SER B 174 -13.55 -42.80 24.90
N TYR B 175 -14.26 -42.27 23.90
CA TYR B 175 -14.59 -40.85 23.83
C TYR B 175 -15.31 -40.28 25.06
N VAL B 176 -16.42 -40.94 25.46
CA VAL B 176 -17.19 -40.53 26.64
C VAL B 176 -16.34 -40.63 27.90
N SER B 177 -15.61 -41.74 28.07
CA SER B 177 -14.77 -41.96 29.27
C SER B 177 -13.69 -40.92 29.53
N LYS B 178 -13.18 -40.31 28.45
CA LYS B 178 -12.20 -39.23 28.53
C LYS B 178 -12.83 -37.90 28.96
N ILE B 179 -14.13 -37.74 28.77
CA ILE B 179 -14.85 -36.53 29.16
C ILE B 179 -15.54 -36.72 30.51
N ILE B 180 -16.24 -37.84 30.65
CA ILE B 180 -17.10 -38.18 31.81
C ILE B 180 -16.70 -39.60 32.25
N THR B 181 -16.15 -39.75 33.45
CA THR B 181 -15.95 -41.06 34.00
C THR B 181 -17.29 -41.81 34.12
N LEU B 182 -17.30 -43.06 33.69
CA LEU B 182 -18.47 -43.92 33.70
C LEU B 182 -18.33 -44.89 34.87
N GLU B 183 -19.38 -45.01 35.67
CA GLU B 183 -19.43 -45.97 36.77
C GLU B 183 -20.07 -47.26 36.28
N GLU B 184 -19.79 -48.35 36.98
CA GLU B 184 -20.62 -49.58 36.87
C GLU B 184 -22.12 -49.23 36.92
N GLY B 185 -22.86 -49.73 35.93
CA GLY B 185 -24.29 -49.50 35.81
C GLY B 185 -24.77 -48.24 35.09
N ASP B 186 -23.85 -47.36 34.72
CA ASP B 186 -24.09 -46.32 33.74
C ASP B 186 -24.38 -46.95 32.37
N ILE B 187 -25.30 -46.32 31.62
CA ILE B 187 -25.63 -46.73 30.26
C ILE B 187 -25.20 -45.62 29.28
N ILE B 188 -24.82 -46.03 28.06
CA ILE B 188 -24.63 -45.13 26.94
C ILE B 188 -25.66 -45.53 25.86
N LEU B 189 -26.53 -44.60 25.50
CA LEU B 189 -27.47 -44.80 24.39
C LEU B 189 -26.74 -44.40 23.12
N THR B 190 -26.78 -45.27 22.09
CA THR B 190 -25.88 -45.11 20.94
C THR B 190 -26.49 -44.46 19.69
N GLY B 191 -27.69 -43.88 19.82
CA GLY B 191 -28.34 -43.10 18.78
C GLY B 191 -29.42 -43.90 18.05
N THR B 192 -30.26 -43.18 17.30
CA THR B 192 -31.43 -43.77 16.64
C THR B 192 -31.23 -43.86 15.15
N PRO B 193 -31.71 -44.95 14.54
CA PRO B 193 -31.81 -44.95 13.07
C PRO B 193 -32.97 -44.07 12.58
N LYS B 194 -33.14 -43.99 11.27
CA LYS B 194 -34.23 -43.22 10.71
C LYS B 194 -35.61 -43.75 11.17
N GLY B 195 -36.63 -42.92 10.98
CA GLY B 195 -38.02 -43.27 11.19
C GLY B 195 -38.60 -42.73 12.49
N VAL B 196 -37.98 -41.73 13.11
CA VAL B 196 -38.56 -41.11 14.32
C VAL B 196 -39.90 -40.46 14.01
N GLY B 197 -40.78 -40.44 15.01
CA GLY B 197 -42.13 -39.94 14.77
C GLY B 197 -42.91 -39.85 16.04
N PRO B 198 -44.07 -39.17 15.99
CA PRO B 198 -44.83 -38.87 17.20
C PRO B 198 -45.63 -40.05 17.74
N VAL B 199 -45.87 -40.00 19.04
CA VAL B 199 -46.83 -40.87 19.69
C VAL B 199 -47.86 -40.05 20.46
N LYS B 200 -49.02 -40.63 20.70
CA LYS B 200 -50.06 -39.97 21.48
C LYS B 200 -50.46 -40.82 22.63
N GLU B 201 -51.26 -40.22 23.52
CA GLU B 201 -51.76 -40.91 24.70
C GLU B 201 -52.50 -42.18 24.28
N ASN B 202 -52.20 -43.25 25.03
CA ASN B 202 -52.73 -44.59 24.85
C ASN B 202 -52.15 -45.41 23.70
N ASP B 203 -51.17 -44.88 22.95
CA ASP B 203 -50.42 -45.71 22.00
C ASP B 203 -49.65 -46.81 22.73
N GLU B 204 -49.56 -47.97 22.09
CA GLU B 204 -48.76 -49.06 22.55
C GLU B 204 -47.50 -49.14 21.68
N ILE B 205 -46.34 -49.02 22.32
CA ILE B 205 -45.07 -49.19 21.63
C ILE B 205 -44.48 -50.55 21.95
N GLU B 206 -44.15 -51.31 20.90
CA GLU B 206 -43.45 -52.55 21.04
C GLU B 206 -42.13 -52.40 20.32
N ALA B 207 -41.07 -52.90 20.91
CA ALA B 207 -39.75 -52.77 20.29
C ALA B 207 -38.86 -53.92 20.70
N GLY B 208 -37.85 -54.19 19.88
CA GLY B 208 -36.96 -55.29 20.15
C GLY B 208 -35.65 -55.27 19.41
N ILE B 209 -34.77 -56.16 19.86
CA ILE B 209 -33.57 -56.55 19.15
C ILE B 209 -33.87 -57.94 18.63
N HIS B 210 -33.83 -58.12 17.33
CA HIS B 210 -34.13 -59.42 16.70
C HIS B 210 -33.33 -60.54 17.34
N GLY B 211 -34.05 -61.55 17.81
CA GLY B 211 -33.46 -62.74 18.40
C GLY B 211 -33.02 -62.65 19.84
N LEU B 212 -33.15 -61.48 20.49
CA LEU B 212 -32.57 -61.24 21.84
C LEU B 212 -33.53 -60.71 22.90
N VAL B 213 -34.35 -59.72 22.56
CA VAL B 213 -35.21 -59.07 23.52
C VAL B 213 -36.36 -58.34 22.84
N SER B 214 -37.49 -58.25 23.52
CA SER B 214 -38.52 -57.29 23.15
C SER B 214 -39.14 -56.67 24.40
N MET B 215 -39.92 -55.61 24.18
CA MET B 215 -40.55 -54.87 25.24
C MET B 215 -41.79 -54.16 24.74
N THR B 216 -42.74 -53.93 25.64
CA THR B 216 -43.97 -53.19 25.36
C THR B 216 -44.18 -52.10 26.39
N PHE B 217 -44.58 -50.91 25.91
CA PHE B 217 -44.83 -49.73 26.72
C PHE B 217 -46.12 -49.06 26.27
N LYS B 218 -46.91 -48.60 27.24
CA LYS B 218 -48.06 -47.76 26.97
C LYS B 218 -47.70 -46.29 27.21
N VAL B 219 -48.15 -45.43 26.29
CA VAL B 219 -48.02 -43.98 26.45
C VAL B 219 -49.18 -43.43 27.30
N GLU B 220 -48.83 -42.79 28.41
CA GLU B 220 -49.78 -42.26 29.36
C GLU B 220 -49.43 -40.83 29.74
N LYS B 221 -50.39 -40.16 30.39
CA LYS B 221 -50.15 -38.86 31.01
C LYS B 221 -50.08 -39.06 32.53
N PRO B 222 -49.27 -38.25 33.24
CA PRO B 222 -49.24 -38.39 34.69
C PRO B 222 -50.41 -37.66 35.32
N PRO C 9 -5.47 10.94 9.89
CA PRO C 9 -4.43 10.79 8.83
C PRO C 9 -4.02 12.10 8.11
N LEU C 10 -4.87 13.12 8.30
CA LEU C 10 -4.72 14.38 7.59
C LEU C 10 -3.41 15.09 7.92
N SER C 11 -2.82 14.82 9.09
CA SER C 11 -1.50 15.38 9.45
C SER C 11 -0.37 15.00 8.47
N ARG C 12 -0.58 13.92 7.71
CA ARG C 12 0.33 13.47 6.68
C ARG C 12 -0.35 13.37 5.31
N PHE C 13 -1.26 14.30 5.00
CA PHE C 13 -2.10 14.21 3.79
C PHE C 13 -1.32 14.11 2.48
N TRP C 14 -0.15 14.76 2.41
CA TRP C 14 0.70 14.75 1.21
C TRP C 14 1.23 13.35 0.85
N GLU C 15 1.32 12.46 1.86
CA GLU C 15 1.78 11.09 1.65
C GLU C 15 0.77 10.21 0.95
N TRP C 16 -0.52 10.43 1.16
CA TRP C 16 -1.55 9.57 0.59
C TRP C 16 -2.56 10.27 -0.31
N GLY C 17 -2.66 11.61 -0.22
CA GLY C 17 -3.59 12.34 -1.05
C GLY C 17 -3.34 12.23 -2.55
N LYS C 18 -4.43 12.11 -3.31
CA LYS C 18 -4.36 11.83 -4.75
C LYS C 18 -4.21 13.04 -5.65
N ASN C 19 -4.94 14.12 -5.35
CA ASN C 19 -5.11 15.23 -6.29
C ASN C 19 -4.79 16.59 -5.68
N ILE C 20 -4.20 17.45 -6.50
CA ILE C 20 -3.92 18.85 -6.21
C ILE C 20 -4.62 19.69 -7.30
N VAL C 21 -5.50 20.58 -6.87
CA VAL C 21 -6.21 21.54 -7.72
C VAL C 21 -5.78 22.95 -7.36
N CYS C 22 -5.48 23.76 -8.36
CA CYS C 22 -4.94 25.11 -8.13
C CYS C 22 -5.82 26.16 -8.80
N VAL C 23 -6.05 27.25 -8.07
CA VAL C 23 -6.78 28.41 -8.56
C VAL C 23 -5.83 29.46 -9.12
N GLY C 24 -6.17 30.01 -10.27
CA GLY C 24 -5.42 31.12 -10.83
C GLY C 24 -6.23 32.41 -10.80
N ARG C 25 -5.53 33.53 -10.70
CA ARG C 25 -6.11 34.87 -10.79
C ARG C 25 -7.10 35.21 -9.67
N ASN C 26 -6.67 34.94 -8.43
CA ASN C 26 -7.52 35.17 -7.28
C ASN C 26 -7.12 36.39 -6.43
N TYR C 27 -6.07 37.10 -6.77
CA TYR C 27 -5.65 38.32 -6.05
C TYR C 27 -5.49 39.40 -7.09
N ALA C 28 -6.24 40.50 -6.95
CA ALA C 28 -6.26 41.54 -8.01
C ALA C 28 -4.88 42.11 -8.33
N ASP C 29 -4.05 42.29 -7.32
CA ASP C 29 -2.70 42.82 -7.51
C ASP C 29 -1.74 41.84 -8.19
N HIS C 30 -1.96 40.54 -8.02
CA HIS C 30 -1.20 39.56 -8.82
C HIS C 30 -1.65 39.59 -10.28
N VAL C 31 -2.95 39.66 -10.50
CA VAL C 31 -3.49 39.77 -11.86
C VAL C 31 -2.87 40.97 -12.60
N ARG C 32 -2.75 42.10 -11.91
CA ARG C 32 -2.15 43.31 -12.48
C ARG C 32 -0.68 43.12 -12.85
N GLU C 33 0.13 42.55 -11.93
CA GLU C 33 1.54 42.31 -12.22
C GLU C 33 1.74 41.30 -13.39
N MET C 34 0.83 40.36 -13.55
CA MET C 34 0.86 39.41 -14.71
C MET C 34 0.32 40.00 -16.01
N ARG C 35 -0.27 41.20 -15.92
CA ARG C 35 -1.00 41.86 -16.99
C ARG C 35 -2.12 41.01 -17.60
N SER C 36 -2.81 40.22 -16.76
CA SER C 36 -4.01 39.50 -17.21
C SER C 36 -5.25 40.30 -16.80
N ALA C 37 -6.42 39.67 -16.99
CA ALA C 37 -7.70 40.19 -16.52
C ALA C 37 -8.43 39.12 -15.73
N VAL C 38 -9.19 39.54 -14.71
CA VAL C 38 -9.97 38.60 -13.92
C VAL C 38 -11.18 38.14 -14.71
N LEU C 39 -11.40 36.81 -14.74
CA LEU C 39 -12.56 36.26 -15.46
C LEU C 39 -13.73 36.22 -14.48
N SER C 40 -14.89 35.74 -14.93
CA SER C 40 -16.04 35.61 -14.04
C SER C 40 -15.95 34.37 -13.15
N GLU C 41 -15.06 33.45 -13.46
CA GLU C 41 -14.84 32.24 -12.66
C GLU C 41 -13.35 32.00 -12.49
N PRO C 42 -12.97 31.32 -11.38
CA PRO C 42 -11.55 31.07 -11.18
C PRO C 42 -10.98 30.17 -12.28
N VAL C 43 -9.78 30.45 -12.73
CA VAL C 43 -8.98 29.55 -13.56
C VAL C 43 -8.54 28.35 -12.72
N LEU C 44 -8.66 27.12 -13.26
CA LEU C 44 -8.21 25.91 -12.56
C LEU C 44 -7.14 25.13 -13.31
N PHE C 45 -6.11 24.68 -12.60
CA PHE C 45 -5.17 23.72 -13.19
C PHE C 45 -4.80 22.68 -12.14
N LEU C 46 -4.13 21.60 -12.56
CA LEU C 46 -3.82 20.48 -11.73
C LEU C 46 -2.34 20.24 -11.57
N LYS C 47 -1.99 19.68 -10.42
CA LYS C 47 -0.66 19.16 -10.18
C LYS C 47 -0.82 17.69 -9.80
N PRO C 48 0.18 16.85 -10.18
CA PRO C 48 0.14 15.47 -9.78
C PRO C 48 0.53 15.33 -8.29
N SER C 49 0.17 14.22 -7.66
CA SER C 49 0.57 13.94 -6.23
C SER C 49 2.09 14.05 -5.98
N THR C 50 2.89 13.71 -6.99
CA THR C 50 4.34 13.84 -6.88
C THR C 50 4.89 15.26 -7.00
N ALA C 51 4.03 16.27 -7.24
CA ALA C 51 4.40 17.68 -7.04
C ALA C 51 4.67 18.00 -5.56
N TYR C 52 4.05 17.26 -4.64
CA TYR C 52 4.24 17.53 -3.19
C TYR C 52 5.70 17.39 -2.75
N ALA C 53 6.19 18.40 -2.05
CA ALA C 53 7.51 18.36 -1.43
C ALA C 53 7.28 18.79 0.03
N PRO C 54 7.16 17.81 0.93
CA PRO C 54 7.00 18.19 2.33
C PRO C 54 8.31 18.71 2.92
N GLU C 55 8.24 19.35 4.09
CA GLU C 55 9.46 19.85 4.71
C GLU C 55 10.49 18.74 4.87
N GLY C 56 11.74 19.08 4.53
CA GLY C 56 12.84 18.12 4.48
C GLY C 56 13.16 17.63 3.08
N SER C 57 12.25 17.88 2.12
CA SER C 57 12.47 17.57 0.71
C SER C 57 12.81 18.86 -0.03
N PRO C 58 13.63 18.78 -1.09
CA PRO C 58 14.00 19.97 -1.84
C PRO C 58 12.93 20.45 -2.80
N ILE C 59 12.96 21.74 -3.10
CA ILE C 59 12.35 22.29 -4.30
C ILE C 59 13.33 21.88 -5.41
N LEU C 60 12.84 21.22 -6.46
CA LEU C 60 13.67 20.77 -7.57
C LEU C 60 13.41 21.64 -8.81
N MET C 61 14.47 22.27 -9.31
CA MET C 61 14.38 23.14 -10.49
C MET C 61 14.36 22.24 -11.75
N PRO C 62 13.35 22.39 -12.62
CA PRO C 62 13.43 21.60 -13.89
C PRO C 62 14.55 22.11 -14.80
N ALA C 63 15.14 21.21 -15.58
CA ALA C 63 16.26 21.54 -16.45
C ALA C 63 15.86 22.46 -17.61
N TYR C 64 14.58 22.52 -17.93
CA TYR C 64 14.05 23.26 -19.06
C TYR C 64 13.62 24.70 -18.75
N THR C 65 13.81 25.17 -17.51
CA THR C 65 13.43 26.54 -17.11
C THR C 65 14.68 27.32 -16.73
N ARG C 66 14.66 28.62 -17.04
CA ARG C 66 15.65 29.59 -16.58
C ARG C 66 14.96 30.70 -15.78
N ASN C 67 13.70 30.46 -15.38
CA ASN C 67 12.88 31.46 -14.68
C ASN C 67 11.84 30.75 -13.82
N LEU C 68 12.32 30.15 -12.74
CA LEU C 68 11.47 29.40 -11.79
C LEU C 68 11.00 30.37 -10.75
N HIS C 69 9.68 30.52 -10.64
CA HIS C 69 9.08 31.50 -9.73
C HIS C 69 8.52 30.85 -8.49
N HIS C 70 8.63 31.56 -7.37
CA HIS C 70 7.85 31.25 -6.18
C HIS C 70 6.44 31.87 -6.28
N GLU C 71 5.45 31.18 -5.72
CA GLU C 71 4.08 31.65 -5.52
C GLU C 71 3.57 31.17 -4.18
N LEU C 72 3.22 32.10 -3.32
CA LEU C 72 2.80 31.83 -1.94
C LEU C 72 1.29 31.65 -1.87
N GLU C 73 0.81 30.49 -1.42
CA GLU C 73 -0.66 30.21 -1.45
C GLU C 73 -1.17 29.43 -0.26
N LEU C 74 -2.39 29.77 0.14
CA LEU C 74 -3.10 28.98 1.13
C LEU C 74 -3.68 27.77 0.44
N GLY C 75 -3.39 26.58 0.97
CA GLY C 75 -4.02 25.33 0.58
C GLY C 75 -5.18 24.96 1.49
N VAL C 76 -6.28 24.54 0.89
CA VAL C 76 -7.47 23.99 1.58
C VAL C 76 -7.55 22.47 1.39
N VAL C 77 -7.34 21.74 2.49
CA VAL C 77 -7.35 20.27 2.51
C VAL C 77 -8.76 19.75 2.82
N MET C 78 -9.26 18.88 1.94
CA MET C 78 -10.57 18.30 2.09
C MET C 78 -10.61 17.14 3.09
N GLY C 79 -11.64 17.16 3.95
CA GLY C 79 -11.83 16.18 5.03
C GLY C 79 -12.84 15.09 4.70
N LYS C 80 -13.66 15.29 3.67
CA LYS C 80 -14.60 14.25 3.24
C LYS C 80 -14.87 14.41 1.74
N ARG C 81 -15.26 13.32 1.09
CA ARG C 81 -15.58 13.32 -0.32
C ARG C 81 -16.60 14.43 -0.67
N CYS C 82 -16.25 15.23 -1.67
CA CYS C 82 -16.97 16.48 -2.00
C CYS C 82 -17.34 16.51 -3.47
N ARG C 83 -18.58 16.15 -3.75
CA ARG C 83 -19.12 16.11 -5.12
C ARG C 83 -20.25 17.11 -5.29
N ALA C 84 -20.04 18.10 -6.16
CA ALA C 84 -21.07 19.08 -6.58
C ALA C 84 -21.86 19.68 -5.42
N VAL C 85 -21.16 20.27 -4.46
CA VAL C 85 -21.81 20.77 -3.26
C VAL C 85 -22.13 22.26 -3.41
N PRO C 86 -23.22 22.73 -2.79
CA PRO C 86 -23.49 24.19 -2.77
C PRO C 86 -22.49 24.95 -1.92
N GLU C 87 -22.36 26.26 -2.19
CA GLU C 87 -21.49 27.17 -1.43
C GLU C 87 -21.81 27.13 0.04
N ALA C 88 -23.11 27.18 0.37
CA ALA C 88 -23.58 27.17 1.75
C ALA C 88 -23.18 25.93 2.57
N ALA C 89 -22.86 24.81 1.92
CA ALA C 89 -22.43 23.59 2.60
C ALA C 89 -20.91 23.36 2.52
N ALA C 90 -20.17 24.17 1.77
CA ALA C 90 -18.82 23.78 1.29
C ALA C 90 -17.79 23.66 2.43
N MET C 91 -17.85 24.56 3.42
CA MET C 91 -16.96 24.48 4.57
C MET C 91 -17.11 23.21 5.42
N ASP C 92 -18.29 22.57 5.41
CA ASP C 92 -18.46 21.28 6.05
C ASP C 92 -17.50 20.19 5.51
N TYR C 93 -17.02 20.36 4.27
CA TYR C 93 -16.16 19.37 3.61
C TYR C 93 -14.66 19.60 3.84
N VAL C 94 -14.31 20.72 4.47
CA VAL C 94 -12.93 21.06 4.74
C VAL C 94 -12.42 20.38 6.01
N GLY C 95 -11.23 19.81 5.93
CA GLY C 95 -10.54 19.18 7.07
C GLY C 95 -9.53 20.12 7.71
N GLY C 96 -8.89 20.93 6.90
CA GLY C 96 -7.93 21.90 7.39
C GLY C 96 -7.17 22.56 6.29
N TYR C 97 -5.95 22.99 6.61
CA TYR C 97 -5.19 23.88 5.76
C TYR C 97 -3.72 23.56 5.75
N ALA C 98 -3.05 24.04 4.70
CA ALA C 98 -1.61 24.07 4.65
C ALA C 98 -1.14 25.20 3.76
N LEU C 99 0.07 25.67 4.03
CA LEU C 99 0.71 26.68 3.24
C LEU C 99 1.46 25.99 2.12
N CYS C 100 1.25 26.44 0.88
CA CYS C 100 1.94 25.89 -0.26
C CYS C 100 2.65 26.91 -1.05
N LEU C 101 3.63 26.44 -1.83
CA LEU C 101 4.23 27.24 -2.89
C LEU C 101 3.83 26.58 -4.21
N ASP C 102 3.19 27.34 -5.07
CA ASP C 102 2.93 26.93 -6.47
C ASP C 102 4.14 27.32 -7.34
N MET C 103 5.19 26.49 -7.30
CA MET C 103 6.41 26.74 -8.03
C MET C 103 6.05 26.67 -9.50
N THR C 104 6.57 27.62 -10.27
CA THR C 104 6.09 27.88 -11.65
C THR C 104 7.26 28.15 -12.56
N ALA C 105 7.38 27.39 -13.63
CA ALA C 105 8.36 27.75 -14.68
C ALA C 105 7.71 28.82 -15.58
N ARG C 106 8.02 30.09 -15.30
CA ARG C 106 7.31 31.22 -15.87
C ARG C 106 7.57 31.41 -17.39
N ASP C 107 8.81 31.20 -17.84
CA ASP C 107 9.17 31.17 -19.25
C ASP C 107 8.37 30.12 -20.05
N VAL C 108 8.27 28.92 -19.49
CA VAL C 108 7.46 27.84 -20.08
C VAL C 108 5.98 28.21 -20.09
N GLN C 109 5.49 28.82 -19.00
CA GLN C 109 4.09 29.25 -18.96
C GLN C 109 3.75 30.27 -20.01
N ASP C 110 4.65 31.23 -20.25
CA ASP C 110 4.42 32.26 -21.28
C ASP C 110 4.27 31.62 -22.67
N GLU C 111 5.08 30.61 -22.95
CA GLU C 111 5.01 29.92 -24.25
C GLU C 111 3.69 29.15 -24.38
N CYS C 112 3.32 28.43 -23.32
CA CYS C 112 2.04 27.68 -23.25
C CYS C 112 0.80 28.52 -23.50
N LYS C 113 0.73 29.66 -22.84
CA LYS C 113 -0.36 30.61 -23.07
C LYS C 113 -0.42 31.08 -24.52
N LYS C 114 0.75 31.41 -25.08
CA LYS C 114 0.87 31.94 -26.44
C LYS C 114 0.43 30.92 -27.48
N LYS C 115 0.80 29.65 -27.25
CA LYS C 115 0.53 28.57 -28.20
C LYS C 115 -0.76 27.80 -27.90
N GLY C 116 -1.49 28.18 -26.84
CA GLY C 116 -2.69 27.46 -26.42
C GLY C 116 -2.44 26.00 -26.05
N LEU C 117 -1.37 25.77 -25.31
CA LEU C 117 -0.95 24.43 -24.88
C LEU C 117 -1.31 24.24 -23.42
N PRO C 118 -1.33 22.98 -22.94
CA PRO C 118 -1.55 22.77 -21.52
C PRO C 118 -0.44 23.39 -20.68
N TRP C 119 -0.81 23.72 -19.45
CA TRP C 119 0.11 24.39 -18.54
C TRP C 119 0.98 23.40 -17.76
N THR C 120 0.86 22.10 -18.06
CA THR C 120 1.65 21.05 -17.40
C THR C 120 3.13 21.23 -17.12
N LEU C 121 3.97 21.51 -18.13
CA LEU C 121 5.40 21.67 -17.87
C LEU C 121 5.70 22.95 -17.06
N ALA C 122 4.80 23.91 -17.12
CA ALA C 122 4.98 25.14 -16.38
C ALA C 122 4.62 24.99 -14.91
N LYS C 123 3.67 24.13 -14.60
CA LYS C 123 3.04 24.11 -13.29
C LYS C 123 3.03 22.78 -12.55
N SER C 124 3.37 21.67 -13.19
CA SER C 124 2.88 20.37 -12.69
C SER C 124 4.00 19.35 -12.58
N PHE C 125 5.22 19.83 -12.47
CA PHE C 125 6.42 19.01 -12.42
C PHE C 125 6.66 18.51 -10.97
N THR C 126 7.57 17.52 -10.87
CA THR C 126 8.00 16.94 -9.58
C THR C 126 8.52 18.03 -8.64
N ALA C 127 8.04 17.99 -7.40
CA ALA C 127 8.43 18.93 -6.35
C ALA C 127 7.98 20.39 -6.66
N SER C 128 6.93 20.58 -7.48
CA SER C 128 6.36 21.90 -7.76
C SER C 128 5.35 22.40 -6.70
N CYS C 129 5.10 21.59 -5.66
CA CYS C 129 4.20 21.95 -4.54
C CYS C 129 4.85 21.68 -3.15
N PRO C 130 5.83 22.51 -2.79
CA PRO C 130 6.26 22.58 -1.40
C PRO C 130 5.07 22.85 -0.48
N VAL C 131 5.00 22.13 0.64
CA VAL C 131 3.83 22.11 1.50
C VAL C 131 4.24 22.06 2.99
N SER C 132 3.57 22.89 3.79
CA SER C 132 3.79 22.94 5.24
C SER C 132 3.15 21.78 5.98
N ALA C 133 3.36 21.75 7.31
CA ALA C 133 2.50 20.96 8.20
C ALA C 133 1.00 21.30 8.03
N PHE C 134 0.18 20.28 8.24
CA PHE C 134 -1.26 20.40 8.26
C PHE C 134 -1.70 21.25 9.44
N VAL C 135 -2.56 22.22 9.16
CA VAL C 135 -3.24 23.00 10.19
C VAL C 135 -4.71 22.59 10.28
N PRO C 136 -5.10 21.95 11.39
CA PRO C 136 -6.53 21.58 11.55
C PRO C 136 -7.46 22.76 11.44
N LYS C 137 -8.65 22.50 10.88
CA LYS C 137 -9.67 23.53 10.66
C LYS C 137 -10.03 24.32 11.93
N GLU C 138 -10.05 23.64 13.09
CA GLU C 138 -10.40 24.30 14.37
C GLU C 138 -9.47 25.46 14.71
N LYS C 139 -8.22 25.43 14.24
CA LYS C 139 -7.28 26.54 14.46
C LYS C 139 -7.45 27.73 13.51
N ILE C 140 -8.30 27.61 12.50
CA ILE C 140 -8.55 28.68 11.53
C ILE C 140 -10.08 28.82 11.40
N PRO C 141 -10.69 29.61 12.32
CA PRO C 141 -12.13 29.89 12.23
C PRO C 141 -12.51 30.74 11.01
N ASP C 142 -11.60 31.62 10.58
CA ASP C 142 -11.78 32.38 9.34
C ASP C 142 -10.53 32.36 8.47
N PRO C 143 -10.54 31.51 7.43
CA PRO C 143 -9.43 31.49 6.50
C PRO C 143 -9.24 32.73 5.63
N HIS C 144 -10.22 33.65 5.60
CA HIS C 144 -10.09 34.96 4.94
C HIS C 144 -9.60 36.07 5.86
N LYS C 145 -9.00 35.71 6.99
CA LYS C 145 -8.32 36.69 7.84
C LYS C 145 -6.89 36.26 8.17
N LEU C 146 -6.19 35.69 7.20
CA LEU C 146 -4.83 35.23 7.42
C LEU C 146 -3.83 36.13 6.73
N LYS C 147 -2.65 36.23 7.33
CA LYS C 147 -1.53 36.91 6.70
C LYS C 147 -0.45 35.91 6.32
N LEU C 148 -0.07 35.95 5.05
CA LEU C 148 0.94 35.07 4.50
C LEU C 148 2.22 35.85 4.24
N TRP C 149 3.37 35.22 4.45
CA TRP C 149 4.67 35.82 4.14
C TRP C 149 5.68 34.81 3.55
N LEU C 150 6.63 35.33 2.80
CA LEU C 150 7.65 34.53 2.17
C LEU C 150 8.94 35.31 2.08
N LYS C 151 10.04 34.68 2.48
CA LYS C 151 11.38 35.22 2.38
C LYS C 151 12.26 34.36 1.47
N VAL C 152 13.16 35.02 0.73
CA VAL C 152 14.21 34.36 -0.01
C VAL C 152 15.57 34.79 0.55
N ASN C 153 16.34 33.83 1.07
CA ASN C 153 17.62 34.11 1.73
C ASN C 153 17.49 35.21 2.80
N GLY C 154 16.44 35.13 3.62
CA GLY C 154 16.20 36.12 4.70
C GLY C 154 15.51 37.43 4.30
N GLU C 155 15.34 37.70 3.00
CA GLU C 155 14.69 38.94 2.55
C GLU C 155 13.23 38.70 2.19
N LEU C 156 12.34 39.49 2.77
CA LEU C 156 10.91 39.43 2.47
C LEU C 156 10.64 39.78 1.01
N ARG C 157 9.92 38.90 0.32
CA ARG C 157 9.59 39.05 -1.11
C ARG C 157 8.09 39.00 -1.43
N GLN C 158 7.31 38.25 -0.66
CA GLN C 158 5.86 38.21 -0.82
C GLN C 158 5.22 38.30 0.54
N GLU C 159 4.13 39.03 0.56
CA GLU C 159 3.20 39.08 1.66
C GLU C 159 1.82 39.18 1.08
N GLY C 160 0.84 38.64 1.78
CA GLY C 160 -0.53 38.78 1.36
C GLY C 160 -1.51 38.53 2.46
N GLU C 161 -2.71 39.04 2.23
CA GLU C 161 -3.82 38.92 3.13
C GLU C 161 -4.85 38.12 2.37
N THR C 162 -5.33 37.04 2.97
CA THR C 162 -6.39 36.23 2.39
C THR C 162 -7.74 36.94 2.31
N SER C 163 -7.91 38.04 3.05
CA SER C 163 -9.04 38.95 2.83
C SER C 163 -9.11 39.55 1.42
N SER C 164 -7.99 39.60 0.71
CA SER C 164 -7.95 40.09 -0.68
C SER C 164 -8.40 39.13 -1.77
N MET C 165 -8.77 37.89 -1.43
CA MET C 165 -9.18 36.90 -2.45
C MET C 165 -10.44 37.40 -3.20
N ILE C 166 -10.40 37.27 -4.52
CA ILE C 166 -11.51 37.65 -5.37
C ILE C 166 -12.67 36.65 -5.19
N PHE C 167 -12.36 35.38 -5.22
CA PHE C 167 -13.30 34.32 -5.00
C PHE C 167 -13.07 33.72 -3.63
N SER C 168 -14.18 33.57 -2.88
CA SER C 168 -14.11 33.04 -1.53
C SER C 168 -13.82 31.55 -1.57
N ILE C 169 -13.33 31.03 -0.44
CA ILE C 169 -13.07 29.62 -0.26
C ILE C 169 -14.34 28.76 -0.42
N PRO C 170 -15.48 29.15 0.21
CA PRO C 170 -16.69 28.35 -0.08
C PRO C 170 -17.11 28.33 -1.55
N TYR C 171 -16.91 29.46 -2.27
CA TYR C 171 -17.15 29.50 -3.72
C TYR C 171 -16.22 28.55 -4.48
N ILE C 172 -14.93 28.63 -4.19
CA ILE C 172 -13.90 27.81 -4.86
C ILE C 172 -14.23 26.30 -4.69
N ILE C 173 -14.50 25.89 -3.45
CA ILE C 173 -14.82 24.50 -3.16
C ILE C 173 -16.02 24.01 -3.94
N SER C 174 -17.11 24.79 -3.87
CA SER C 174 -18.33 24.49 -4.62
C SER C 174 -18.09 24.42 -6.14
N TYR C 175 -17.42 25.44 -6.68
CA TYR C 175 -17.05 25.49 -8.09
C TYR C 175 -16.21 24.31 -8.57
N VAL C 176 -15.11 24.01 -7.87
CA VAL C 176 -14.26 22.86 -8.19
C VAL C 176 -15.03 21.55 -8.09
N SER C 177 -15.80 21.36 -7.00
CA SER C 177 -16.57 20.13 -6.76
C SER C 177 -17.58 19.76 -7.85
N LYS C 178 -18.13 20.78 -8.51
CA LYS C 178 -19.05 20.61 -9.63
C LYS C 178 -18.36 20.21 -10.92
N ILE C 179 -17.06 20.47 -11.03
CA ILE C 179 -16.28 20.12 -12.22
C ILE C 179 -15.55 18.80 -11.95
N ILE C 180 -14.86 18.73 -10.79
CA ILE C 180 -14.00 17.61 -10.38
C ILE C 180 -14.38 17.19 -8.98
N THR C 181 -14.88 15.97 -8.81
CA THR C 181 -15.12 15.45 -7.47
C THR C 181 -13.79 15.44 -6.69
N LEU C 182 -13.87 15.91 -5.44
CA LEU C 182 -12.73 15.99 -4.56
C LEU C 182 -12.84 14.87 -3.54
N GLU C 183 -11.74 14.14 -3.35
CA GLU C 183 -11.67 13.07 -2.35
C GLU C 183 -11.12 13.66 -1.07
N GLU C 184 -11.37 12.98 0.05
CA GLU C 184 -10.61 13.21 1.29
C GLU C 184 -9.11 13.26 1.02
N GLY C 185 -8.45 14.32 1.49
CA GLY C 185 -7.03 14.52 1.30
C GLY C 185 -6.56 15.22 0.04
N ASP C 186 -7.49 15.50 -0.89
CA ASP C 186 -7.25 16.44 -1.96
C ASP C 186 -7.07 17.87 -1.38
N ILE C 187 -6.19 18.63 -2.00
CA ILE C 187 -5.94 20.02 -1.64
C ILE C 187 -6.38 20.95 -2.80
N ILE C 188 -6.85 22.14 -2.45
CA ILE C 188 -7.09 23.22 -3.39
C ILE C 188 -6.19 24.39 -3.01
N LEU C 189 -5.30 24.77 -3.92
CA LEU C 189 -4.44 25.93 -3.75
C LEU C 189 -5.24 27.17 -4.21
N THR C 190 -5.29 28.21 -3.38
CA THR C 190 -6.25 29.31 -3.61
C THR C 190 -5.70 30.57 -4.29
N GLY C 191 -4.50 30.49 -4.84
CA GLY C 191 -3.88 31.55 -5.63
C GLY C 191 -2.87 32.37 -4.83
N THR C 192 -2.05 33.13 -5.55
CA THR C 192 -0.94 33.88 -4.95
C THR C 192 -1.24 35.37 -4.94
N PRO C 193 -0.83 36.06 -3.85
CA PRO C 193 -0.82 37.52 -3.92
C PRO C 193 0.33 38.05 -4.78
N LYS C 194 0.42 39.37 -4.91
CA LYS C 194 1.50 39.97 -5.68
C LYS C 194 2.88 39.63 -5.08
N GLY C 195 3.92 39.85 -5.89
CA GLY C 195 5.31 39.73 -5.49
C GLY C 195 5.98 38.44 -5.96
N VAL C 196 5.42 37.75 -6.96
CA VAL C 196 6.08 36.56 -7.51
C VAL C 196 7.41 36.92 -8.15
N GLY C 197 8.36 36.00 -8.11
CA GLY C 197 9.68 36.29 -8.60
C GLY C 197 10.55 35.07 -8.63
N PRO C 198 11.71 35.18 -9.32
CA PRO C 198 12.55 34.02 -9.56
C PRO C 198 13.37 33.57 -8.34
N VAL C 199 13.69 32.30 -8.32
CA VAL C 199 14.66 31.72 -7.41
C VAL C 199 15.74 30.96 -8.18
N LYS C 200 16.91 30.80 -7.58
CA LYS C 200 18.02 30.10 -8.22
C LYS C 200 18.49 28.99 -7.31
N GLU C 201 19.35 28.13 -7.87
CA GLU C 201 19.90 27.02 -7.14
C GLU C 201 20.59 27.48 -5.85
N ASN C 202 20.29 26.77 -4.78
CA ASN C 202 20.77 27.02 -3.42
C ASN C 202 20.12 28.15 -2.65
N ASP C 203 19.11 28.82 -3.22
CA ASP C 203 18.29 29.76 -2.44
C ASP C 203 17.54 29.03 -1.33
N GLU C 204 17.38 29.69 -0.20
CA GLU C 204 16.57 29.21 0.89
C GLU C 204 15.28 30.01 0.91
N ILE C 205 14.15 29.31 0.79
CA ILE C 205 12.83 29.90 0.94
C ILE C 205 12.25 29.60 2.32
N GLU C 206 11.86 30.65 3.03
CA GLU C 206 11.13 30.52 4.28
C GLU C 206 9.77 31.16 4.06
N ALA C 207 8.73 30.52 4.55
CA ALA C 207 7.39 31.06 4.38
C ALA C 207 6.49 30.63 5.52
N GLY C 208 5.44 31.39 5.72
CA GLY C 208 4.52 31.12 6.81
C GLY C 208 3.18 31.79 6.71
N ILE C 209 2.29 31.33 7.59
CA ILE C 209 1.05 31.98 7.93
C ILE C 209 1.29 32.55 9.31
N HIS C 210 1.17 33.87 9.44
CA HIS C 210 1.39 34.56 10.73
C HIS C 210 0.59 33.92 11.84
N GLY C 211 1.31 33.53 12.89
CA GLY C 211 0.73 32.97 14.09
C GLY C 211 0.35 31.49 14.04
N LEU C 212 0.55 30.81 12.89
CA LEU C 212 0.05 29.42 12.70
C LEU C 212 1.08 28.40 12.23
N VAL C 213 1.90 28.75 11.25
CA VAL C 213 2.83 27.79 10.67
C VAL C 213 3.95 28.49 9.91
N SER C 214 5.12 27.85 9.87
CA SER C 214 6.16 28.25 8.94
C SER C 214 6.89 27.05 8.37
N MET C 215 7.69 27.28 7.35
CA MET C 215 8.38 26.22 6.63
C MET C 215 9.60 26.77 5.91
N THR C 216 10.63 25.92 5.74
CA THR C 216 11.86 26.26 5.05
C THR C 216 12.19 25.21 4.00
N PHE C 217 12.59 25.68 2.82
CA PHE C 217 12.90 24.85 1.66
C PHE C 217 14.16 25.35 0.98
N LYS C 218 15.02 24.44 0.54
CA LYS C 218 16.16 24.75 -0.29
C LYS C 218 15.84 24.44 -1.75
N VAL C 219 16.24 25.36 -2.63
CA VAL C 219 16.15 25.15 -4.07
C VAL C 219 17.38 24.37 -4.58
N GLU C 220 17.12 23.22 -5.18
CA GLU C 220 18.14 22.31 -5.67
C GLU C 220 17.85 21.85 -7.09
N LYS C 221 18.85 21.25 -7.72
CA LYS C 221 18.68 20.57 -9.00
C LYS C 221 18.70 19.06 -8.77
N PRO C 222 18.01 18.28 -9.62
CA PRO C 222 17.88 16.83 -9.34
C PRO C 222 19.21 16.07 -9.33
N GLU C 223 19.33 15.11 -8.40
CA GLU C 223 20.44 14.15 -8.35
C GLU C 223 20.00 12.88 -9.10
N PRO D 9 16.50 -29.83 -2.90
CA PRO D 9 15.62 -29.73 -4.06
C PRO D 9 14.20 -29.26 -3.73
N LEU D 10 13.61 -28.50 -4.65
CA LEU D 10 12.21 -28.11 -4.52
C LEU D 10 11.26 -29.30 -4.53
N SER D 11 11.67 -30.42 -5.13
CA SER D 11 10.87 -31.66 -5.09
C SER D 11 10.59 -32.17 -3.65
N ARG D 12 11.39 -31.75 -2.68
CA ARG D 12 11.21 -32.04 -1.26
C ARG D 12 11.12 -30.79 -0.42
N PHE D 13 10.46 -29.73 -0.94
CA PHE D 13 10.46 -28.40 -0.29
C PHE D 13 9.93 -28.40 1.15
N TRP D 14 8.95 -29.27 1.44
CA TRP D 14 8.36 -29.39 2.78
C TRP D 14 9.37 -29.83 3.86
N GLU D 15 10.43 -30.53 3.45
CA GLU D 15 11.48 -31.00 4.36
C GLU D 15 12.39 -29.88 4.86
N TRP D 16 12.63 -28.87 4.05
CA TRP D 16 13.57 -27.82 4.42
C TRP D 16 12.97 -26.42 4.42
N GLY D 17 11.84 -26.20 3.76
CA GLY D 17 11.22 -24.89 3.73
C GLY D 17 10.80 -24.35 5.10
N LYS D 18 11.02 -23.04 5.30
CA LYS D 18 10.84 -22.40 6.58
C LYS D 18 9.43 -21.91 6.90
N ASN D 19 8.75 -21.31 5.92
CA ASN D 19 7.53 -20.56 6.17
C ASN D 19 6.37 -20.97 5.27
N ILE D 20 5.18 -20.96 5.86
CA ILE D 20 3.90 -21.15 5.17
C ILE D 20 3.04 -19.89 5.42
N VAL D 21 2.63 -19.24 4.34
CA VAL D 21 1.71 -18.10 4.35
C VAL D 21 0.40 -18.49 3.67
N CYS D 22 -0.71 -18.14 4.29
CA CYS D 22 -2.02 -18.53 3.78
C CYS D 22 -2.88 -17.28 3.52
N VAL D 23 -3.57 -17.33 2.39
CA VAL D 23 -4.55 -16.33 2.02
C VAL D 23 -5.96 -16.78 2.43
N GLY D 24 -6.71 -15.83 3.00
CA GLY D 24 -8.10 -16.07 3.32
C GLY D 24 -9.01 -15.24 2.45
N ARG D 25 -10.24 -15.74 2.24
CA ARG D 25 -11.32 -15.00 1.57
C ARG D 25 -11.02 -14.66 0.10
N ASN D 26 -10.56 -15.66 -0.64
CA ASN D 26 -10.14 -15.51 -2.00
C ASN D 26 -11.13 -16.14 -3.02
N TYR D 27 -12.22 -16.77 -2.57
CA TYR D 27 -13.23 -17.31 -3.46
C TYR D 27 -14.57 -16.78 -2.96
N ALA D 28 -15.30 -16.07 -3.82
CA ALA D 28 -16.51 -15.35 -3.37
C ALA D 28 -17.55 -16.27 -2.74
N ASP D 29 -17.70 -17.47 -3.29
CA ASP D 29 -18.68 -18.44 -2.78
C ASP D 29 -18.26 -19.06 -1.44
N HIS D 30 -16.96 -19.14 -1.15
CA HIS D 30 -16.52 -19.52 0.21
C HIS D 30 -16.82 -18.41 1.20
N VAL D 31 -16.55 -17.16 0.81
CA VAL D 31 -16.85 -16.01 1.65
C VAL D 31 -18.34 -16.00 2.05
N ARG D 32 -19.21 -16.30 1.08
CA ARG D 32 -20.66 -16.36 1.33
C ARG D 32 -21.04 -17.47 2.32
N GLU D 33 -20.52 -18.68 2.12
CA GLU D 33 -20.82 -19.79 3.04
C GLU D 33 -20.30 -19.52 4.47
N MET D 34 -19.20 -18.79 4.60
CA MET D 34 -18.69 -18.36 5.95
C MET D 34 -19.43 -17.18 6.55
N ARG D 35 -20.31 -16.56 5.75
CA ARG D 35 -20.98 -15.29 6.08
C ARG D 35 -20.02 -14.17 6.47
N SER D 36 -18.86 -14.10 5.82
CA SER D 36 -17.96 -12.95 5.97
C SER D 36 -18.20 -11.96 4.80
N ALA D 37 -17.33 -10.96 4.75
CA ALA D 37 -17.20 -10.04 3.61
C ALA D 37 -15.73 -9.97 3.19
N VAL D 38 -15.50 -9.74 1.93
CA VAL D 38 -14.20 -9.97 1.25
C VAL D 38 -12.97 -9.06 1.67
N LEU D 39 -13.07 -7.79 1.95
CA LEU D 39 -12.02 -6.89 2.11
C LEU D 39 -11.28 -6.45 0.83
N SER D 40 -10.61 -5.30 0.96
CA SER D 40 -9.84 -4.75 -0.18
C SER D 40 -8.51 -5.45 -0.41
N GLU D 41 -8.05 -6.20 0.60
CA GLU D 41 -6.80 -6.94 0.49
C GLU D 41 -6.99 -8.34 1.04
N PRO D 42 -6.16 -9.31 0.56
CA PRO D 42 -6.32 -10.65 1.07
C PRO D 42 -6.00 -10.71 2.57
N VAL D 43 -6.77 -11.48 3.33
CA VAL D 43 -6.43 -11.85 4.70
C VAL D 43 -5.22 -12.80 4.70
N LEU D 44 -4.24 -12.56 5.57
CA LEU D 44 -3.07 -13.42 5.70
C LEU D 44 -2.94 -14.04 7.08
N PHE D 45 -2.62 -15.33 7.11
CA PHE D 45 -2.20 -15.96 8.38
C PHE D 45 -1.06 -16.93 8.07
N LEU D 46 -0.41 -17.42 9.11
CA LEU D 46 0.78 -18.25 9.03
C LEU D 46 0.55 -19.62 9.61
N LYS D 47 1.31 -20.57 9.06
CA LYS D 47 1.45 -21.88 9.65
C LYS D 47 2.94 -22.11 9.88
N PRO D 48 3.29 -22.86 10.95
CA PRO D 48 4.67 -23.19 11.16
C PRO D 48 5.11 -24.32 10.18
N SER D 49 6.41 -24.44 9.94
CA SER D 49 6.96 -25.53 9.04
C SER D 49 6.50 -26.95 9.43
N THR D 50 6.28 -27.19 10.71
CA THR D 50 5.76 -28.47 11.19
C THR D 50 4.27 -28.71 10.95
N ALA D 51 3.53 -27.73 10.39
CA ALA D 51 2.19 -27.97 9.83
C ALA D 51 2.25 -28.92 8.60
N TYR D 52 3.38 -28.97 7.89
CA TYR D 52 3.49 -29.80 6.69
C TYR D 52 3.30 -31.28 7.00
N ALA D 53 2.44 -31.92 6.21
CA ALA D 53 2.26 -33.38 6.29
C ALA D 53 2.35 -33.86 4.84
N PRO D 54 3.54 -34.34 4.44
CA PRO D 54 3.64 -34.85 3.08
C PRO D 54 2.93 -36.21 2.94
N GLU D 55 2.70 -36.64 1.70
CA GLU D 55 2.06 -37.94 1.48
C GLU D 55 2.76 -39.06 2.23
N GLY D 56 1.96 -39.88 2.90
CA GLY D 56 2.45 -40.94 3.78
C GLY D 56 2.41 -40.56 5.26
N SER D 57 2.21 -39.28 5.56
CA SER D 57 2.03 -38.78 6.93
C SER D 57 0.55 -38.48 7.17
N PRO D 58 0.10 -38.61 8.43
CA PRO D 58 -1.33 -38.43 8.70
C PRO D 58 -1.75 -36.98 8.83
N ILE D 59 -3.02 -36.71 8.59
CA ILE D 59 -3.70 -35.52 9.12
C ILE D 59 -3.92 -35.84 10.59
N LEU D 60 -3.46 -34.95 11.48
CA LEU D 60 -3.64 -35.14 12.93
C LEU D 60 -4.71 -34.22 13.49
N MET D 61 -5.76 -34.78 14.07
CA MET D 61 -6.87 -34.03 14.66
C MET D 61 -6.43 -33.53 16.04
N PRO D 62 -6.48 -32.19 16.29
CA PRO D 62 -6.16 -31.75 17.67
C PRO D 62 -7.26 -32.17 18.67
N ALA D 63 -6.84 -32.42 19.91
CA ALA D 63 -7.75 -32.86 20.97
C ALA D 63 -8.80 -31.83 21.36
N TYR D 64 -8.53 -30.55 21.05
CA TYR D 64 -9.37 -29.44 21.43
C TYR D 64 -10.45 -29.05 20.41
N THR D 65 -10.58 -29.78 19.30
CA THR D 65 -11.61 -29.51 18.29
C THR D 65 -12.59 -30.66 18.20
N ARG D 66 -13.85 -30.34 17.93
CA ARG D 66 -14.89 -31.31 17.55
C ARG D 66 -15.43 -30.99 16.14
N ASN D 67 -14.72 -30.15 15.40
CA ASN D 67 -15.17 -29.66 14.08
C ASN D 67 -13.95 -29.29 13.25
N LEU D 68 -13.22 -30.32 12.80
CA LEU D 68 -12.01 -30.17 12.00
C LEU D 68 -12.46 -30.18 10.55
N HIS D 69 -12.18 -29.08 9.84
CA HIS D 69 -12.62 -28.90 8.47
C HIS D 69 -11.51 -29.11 7.47
N HIS D 70 -11.87 -29.67 6.32
CA HIS D 70 -11.00 -29.65 5.15
C HIS D 70 -11.15 -28.33 4.39
N GLU D 71 -10.04 -27.86 3.79
CA GLU D 71 -10.01 -26.73 2.88
C GLU D 71 -9.01 -27.03 1.74
N LEU D 72 -9.52 -27.05 0.53
CA LEU D 72 -8.74 -27.42 -0.64
C LEU D 72 -8.09 -26.19 -1.27
N GLU D 73 -6.76 -26.16 -1.40
CA GLU D 73 -6.08 -24.94 -1.88
C GLU D 73 -4.87 -25.20 -2.75
N LEU D 74 -4.66 -24.31 -3.72
CA LEU D 74 -3.44 -24.32 -4.50
C LEU D 74 -2.35 -23.63 -3.70
N GLY D 75 -1.21 -24.28 -3.53
CA GLY D 75 0.02 -23.70 -3.00
C GLY D 75 0.97 -23.23 -4.07
N VAL D 76 1.51 -22.05 -3.89
CA VAL D 76 2.59 -21.47 -4.73
C VAL D 76 3.93 -21.49 -4.00
N VAL D 77 4.84 -22.32 -4.51
CA VAL D 77 6.17 -22.52 -3.94
C VAL D 77 7.19 -21.57 -4.57
N MET D 78 7.88 -20.81 -3.73
CA MET D 78 8.87 -19.85 -4.18
C MET D 78 10.21 -20.47 -4.53
N GLY D 79 10.77 -20.04 -5.69
CA GLY D 79 12.02 -20.58 -6.24
C GLY D 79 13.23 -19.70 -5.95
N LYS D 80 13.02 -18.45 -5.54
CA LYS D 80 14.12 -17.56 -5.20
C LYS D 80 13.63 -16.54 -4.17
N ARG D 81 14.55 -15.99 -3.38
CA ARG D 81 14.21 -15.01 -2.37
C ARG D 81 13.41 -13.83 -2.99
N CYS D 82 12.29 -13.50 -2.38
CA CYS D 82 11.31 -12.56 -2.92
C CYS D 82 10.95 -11.47 -1.91
N ARG D 83 11.58 -10.32 -2.09
CA ARG D 83 11.37 -9.16 -1.21
C ARG D 83 10.77 -7.99 -1.99
N ALA D 84 9.55 -7.60 -1.60
CA ALA D 84 8.86 -6.38 -2.09
C ALA D 84 8.91 -6.24 -3.62
N VAL D 85 8.42 -7.26 -4.32
CA VAL D 85 8.52 -7.30 -5.76
C VAL D 85 7.20 -6.75 -6.39
N PRO D 86 7.31 -6.10 -7.56
CA PRO D 86 6.09 -5.68 -8.26
C PRO D 86 5.30 -6.87 -8.84
N GLU D 87 4.01 -6.65 -9.09
CA GLU D 87 3.13 -7.64 -9.67
C GLU D 87 3.68 -8.22 -10.99
N ALA D 88 4.15 -7.31 -11.84
CA ALA D 88 4.67 -7.70 -13.16
C ALA D 88 5.92 -8.59 -13.13
N ALA D 89 6.65 -8.62 -12.01
CA ALA D 89 7.82 -9.46 -11.85
C ALA D 89 7.58 -10.71 -11.00
N ALA D 90 6.38 -10.87 -10.41
CA ALA D 90 6.17 -11.80 -9.31
C ALA D 90 6.32 -13.27 -9.73
N MET D 91 5.82 -13.61 -10.92
CA MET D 91 5.96 -14.96 -11.45
C MET D 91 7.40 -15.43 -11.68
N ASP D 92 8.33 -14.50 -11.94
CA ASP D 92 9.75 -14.84 -11.99
C ASP D 92 10.29 -15.50 -10.72
N TYR D 93 9.64 -15.26 -9.57
CA TYR D 93 10.08 -15.77 -8.26
C TYR D 93 9.47 -17.12 -7.90
N VAL D 94 8.53 -17.60 -8.71
CA VAL D 94 7.85 -18.86 -8.46
C VAL D 94 8.68 -20.02 -9.00
N GLY D 95 8.80 -21.08 -8.18
CA GLY D 95 9.49 -22.32 -8.55
C GLY D 95 8.51 -23.37 -9.03
N GLY D 96 7.34 -23.38 -8.42
CA GLY D 96 6.31 -24.34 -8.78
C GLY D 96 5.15 -24.31 -7.83
N TYR D 97 4.48 -25.45 -7.74
CA TYR D 97 3.19 -25.55 -7.09
C TYR D 97 3.03 -26.83 -6.31
N ALA D 98 2.10 -26.78 -5.35
CA ALA D 98 1.60 -27.97 -4.72
C ALA D 98 0.17 -27.79 -4.30
N LEU D 99 -0.56 -28.90 -4.22
CA LEU D 99 -1.92 -28.90 -3.71
C LEU D 99 -1.83 -29.07 -2.19
N CYS D 100 -2.53 -28.20 -1.45
CA CYS D 100 -2.57 -28.27 -0.02
C CYS D 100 -3.95 -28.36 0.52
N LEU D 101 -4.05 -28.86 1.76
CA LEU D 101 -5.26 -28.74 2.54
C LEU D 101 -4.93 -27.83 3.72
N ASP D 102 -5.68 -26.76 3.85
CA ASP D 102 -5.64 -25.89 5.05
C ASP D 102 -6.61 -26.43 6.11
N MET D 103 -6.15 -27.43 6.85
CA MET D 103 -6.98 -28.09 7.86
C MET D 103 -7.22 -27.05 8.94
N THR D 104 -8.47 -26.97 9.39
CA THR D 104 -8.96 -25.83 10.20
C THR D 104 -9.82 -26.36 11.33
N ALA D 105 -9.49 -26.01 12.57
CA ALA D 105 -10.41 -26.27 13.67
C ALA D 105 -11.44 -25.11 13.71
N ARG D 106 -12.61 -25.36 13.11
CA ARG D 106 -13.60 -24.32 12.86
C ARG D 106 -14.29 -23.75 14.11
N ASP D 107 -14.61 -24.61 15.07
CA ASP D 107 -15.10 -24.19 16.41
C ASP D 107 -14.11 -23.25 17.14
N VAL D 108 -12.83 -23.62 17.10
CA VAL D 108 -11.75 -22.77 17.67
C VAL D 108 -11.65 -21.44 16.91
N GLN D 109 -11.74 -21.50 15.58
CA GLN D 109 -11.71 -20.28 14.80
C GLN D 109 -12.85 -19.33 15.11
N ASP D 110 -14.07 -19.86 15.31
CA ASP D 110 -15.22 -19.02 15.66
C ASP D 110 -14.99 -18.27 16.97
N GLU D 111 -14.39 -18.96 17.97
CA GLU D 111 -14.12 -18.33 19.24
C GLU D 111 -13.06 -17.23 19.11
N CYS D 112 -11.99 -17.52 18.34
CA CYS D 112 -10.91 -16.56 18.06
C CYS D 112 -11.37 -15.28 17.41
N LYS D 113 -12.21 -15.39 16.39
CA LYS D 113 -12.82 -14.24 15.74
C LYS D 113 -13.64 -13.40 16.71
N LYS D 114 -14.44 -14.08 17.53
CA LYS D 114 -15.34 -13.43 18.49
C LYS D 114 -14.57 -12.65 19.53
N LYS D 115 -13.46 -13.24 20.01
CA LYS D 115 -12.66 -12.64 21.08
C LYS D 115 -11.48 -11.81 20.59
N GLY D 116 -11.31 -11.68 19.28
CA GLY D 116 -10.16 -10.95 18.68
C GLY D 116 -8.81 -11.53 19.06
N LEU D 117 -8.71 -12.86 19.01
CA LEU D 117 -7.49 -13.57 19.36
C LEU D 117 -6.81 -14.03 18.09
N PRO D 118 -5.51 -14.43 18.19
CA PRO D 118 -4.87 -15.00 17.01
C PRO D 118 -5.54 -16.29 16.57
N TRP D 119 -5.43 -16.57 15.29
CA TRP D 119 -6.02 -17.74 14.66
C TRP D 119 -5.13 -18.97 14.80
N THR D 120 -3.99 -18.87 15.50
CA THR D 120 -3.08 -19.98 15.71
C THR D 120 -3.59 -21.39 16.04
N LEU D 121 -4.39 -21.56 17.11
CA LEU D 121 -4.90 -22.91 17.43
C LEU D 121 -5.90 -23.41 16.41
N ALA D 122 -6.53 -22.50 15.68
CA ALA D 122 -7.50 -22.87 14.66
C ALA D 122 -6.83 -23.33 13.39
N LYS D 123 -5.66 -22.78 13.07
CA LYS D 123 -5.08 -22.93 11.74
C LYS D 123 -3.65 -23.42 11.67
N SER D 124 -2.93 -23.50 12.78
CA SER D 124 -1.46 -23.51 12.68
C SER D 124 -0.83 -24.64 13.48
N PHE D 125 -1.60 -25.68 13.72
CA PHE D 125 -1.19 -26.83 14.50
C PHE D 125 -0.40 -27.82 13.64
N THR D 126 0.26 -28.75 14.33
CA THR D 126 1.06 -29.83 13.72
C THR D 126 0.19 -30.63 12.73
N ALA D 127 0.73 -30.86 11.54
CA ALA D 127 0.04 -31.59 10.48
C ALA D 127 -1.23 -30.91 9.95
N SER D 128 -1.34 -29.56 10.09
CA SER D 128 -2.46 -28.80 9.55
C SER D 128 -2.32 -28.41 8.08
N CYS D 129 -1.19 -28.78 7.44
CA CYS D 129 -0.92 -28.53 6.01
C CYS D 129 -0.48 -29.81 5.27
N PRO D 130 -1.42 -30.74 5.05
CA PRO D 130 -1.20 -31.79 4.07
C PRO D 130 -0.83 -31.20 2.71
N VAL D 131 0.16 -31.80 2.07
CA VAL D 131 0.80 -31.24 0.89
C VAL D 131 1.13 -32.36 -0.13
N SER D 132 0.82 -32.11 -1.39
CA SER D 132 1.10 -33.04 -2.48
C SER D 132 2.58 -33.03 -2.89
N ALA D 133 2.91 -33.90 -3.88
CA ALA D 133 4.15 -33.72 -4.63
C ALA D 133 4.29 -32.32 -5.25
N PHE D 134 5.53 -31.87 -5.37
CA PHE D 134 5.88 -30.63 -6.02
C PHE D 134 5.58 -30.74 -7.51
N VAL D 135 4.90 -29.73 -8.03
CA VAL D 135 4.66 -29.58 -9.46
C VAL D 135 5.51 -28.45 -10.00
N PRO D 136 6.53 -28.75 -10.82
CA PRO D 136 7.35 -27.69 -11.41
C PRO D 136 6.52 -26.68 -12.21
N LYS D 137 6.94 -25.41 -12.17
CA LYS D 137 6.27 -24.33 -12.84
C LYS D 137 6.03 -24.57 -14.35
N GLU D 138 6.97 -25.24 -15.01
CA GLU D 138 6.89 -25.55 -16.45
C GLU D 138 5.60 -26.36 -16.80
N LYS D 139 5.08 -27.16 -15.86
CA LYS D 139 3.84 -27.88 -16.09
C LYS D 139 2.56 -27.08 -15.92
N ILE D 140 2.65 -25.85 -15.39
CA ILE D 140 1.50 -25.01 -15.14
C ILE D 140 1.82 -23.62 -15.74
N PRO D 141 1.56 -23.45 -17.04
CA PRO D 141 1.73 -22.13 -17.68
C PRO D 141 0.75 -21.07 -17.16
N ASP D 142 -0.46 -21.49 -16.77
CA ASP D 142 -1.44 -20.60 -16.18
C ASP D 142 -2.09 -21.23 -14.94
N PRO D 143 -1.62 -20.80 -13.74
CA PRO D 143 -2.20 -21.29 -12.51
C PRO D 143 -3.66 -20.85 -12.23
N HIS D 144 -4.19 -19.88 -13.00
CA HIS D 144 -5.61 -19.50 -12.94
C HIS D 144 -6.50 -20.25 -13.93
N LYS D 145 -6.03 -21.38 -14.44
CA LYS D 145 -6.87 -22.26 -15.25
C LYS D 145 -6.84 -23.70 -14.74
N LEU D 146 -6.82 -23.87 -13.42
CA LEU D 146 -6.76 -25.20 -12.82
C LEU D 146 -8.07 -25.60 -12.21
N LYS D 147 -8.35 -26.89 -12.20
CA LYS D 147 -9.53 -27.42 -11.53
C LYS D 147 -9.08 -28.28 -10.37
N LEU D 148 -9.60 -27.96 -9.18
CA LEU D 148 -9.28 -28.65 -7.95
C LEU D 148 -10.45 -29.51 -7.52
N TRP D 149 -10.16 -30.69 -6.95
CA TRP D 149 -11.19 -31.56 -6.38
C TRP D 149 -10.76 -32.24 -5.08
N LEU D 150 -11.75 -32.61 -4.28
CA LEU D 150 -11.51 -33.27 -3.01
C LEU D 150 -12.64 -34.22 -2.72
N LYS D 151 -12.28 -35.45 -2.32
CA LYS D 151 -13.21 -36.48 -1.89
C LYS D 151 -12.96 -36.88 -0.43
N VAL D 152 -14.04 -37.18 0.29
CA VAL D 152 -13.96 -37.82 1.59
C VAL D 152 -14.60 -39.20 1.53
N ASN D 153 -13.81 -40.24 1.82
CA ASN D 153 -14.25 -41.64 1.71
C ASN D 153 -14.92 -41.93 0.34
N GLY D 154 -14.29 -41.46 -0.73
CA GLY D 154 -14.80 -41.66 -2.11
C GLY D 154 -15.88 -40.71 -2.60
N GLU D 155 -16.45 -39.88 -1.73
CA GLU D 155 -17.52 -38.94 -2.12
C GLU D 155 -16.97 -37.54 -2.35
N LEU D 156 -17.26 -36.98 -3.52
CA LEU D 156 -16.86 -35.61 -3.86
C LEU D 156 -17.52 -34.61 -2.92
N ARG D 157 -16.71 -33.73 -2.31
CA ARG D 157 -17.16 -32.70 -1.36
C ARG D 157 -16.76 -31.27 -1.72
N GLN D 158 -15.61 -31.09 -2.38
CA GLN D 158 -15.18 -29.76 -2.83
C GLN D 158 -14.66 -29.88 -4.24
N GLU D 159 -15.01 -28.87 -5.01
CA GLU D 159 -14.43 -28.63 -6.31
C GLU D 159 -14.27 -27.14 -6.47
N GLY D 160 -13.27 -26.73 -7.22
CA GLY D 160 -13.09 -25.33 -7.51
C GLY D 160 -12.26 -25.10 -8.73
N GLU D 161 -12.40 -23.89 -9.26
CA GLU D 161 -11.67 -23.43 -10.41
C GLU D 161 -10.85 -22.27 -9.92
N THR D 162 -9.55 -22.31 -10.18
CA THR D 162 -8.65 -21.21 -9.83
C THR D 162 -8.91 -19.93 -10.60
N SER D 163 -9.63 -20.00 -11.72
CA SER D 163 -10.16 -18.81 -12.38
C SER D 163 -11.11 -17.98 -11.52
N SER D 164 -11.71 -18.58 -10.49
CA SER D 164 -12.58 -17.85 -9.54
C SER D 164 -11.89 -17.06 -8.45
N MET D 165 -10.56 -17.07 -8.38
CA MET D 165 -9.81 -16.32 -7.34
C MET D 165 -10.10 -14.82 -7.45
N ILE D 166 -10.38 -14.19 -6.32
CA ILE D 166 -10.63 -12.76 -6.24
C ILE D 166 -9.32 -11.99 -6.50
N PHE D 167 -8.26 -12.40 -5.82
CA PHE D 167 -6.94 -11.84 -5.99
C PHE D 167 -6.09 -12.81 -6.78
N SER D 168 -5.41 -12.26 -7.80
CA SER D 168 -4.54 -13.03 -8.64
C SER D 168 -3.28 -13.44 -7.90
N ILE D 169 -2.64 -14.51 -8.41
CA ILE D 169 -1.38 -15.00 -7.89
C ILE D 169 -0.28 -13.97 -7.98
N PRO D 170 -0.11 -13.27 -9.15
CA PRO D 170 0.91 -12.19 -9.14
C PRO D 170 0.64 -11.09 -8.11
N TYR D 171 -0.63 -10.73 -7.86
CA TYR D 171 -0.99 -9.79 -6.80
C TYR D 171 -0.64 -10.33 -5.41
N ILE D 172 -1.00 -11.56 -5.13
CA ILE D 172 -0.76 -12.20 -3.82
C ILE D 172 0.75 -12.21 -3.52
N ILE D 173 1.55 -12.66 -4.48
CA ILE D 173 3.00 -12.72 -4.31
C ILE D 173 3.58 -11.35 -4.00
N SER D 174 3.23 -10.37 -4.82
CA SER D 174 3.64 -8.99 -4.60
C SER D 174 3.23 -8.42 -3.25
N TYR D 175 1.95 -8.57 -2.92
CA TYR D 175 1.35 -8.16 -1.64
C TYR D 175 2.06 -8.77 -0.43
N VAL D 176 2.20 -10.11 -0.41
CA VAL D 176 2.89 -10.82 0.67
C VAL D 176 4.34 -10.38 0.78
N SER D 177 5.04 -10.32 -0.35
CA SER D 177 6.48 -9.97 -0.38
C SER D 177 6.82 -8.57 0.21
N LYS D 178 5.88 -7.65 0.09
CA LYS D 178 6.01 -6.31 0.67
C LYS D 178 5.79 -6.27 2.17
N ILE D 179 5.12 -7.29 2.72
CA ILE D 179 4.86 -7.38 4.15
C ILE D 179 5.90 -8.31 4.78
N ILE D 180 6.06 -9.51 4.17
CA ILE D 180 6.91 -10.61 4.66
C ILE D 180 7.83 -11.05 3.53
N THR D 181 9.13 -10.87 3.68
CA THR D 181 10.06 -11.42 2.70
C THR D 181 9.89 -12.95 2.64
N LEU D 182 9.84 -13.47 1.42
CA LEU D 182 9.67 -14.88 1.15
C LEU D 182 11.02 -15.45 0.76
N GLU D 183 11.40 -16.56 1.39
CA GLU D 183 12.64 -17.28 1.06
C GLU D 183 12.33 -18.33 0.04
N GLU D 184 13.36 -18.77 -0.69
CA GLU D 184 13.25 -20.01 -1.51
C GLU D 184 12.68 -21.14 -0.65
N GLY D 185 11.66 -21.81 -1.19
CA GLY D 185 10.96 -22.90 -0.49
C GLY D 185 9.82 -22.57 0.41
N ASP D 186 9.58 -21.28 0.66
CA ASP D 186 8.33 -20.81 1.26
C ASP D 186 7.15 -21.08 0.30
N ILE D 187 6.02 -21.42 0.88
CA ILE D 187 4.77 -21.62 0.12
C ILE D 187 3.73 -20.53 0.50
N ILE D 188 2.89 -20.16 -0.47
CA ILE D 188 1.71 -19.35 -0.24
C ILE D 188 0.48 -20.17 -0.62
N LEU D 189 -0.40 -20.40 0.34
CA LEU D 189 -1.67 -21.08 0.10
C LEU D 189 -2.66 -20.02 -0.35
N THR D 190 -3.37 -20.25 -1.46
CA THR D 190 -4.15 -19.20 -2.12
C THR D 190 -5.65 -19.16 -1.86
N GLY D 191 -6.11 -19.92 -0.86
CA GLY D 191 -7.49 -19.90 -0.37
C GLY D 191 -8.32 -21.06 -0.92
N THR D 192 -9.47 -21.29 -0.29
CA THR D 192 -10.32 -22.44 -0.59
C THR D 192 -11.59 -22.00 -1.32
N PRO D 193 -12.03 -22.81 -2.30
CA PRO D 193 -13.37 -22.60 -2.82
C PRO D 193 -14.46 -23.06 -1.84
N LYS D 194 -15.70 -22.88 -2.21
CA LYS D 194 -16.81 -23.35 -1.38
C LYS D 194 -16.76 -24.89 -1.15
N GLY D 195 -17.52 -25.32 -0.16
CA GLY D 195 -17.71 -26.74 0.16
C GLY D 195 -16.89 -27.25 1.34
N VAL D 196 -16.39 -26.35 2.18
CA VAL D 196 -15.66 -26.80 3.40
C VAL D 196 -16.57 -27.57 4.33
N GLY D 197 -16.01 -28.52 5.06
CA GLY D 197 -16.84 -29.38 5.89
C GLY D 197 -15.99 -30.26 6.78
N PRO D 198 -16.63 -30.89 7.77
CA PRO D 198 -15.91 -31.63 8.79
C PRO D 198 -15.41 -33.00 8.34
N VAL D 199 -14.34 -33.45 8.95
CA VAL D 199 -13.87 -34.83 8.85
C VAL D 199 -13.73 -35.44 10.23
N LYS D 200 -13.75 -36.76 10.29
CA LYS D 200 -13.63 -37.49 11.56
C LYS D 200 -12.49 -38.47 11.47
N GLU D 201 -12.10 -39.01 12.63
CA GLU D 201 -10.99 -39.94 12.70
C GLU D 201 -11.26 -41.14 11.78
N ASN D 202 -10.22 -41.50 11.05
CA ASN D 202 -10.18 -42.58 10.07
C ASN D 202 -10.81 -42.28 8.72
N ASP D 203 -11.29 -41.06 8.48
CA ASP D 203 -11.69 -40.65 7.12
C ASP D 203 -10.48 -40.66 6.20
N GLU D 204 -10.71 -41.01 4.94
CA GLU D 204 -9.71 -40.95 3.91
C GLU D 204 -10.04 -39.74 3.02
N ILE D 205 -9.11 -38.80 2.93
CA ILE D 205 -9.24 -37.66 2.04
C ILE D 205 -8.37 -37.86 0.80
N GLU D 206 -9.00 -37.77 -0.38
CA GLU D 206 -8.30 -37.80 -1.64
C GLU D 206 -8.55 -36.46 -2.29
N ALA D 207 -7.51 -35.90 -2.88
CA ALA D 207 -7.63 -34.60 -3.51
C ALA D 207 -6.65 -34.46 -4.65
N GLY D 208 -6.96 -33.57 -5.57
CA GLY D 208 -6.11 -33.38 -6.72
C GLY D 208 -6.33 -32.09 -7.47
N ILE D 209 -5.39 -31.84 -8.37
CA ILE D 209 -5.49 -30.85 -9.41
C ILE D 209 -5.68 -31.70 -10.68
N HIS D 210 -6.80 -31.49 -11.37
CA HIS D 210 -7.10 -32.25 -12.59
C HIS D 210 -5.95 -32.17 -13.58
N GLY D 211 -5.48 -33.35 -13.99
CA GLY D 211 -4.44 -33.48 -14.97
C GLY D 211 -3.01 -33.34 -14.49
N LEU D 212 -2.80 -33.06 -13.18
CA LEU D 212 -1.46 -32.73 -12.65
C LEU D 212 -0.98 -33.51 -11.45
N VAL D 213 -1.85 -33.69 -10.45
CA VAL D 213 -1.43 -34.28 -9.18
C VAL D 213 -2.63 -34.77 -8.40
N SER D 214 -2.44 -35.86 -7.64
CA SER D 214 -3.40 -36.23 -6.62
C SER D 214 -2.69 -36.72 -5.37
N MET D 215 -3.44 -36.84 -4.30
CA MET D 215 -2.91 -37.22 -2.99
C MET D 215 -3.98 -37.84 -2.14
N THR D 216 -3.56 -38.73 -1.23
CA THR D 216 -4.44 -39.36 -0.27
C THR D 216 -3.87 -39.22 1.16
N PHE D 217 -4.76 -38.89 2.09
CA PHE D 217 -4.43 -38.69 3.50
C PHE D 217 -5.47 -39.36 4.38
N LYS D 218 -5.00 -40.00 5.45
CA LYS D 218 -5.86 -40.53 6.48
C LYS D 218 -5.93 -39.56 7.67
N VAL D 219 -7.13 -39.36 8.20
CA VAL D 219 -7.32 -38.60 9.42
C VAL D 219 -7.08 -39.48 10.66
N GLU D 220 -6.14 -39.05 11.50
CA GLU D 220 -5.75 -39.76 12.72
C GLU D 220 -5.68 -38.83 13.90
N LYS D 221 -5.58 -39.36 15.10
CA LYS D 221 -5.33 -38.61 16.32
C LYS D 221 -3.91 -38.90 16.76
N PRO D 222 -3.23 -37.93 17.42
CA PRO D 222 -1.87 -38.19 17.91
C PRO D 222 -1.79 -39.34 18.92
N GLU D 223 -0.69 -40.10 18.88
CA GLU D 223 -0.24 -40.95 20.01
C GLU D 223 -0.47 -40.33 21.41
N ALA E 6 25.86 -28.52 5.78
CA ALA E 6 25.64 -29.51 6.88
C ALA E 6 24.99 -28.84 8.10
N SER E 7 25.33 -29.21 9.34
CA SER E 7 24.68 -28.57 10.49
C SER E 7 25.20 -27.14 10.76
N ARG E 8 24.34 -26.33 11.38
CA ARG E 8 24.65 -24.93 11.63
C ARG E 8 24.57 -24.62 13.12
N PRO E 9 25.39 -23.67 13.57
CA PRO E 9 25.47 -23.45 15.00
C PRO E 9 24.30 -22.70 15.58
N LEU E 10 23.95 -23.02 16.84
CA LEU E 10 22.95 -22.23 17.58
C LEU E 10 23.35 -20.76 17.76
N SER E 11 24.65 -20.47 17.75
CA SER E 11 25.15 -19.07 17.81
C SER E 11 24.65 -18.17 16.67
N ARG E 12 24.22 -18.80 15.57
CA ARG E 12 23.63 -18.12 14.42
C ARG E 12 22.23 -18.63 14.10
N PHE E 13 21.45 -18.97 15.13
CA PHE E 13 20.14 -19.64 14.94
C PHE E 13 19.16 -18.87 14.04
N TRP E 14 19.21 -17.52 14.09
CA TRP E 14 18.35 -16.68 13.26
C TRP E 14 18.56 -16.84 11.74
N GLU E 15 19.77 -17.28 11.35
CA GLU E 15 20.11 -17.52 9.96
C GLU E 15 19.46 -18.77 9.36
N TRP E 16 19.25 -19.79 10.16
CA TRP E 16 18.72 -21.06 9.65
C TRP E 16 17.46 -21.54 10.32
N GLY E 17 17.11 -21.02 11.49
CA GLY E 17 15.90 -21.47 12.19
C GLY E 17 14.61 -21.17 11.43
N LYS E 18 13.68 -22.09 11.51
CA LYS E 18 12.47 -22.09 10.67
C LYS E 18 11.30 -21.28 11.26
N ASN E 19 11.05 -21.42 12.57
CA ASN E 19 9.81 -20.95 13.19
C ASN E 19 10.04 -20.08 14.42
N ILE E 20 9.17 -19.07 14.57
CA ILE E 20 9.09 -18.20 15.75
C ILE E 20 7.66 -18.33 16.30
N VAL E 21 7.54 -18.72 17.57
CA VAL E 21 6.30 -18.77 18.33
C VAL E 21 6.33 -17.76 19.46
N CYS E 22 5.24 -17.02 19.65
CA CYS E 22 5.18 -15.95 20.64
C CYS E 22 4.04 -16.16 21.61
N VAL E 23 4.32 -15.94 22.89
CA VAL E 23 3.33 -15.98 23.95
C VAL E 23 2.74 -14.60 24.23
N GLY E 24 1.44 -14.53 24.38
CA GLY E 24 0.75 -13.31 24.76
C GLY E 24 0.19 -13.39 26.16
N ARG E 25 0.12 -12.23 26.83
CA ARG E 25 -0.51 -12.09 28.15
C ARG E 25 0.14 -12.89 29.26
N ASN E 26 1.45 -12.74 29.35
CA ASN E 26 2.25 -13.52 30.29
C ASN E 26 2.78 -12.70 31.47
N TYR E 27 2.51 -11.39 31.53
CA TYR E 27 2.94 -10.56 32.66
C TYR E 27 1.70 -9.77 33.08
N ALA E 28 1.28 -9.90 34.34
CA ALA E 28 0.00 -9.36 34.79
C ALA E 28 -0.12 -7.85 34.58
N ASP E 29 0.98 -7.11 34.79
CA ASP E 29 0.96 -5.67 34.59
C ASP E 29 0.87 -5.24 33.12
N HIS E 30 1.38 -6.06 32.21
CA HIS E 30 1.14 -5.80 30.77
C HIS E 30 -0.30 -6.06 30.40
N VAL E 31 -0.87 -7.14 30.92
CA VAL E 31 -2.28 -7.47 30.69
C VAL E 31 -3.18 -6.28 31.13
N ARG E 32 -2.88 -5.70 32.29
CA ARG E 32 -3.61 -4.56 32.80
C ARG E 32 -3.52 -3.33 31.90
N GLU E 33 -2.30 -2.97 31.47
CA GLU E 33 -2.12 -1.81 30.59
C GLU E 33 -2.82 -2.01 29.22
N MET E 34 -2.91 -3.26 28.73
CA MET E 34 -3.66 -3.57 27.49
C MET E 34 -5.17 -3.65 27.68
N ARG E 35 -5.62 -3.62 28.94
CA ARG E 35 -6.99 -3.89 29.33
C ARG E 35 -7.54 -5.23 28.82
N SER E 36 -6.69 -6.26 28.76
CA SER E 36 -7.17 -7.61 28.46
C SER E 36 -7.35 -8.41 29.75
N ALA E 37 -7.60 -9.71 29.60
CA ALA E 37 -7.65 -10.68 30.68
C ALA E 37 -6.76 -11.87 30.28
N VAL E 38 -6.13 -12.49 31.28
CA VAL E 38 -5.46 -13.77 31.09
C VAL E 38 -6.51 -14.89 30.95
N LEU E 39 -6.33 -15.76 29.98
CA LEU E 39 -7.14 -16.97 29.83
C LEU E 39 -6.62 -18.10 30.73
N SER E 40 -7.13 -19.33 30.56
CA SER E 40 -6.60 -20.48 31.27
C SER E 40 -5.27 -21.00 30.69
N GLU E 41 -4.97 -20.62 29.45
CA GLU E 41 -3.79 -21.03 28.72
C GLU E 41 -3.15 -19.84 28.04
N PRO E 42 -1.83 -19.90 27.78
CA PRO E 42 -1.19 -18.76 27.14
C PRO E 42 -1.74 -18.55 25.71
N VAL E 43 -1.90 -17.29 25.33
CA VAL E 43 -2.17 -16.95 23.92
C VAL E 43 -0.93 -17.18 23.07
N LEU E 44 -1.07 -17.77 21.90
CA LEU E 44 0.03 -18.00 20.94
C LEU E 44 -0.16 -17.32 19.60
N PHE E 45 0.89 -16.73 19.07
CA PHE E 45 0.89 -16.31 17.64
C PHE E 45 2.26 -16.56 17.05
N LEU E 46 2.39 -16.44 15.74
CA LEU E 46 3.59 -16.77 15.00
C LEU E 46 4.18 -15.58 14.30
N LYS E 47 5.49 -15.67 14.09
CA LYS E 47 6.21 -14.80 13.19
C LYS E 47 6.92 -15.66 12.17
N PRO E 48 7.12 -15.15 10.94
CA PRO E 48 7.91 -15.90 9.98
C PRO E 48 9.41 -15.74 10.31
N SER E 49 10.23 -16.67 9.80
CA SER E 49 11.72 -16.59 9.89
C SER E 49 12.31 -15.22 9.44
N THR E 50 11.69 -14.61 8.45
CA THR E 50 12.11 -13.27 8.01
C THR E 50 11.74 -12.10 8.92
N ALA E 51 11.01 -12.34 10.01
CA ALA E 51 10.88 -11.37 11.10
C ALA E 51 12.21 -11.11 11.83
N TYR E 52 13.13 -12.07 11.80
CA TYR E 52 14.42 -11.91 12.52
C TYR E 52 15.24 -10.73 11.98
N ALA E 53 15.71 -9.90 12.90
CA ALA E 53 16.63 -8.80 12.59
C ALA E 53 17.78 -8.95 13.59
N PRO E 54 18.88 -9.58 13.17
CA PRO E 54 19.99 -9.70 14.10
C PRO E 54 20.72 -8.36 14.26
N GLU E 55 21.57 -8.24 15.28
CA GLU E 55 22.32 -7.01 15.47
C GLU E 55 23.09 -6.64 14.21
N GLY E 56 23.04 -5.37 13.85
CA GLY E 56 23.59 -4.85 12.60
C GLY E 56 22.53 -4.63 11.53
N SER E 57 21.33 -5.19 11.72
CA SER E 57 20.19 -4.98 10.83
C SER E 57 19.22 -4.00 11.50
N PRO E 58 18.50 -3.19 10.70
CA PRO E 58 17.56 -2.25 11.26
C PRO E 58 16.24 -2.87 11.71
N ILE E 59 15.58 -2.20 12.64
CA ILE E 59 14.14 -2.33 12.83
C ILE E 59 13.51 -1.58 11.66
N LEU E 60 12.64 -2.24 10.91
CA LEU E 60 11.97 -1.61 9.76
C LEU E 60 10.52 -1.32 10.10
N MET E 61 10.12 -0.04 9.99
CA MET E 61 8.75 0.37 10.25
C MET E 61 7.88 0.03 9.03
N PRO E 62 6.78 -0.70 9.21
CA PRO E 62 5.88 -0.87 8.02
C PRO E 62 5.18 0.43 7.62
N ALA E 63 4.92 0.60 6.33
CA ALA E 63 4.30 1.83 5.81
C ALA E 63 2.85 1.99 6.26
N TYR E 64 2.21 0.89 6.68
CA TYR E 64 0.80 0.88 7.06
C TYR E 64 0.53 1.16 8.56
N THR E 65 1.55 1.43 9.36
CA THR E 65 1.40 1.74 10.77
C THR E 65 1.83 3.17 11.06
N ARG E 66 1.15 3.82 12.01
CA ARG E 66 1.55 5.09 12.61
C ARG E 66 1.76 4.93 14.12
N ASN E 67 1.87 3.69 14.59
CA ASN E 67 1.96 3.39 16.03
C ASN E 67 2.71 2.05 16.21
N LEU E 68 4.01 2.08 15.96
CA LEU E 68 4.89 0.91 16.09
C LEU E 68 5.41 0.85 17.51
N HIS E 69 5.10 -0.23 18.19
CA HIS E 69 5.47 -0.40 19.60
C HIS E 69 6.65 -1.33 19.79
N HIS E 70 7.48 -1.01 20.77
CA HIS E 70 8.46 -1.97 21.28
C HIS E 70 7.81 -2.90 22.33
N GLU E 71 8.28 -4.15 22.36
CA GLU E 71 7.95 -5.15 23.39
C GLU E 71 9.20 -5.97 23.72
N LEU E 72 9.61 -5.91 24.97
CA LEU E 72 10.83 -6.54 25.44
C LEU E 72 10.56 -7.96 25.92
N GLU E 73 11.20 -8.98 25.33
CA GLU E 73 10.89 -10.37 25.68
C GLU E 73 12.08 -11.31 25.69
N LEU E 74 12.03 -12.27 26.60
CA LEU E 74 13.02 -13.34 26.62
C LEU E 74 12.60 -14.36 25.58
N GLY E 75 13.54 -14.71 24.69
CA GLY E 75 13.39 -15.81 23.76
C GLY E 75 14.05 -17.09 24.26
N VAL E 76 13.32 -18.20 24.12
CA VAL E 76 13.84 -19.56 24.42
C VAL E 76 14.09 -20.31 23.12
N VAL E 77 15.38 -20.57 22.84
CA VAL E 77 15.83 -21.27 21.63
C VAL E 77 15.92 -22.77 21.88
N MET E 78 15.24 -23.54 21.03
CA MET E 78 15.20 -24.99 21.16
C MET E 78 16.45 -25.66 20.58
N GLY E 79 16.98 -26.63 21.35
CA GLY E 79 18.21 -27.36 21.01
C GLY E 79 17.97 -28.72 20.44
N LYS E 80 16.76 -29.25 20.55
CA LYS E 80 16.42 -30.57 20.07
C LYS E 80 14.94 -30.55 19.63
N ARG E 81 14.61 -31.39 18.65
CA ARG E 81 13.22 -31.55 18.24
C ARG E 81 12.30 -31.87 19.43
N CYS E 82 11.22 -31.11 19.58
CA CYS E 82 10.37 -31.11 20.77
C CYS E 82 8.92 -31.30 20.39
N ARG E 83 8.46 -32.54 20.51
CA ARG E 83 7.10 -32.94 20.19
C ARG E 83 6.39 -33.45 21.41
N ALA E 84 5.32 -32.75 21.82
CA ALA E 84 4.40 -33.16 22.89
C ALA E 84 5.11 -33.67 24.17
N VAL E 85 5.98 -32.85 24.73
CA VAL E 85 6.80 -33.25 25.86
C VAL E 85 6.15 -32.83 27.18
N PRO E 86 6.35 -33.60 28.25
CA PRO E 86 5.85 -33.17 29.57
C PRO E 86 6.66 -31.97 30.12
N GLU E 87 6.03 -31.22 31.04
CA GLU E 87 6.65 -30.09 31.71
C GLU E 87 7.97 -30.47 32.37
N ALA E 88 7.97 -31.59 33.08
CA ALA E 88 9.16 -32.05 33.81
C ALA E 88 10.38 -32.36 32.91
N ALA E 89 10.16 -32.61 31.61
CA ALA E 89 11.25 -32.86 30.68
C ALA E 89 11.59 -31.66 29.79
N ALA E 90 10.83 -30.56 29.86
CA ALA E 90 10.83 -29.53 28.81
C ALA E 90 12.18 -28.77 28.71
N MET E 91 12.81 -28.50 29.83
CA MET E 91 14.12 -27.87 29.87
C MET E 91 15.24 -28.66 29.19
N ASP E 92 15.13 -29.97 29.15
CA ASP E 92 16.05 -30.81 28.34
C ASP E 92 16.10 -30.45 26.86
N TYR E 93 15.03 -29.84 26.35
CA TYR E 93 14.90 -29.49 24.92
C TYR E 93 15.41 -28.10 24.60
N VAL E 94 15.77 -27.32 25.61
CA VAL E 94 16.28 -25.96 25.42
C VAL E 94 17.76 -25.98 25.12
N GLY E 95 18.15 -25.19 24.12
CA GLY E 95 19.55 -24.97 23.71
C GLY E 95 20.12 -23.71 24.32
N GLY E 96 19.28 -22.70 24.42
CA GLY E 96 19.71 -21.45 25.03
C GLY E 96 18.68 -20.38 24.87
N TYR E 97 19.16 -19.14 24.86
CA TYR E 97 18.31 -17.98 24.99
C TYR E 97 18.76 -16.84 24.12
N ALA E 98 17.80 -15.94 23.85
CA ALA E 98 18.11 -14.66 23.28
C ALA E 98 17.10 -13.63 23.73
N LEU E 99 17.52 -12.38 23.73
CA LEU E 99 16.64 -11.27 24.03
C LEU E 99 16.02 -10.81 22.73
N CYS E 100 14.69 -10.67 22.70
CA CYS E 100 13.98 -10.26 21.50
C CYS E 100 13.13 -9.06 21.77
N LEU E 101 12.81 -8.34 20.69
CA LEU E 101 11.77 -7.35 20.70
C LEU E 101 10.65 -7.87 19.79
N ASP E 102 9.46 -7.99 20.34
CA ASP E 102 8.24 -8.27 19.56
C ASP E 102 7.64 -6.96 19.06
N MET E 103 8.21 -6.44 17.96
CA MET E 103 7.78 -5.17 17.40
C MET E 103 6.37 -5.37 16.91
N THR E 104 5.51 -4.40 17.19
CA THR E 104 4.04 -4.57 17.07
C THR E 104 3.45 -3.31 16.46
N ALA E 105 2.73 -3.46 15.34
CA ALA E 105 1.94 -2.33 14.83
C ALA E 105 0.61 -2.30 15.61
N ARG E 106 0.55 -1.46 16.65
CA ARG E 106 -0.52 -1.46 17.62
C ARG E 106 -1.87 -0.99 17.09
N ASP E 107 -1.87 0.04 16.24
CA ASP E 107 -3.09 0.49 15.51
C ASP E 107 -3.70 -0.65 14.65
N VAL E 108 -2.83 -1.37 13.93
CA VAL E 108 -3.26 -2.55 13.13
C VAL E 108 -3.78 -3.64 14.04
N GLN E 109 -3.12 -3.88 15.16
CA GLN E 109 -3.59 -4.89 16.10
C GLN E 109 -4.99 -4.56 16.66
N ASP E 110 -5.24 -3.30 17.00
CA ASP E 110 -6.55 -2.88 17.50
C ASP E 110 -7.66 -3.15 16.47
N GLU E 111 -7.37 -2.92 15.19
CA GLU E 111 -8.34 -3.16 14.14
C GLU E 111 -8.60 -4.66 13.97
N CYS E 112 -7.54 -5.46 13.99
CA CYS E 112 -7.62 -6.94 13.92
C CYS E 112 -8.47 -7.56 15.01
N LYS E 113 -8.26 -7.14 16.25
CA LYS E 113 -9.08 -7.58 17.37
C LYS E 113 -10.55 -7.24 17.17
N LYS E 114 -10.82 -6.01 16.73
CA LYS E 114 -12.18 -5.49 16.52
C LYS E 114 -12.92 -6.27 15.44
N LYS E 115 -12.21 -6.60 14.37
CA LYS E 115 -12.80 -7.29 13.21
C LYS E 115 -12.65 -8.81 13.24
N GLY E 116 -12.04 -9.35 14.29
CA GLY E 116 -11.76 -10.81 14.39
C GLY E 116 -10.87 -11.35 13.29
N LEU E 117 -9.83 -10.62 12.95
CA LEU E 117 -8.91 -10.98 11.88
C LEU E 117 -7.62 -11.51 12.49
N PRO E 118 -6.79 -12.20 11.67
CA PRO E 118 -5.49 -12.60 12.15
C PRO E 118 -4.61 -11.42 12.51
N TRP E 119 -3.69 -11.69 13.42
CA TRP E 119 -2.76 -10.70 13.93
C TRP E 119 -1.54 -10.54 13.07
N THR E 120 -1.45 -11.25 11.93
CA THR E 120 -0.32 -11.15 11.01
C THR E 120 0.30 -9.79 10.63
N LEU E 121 -0.46 -8.84 10.12
CA LEU E 121 0.11 -7.52 9.78
C LEU E 121 0.54 -6.73 11.02
N ALA E 122 -0.05 -7.03 12.15
CA ALA E 122 0.29 -6.37 13.40
C ALA E 122 1.58 -6.89 14.01
N LYS E 123 1.88 -8.17 13.80
CA LYS E 123 2.91 -8.86 14.55
C LYS E 123 3.97 -9.59 13.76
N SER E 124 3.80 -9.76 12.45
CA SER E 124 4.52 -10.85 11.77
C SER E 124 5.23 -10.39 10.52
N PHE E 125 5.50 -9.09 10.45
CA PHE E 125 6.13 -8.46 9.30
C PHE E 125 7.66 -8.63 9.35
N THR E 126 8.29 -8.37 8.22
CA THR E 126 9.74 -8.34 8.02
C THR E 126 10.42 -7.45 9.08
N ALA E 127 11.44 -8.00 9.72
CA ALA E 127 12.20 -7.29 10.76
C ALA E 127 11.38 -6.97 12.03
N SER E 128 10.30 -7.72 12.30
CA SER E 128 9.48 -7.55 13.51
C SER E 128 10.03 -8.28 14.76
N CYS E 129 11.15 -9.00 14.59
CA CYS E 129 11.84 -9.73 15.69
C CYS E 129 13.35 -9.42 15.74
N PRO E 130 13.69 -8.19 16.18
CA PRO E 130 15.06 -7.92 16.60
C PRO E 130 15.50 -8.90 17.65
N VAL E 131 16.73 -9.40 17.52
CA VAL E 131 17.23 -10.51 18.30
C VAL E 131 18.70 -10.31 18.67
N SER E 132 19.02 -10.57 19.93
CA SER E 132 20.40 -10.47 20.43
C SER E 132 21.27 -11.65 19.98
N ALA E 133 22.54 -11.61 20.38
CA ALA E 133 23.37 -12.80 20.40
C ALA E 133 22.76 -13.96 21.19
N PHE E 134 23.05 -15.19 20.73
CA PHE E 134 22.65 -16.39 21.42
C PHE E 134 23.37 -16.50 22.75
N VAL E 135 22.59 -16.77 23.80
CA VAL E 135 23.15 -17.09 25.12
C VAL E 135 22.97 -18.58 25.40
N PRO E 136 24.09 -19.34 25.45
CA PRO E 136 23.99 -20.76 25.78
C PRO E 136 23.30 -21.02 27.11
N LYS E 137 22.57 -22.13 27.16
CA LYS E 137 21.78 -22.51 28.33
C LYS E 137 22.62 -22.58 29.64
N GLU E 138 23.88 -23.01 29.53
CA GLU E 138 24.75 -23.15 30.72
C GLU E 138 24.95 -21.80 31.44
N LYS E 139 24.85 -20.68 30.73
CA LYS E 139 24.96 -19.36 31.35
C LYS E 139 23.71 -18.86 32.06
N ILE E 140 22.57 -19.56 31.92
CA ILE E 140 21.32 -19.20 32.55
C ILE E 140 20.77 -20.46 33.24
N PRO E 141 21.22 -20.72 34.48
CA PRO E 141 20.70 -21.84 35.26
C PRO E 141 19.23 -21.66 35.68
N ASP E 142 18.78 -20.42 35.87
CA ASP E 142 17.36 -20.14 36.12
C ASP E 142 16.87 -18.96 35.28
N PRO E 143 16.18 -19.27 34.17
CA PRO E 143 15.61 -18.22 33.36
C PRO E 143 14.47 -17.41 33.98
N HIS E 144 13.92 -17.85 35.12
CA HIS E 144 12.93 -17.09 35.90
C HIS E 144 13.55 -16.22 36.99
N LYS E 145 14.84 -15.96 36.90
CA LYS E 145 15.48 -14.98 37.78
C LYS E 145 16.27 -13.94 37.01
N LEU E 146 15.74 -13.50 35.87
CA LEU E 146 16.44 -12.54 35.04
C LEU E 146 15.76 -11.17 35.12
N LYS E 147 16.57 -10.14 34.92
CA LYS E 147 16.05 -8.79 34.78
C LYS E 147 16.27 -8.30 33.35
N LEU E 148 15.18 -7.86 32.73
CA LEU E 148 15.20 -7.30 31.40
C LEU E 148 15.07 -5.77 31.46
N TRP E 149 15.77 -5.08 30.55
CA TRP E 149 15.63 -3.63 30.41
C TRP E 149 15.66 -3.17 28.95
N LEU E 150 15.06 -2.01 28.71
CA LEU E 150 15.00 -1.44 27.40
C LEU E 150 15.01 0.08 27.50
N LYS E 151 15.87 0.71 26.70
CA LYS E 151 15.96 2.16 26.57
C LYS E 151 15.62 2.62 25.16
N VAL E 152 14.96 3.77 25.06
CA VAL E 152 14.79 4.48 23.79
C VAL E 152 15.53 5.81 23.85
N ASN E 153 16.50 6.00 22.97
CA ASN E 153 17.34 7.21 22.96
C ASN E 153 17.94 7.52 24.35
N GLY E 154 18.46 6.49 25.01
CA GLY E 154 19.06 6.61 26.35
C GLY E 154 18.12 6.64 27.55
N GLU E 155 16.81 6.73 27.32
CA GLU E 155 15.84 6.80 28.44
C GLU E 155 15.19 5.42 28.67
N LEU E 156 15.25 4.95 29.91
CA LEU E 156 14.63 3.70 30.30
C LEU E 156 13.11 3.77 30.12
N ARG E 157 12.56 2.78 29.40
CA ARG E 157 11.11 2.68 29.10
C ARG E 157 10.45 1.38 29.55
N GLN E 158 11.19 0.27 29.55
CA GLN E 158 10.67 -1.02 30.00
C GLN E 158 11.72 -1.66 30.87
N GLU E 159 11.24 -2.29 31.92
CA GLU E 159 11.99 -3.18 32.76
C GLU E 159 11.07 -4.28 33.19
N GLY E 160 11.62 -5.46 33.39
CA GLY E 160 10.84 -6.56 33.89
C GLY E 160 11.67 -7.66 34.47
N GLU E 161 11.01 -8.45 35.29
CA GLU E 161 11.60 -9.58 36.00
C GLU E 161 10.89 -10.81 35.45
N THR E 162 11.67 -11.77 34.98
CA THR E 162 11.13 -13.03 34.46
C THR E 162 10.45 -13.91 35.52
N SER E 163 10.72 -13.64 36.79
CA SER E 163 9.93 -14.22 37.89
C SER E 163 8.45 -13.84 37.86
N SER E 164 8.09 -12.74 37.19
CA SER E 164 6.67 -12.32 37.04
C SER E 164 5.87 -13.02 35.96
N MET E 165 6.47 -13.94 35.21
CA MET E 165 5.74 -14.71 34.19
C MET E 165 4.58 -15.51 34.80
N ILE E 166 3.40 -15.41 34.20
CA ILE E 166 2.21 -16.09 34.67
C ILE E 166 2.34 -17.61 34.40
N PHE E 167 2.73 -17.92 33.16
CA PHE E 167 3.06 -19.29 32.76
C PHE E 167 4.56 -19.43 32.65
N SER E 168 5.09 -20.46 33.27
CA SER E 168 6.54 -20.70 33.33
C SER E 168 7.03 -21.20 31.98
N ILE E 169 8.33 -21.12 31.76
CA ILE E 169 9.01 -21.60 30.58
C ILE E 169 8.79 -23.11 30.37
N PRO E 170 8.98 -23.97 31.42
CA PRO E 170 8.66 -25.38 31.18
C PRO E 170 7.20 -25.66 30.79
N TYR E 171 6.25 -24.89 31.35
CA TYR E 171 4.84 -24.99 30.98
C TYR E 171 4.61 -24.57 29.52
N ILE E 172 5.17 -23.44 29.13
CA ILE E 172 5.04 -22.91 27.75
C ILE E 172 5.58 -23.92 26.74
N ILE E 173 6.78 -24.44 26.97
CA ILE E 173 7.41 -25.40 26.05
C ILE E 173 6.53 -26.63 25.89
N SER E 174 6.09 -27.21 27.00
CA SER E 174 5.20 -28.35 26.99
C SER E 174 3.87 -28.09 26.26
N TYR E 175 3.22 -26.97 26.61
CA TYR E 175 2.00 -26.51 25.97
C TYR E 175 2.12 -26.32 24.45
N VAL E 176 3.12 -25.55 24.03
CA VAL E 176 3.39 -25.30 22.60
C VAL E 176 3.69 -26.61 21.87
N SER E 177 4.55 -27.45 22.45
CA SER E 177 4.98 -28.71 21.83
C SER E 177 3.85 -29.69 21.51
N LYS E 178 2.78 -29.65 22.33
CA LYS E 178 1.60 -30.45 22.12
C LYS E 178 0.70 -29.94 20.99
N ILE E 179 0.83 -28.67 20.65
CA ILE E 179 0.06 -28.06 19.56
C ILE E 179 0.90 -28.00 18.29
N ILE E 180 2.13 -27.53 18.42
CA ILE E 180 3.08 -27.27 17.29
C ILE E 180 4.40 -27.95 17.64
N THR E 181 4.80 -28.96 16.88
CA THR E 181 6.13 -29.52 17.05
C THR E 181 7.19 -28.43 16.81
N LEU E 182 8.17 -28.38 17.70
CA LEU E 182 9.24 -27.41 17.66
C LEU E 182 10.51 -28.12 17.16
N GLU E 183 11.17 -27.53 16.19
CA GLU E 183 12.43 -28.05 15.64
C GLU E 183 13.59 -27.41 16.37
N GLU E 184 14.76 -28.06 16.32
CA GLU E 184 16.04 -27.39 16.67
C GLU E 184 16.14 -26.02 15.97
N GLY E 185 16.42 -24.98 16.77
CA GLY E 185 16.53 -23.61 16.27
C GLY E 185 15.28 -22.77 16.20
N ASP E 186 14.11 -23.36 16.45
CA ASP E 186 12.90 -22.61 16.72
C ASP E 186 13.05 -21.82 18.04
N ILE E 187 12.47 -20.62 18.06
CA ILE E 187 12.43 -19.79 19.27
C ILE E 187 10.97 -19.65 19.78
N ILE E 188 10.81 -19.54 21.09
CA ILE E 188 9.57 -19.16 21.73
C ILE E 188 9.79 -17.84 22.48
N LEU E 189 9.07 -16.80 22.09
CA LEU E 189 9.10 -15.52 22.79
C LEU E 189 8.12 -15.60 23.94
N THR E 190 8.54 -15.24 25.15
CA THR E 190 7.76 -15.53 26.36
C THR E 190 6.90 -14.40 26.93
N GLY E 191 6.73 -13.32 26.16
CA GLY E 191 5.82 -12.20 26.48
C GLY E 191 6.56 -11.01 27.05
N THR E 192 5.87 -9.88 27.08
CA THR E 192 6.48 -8.60 27.48
C THR E 192 5.97 -8.16 28.85
N PRO E 193 6.86 -7.59 29.67
CA PRO E 193 6.36 -6.88 30.86
C PRO E 193 5.70 -5.54 30.48
N LYS E 194 5.20 -4.83 31.50
CA LYS E 194 4.59 -3.54 31.26
C LYS E 194 5.60 -2.53 30.65
N GLY E 195 5.05 -1.45 30.10
CA GLY E 195 5.81 -0.32 29.59
C GLY E 195 5.95 -0.28 28.08
N VAL E 196 5.10 -1.00 27.34
CA VAL E 196 5.14 -0.91 25.88
C VAL E 196 4.80 0.49 25.40
N GLY E 197 5.37 0.89 24.28
CA GLY E 197 5.19 2.26 23.80
C GLY E 197 5.75 2.45 22.43
N PRO E 198 5.43 3.58 21.79
CA PRO E 198 5.78 3.79 20.39
C PRO E 198 7.24 4.17 20.17
N VAL E 199 7.72 3.87 18.97
CA VAL E 199 9.00 4.36 18.47
C VAL E 199 8.81 5.06 17.13
N LYS E 200 9.73 5.92 16.78
CA LYS E 200 9.66 6.63 15.50
C LYS E 200 10.96 6.45 14.76
N GLU E 201 10.97 6.83 13.48
CA GLU E 201 12.12 6.72 12.63
C GLU E 201 13.32 7.45 13.26
N ASN E 202 14.45 6.75 13.22
CA ASN E 202 15.73 7.18 13.76
C ASN E 202 15.90 7.06 15.28
N ASP E 203 14.91 6.55 16.01
CA ASP E 203 15.11 6.18 17.41
C ASP E 203 16.15 5.07 17.53
N GLU E 204 16.93 5.13 18.61
CA GLU E 204 17.86 4.09 18.94
C GLU E 204 17.31 3.31 20.13
N ILE E 205 17.11 2.00 19.93
N ILE E 205 17.11 2.00 19.93
CA ILE E 205 16.68 1.12 21.01
CA ILE E 205 16.69 1.13 21.00
C ILE E 205 17.86 0.31 21.53
C ILE E 205 17.86 0.31 21.53
N GLU E 206 18.09 0.38 22.83
CA GLU E 206 19.08 -0.44 23.49
C GLU E 206 18.32 -1.30 24.48
N ALA E 207 18.70 -2.56 24.56
CA ALA E 207 18.03 -3.48 25.47
C ALA E 207 18.97 -4.57 25.92
N GLY E 208 18.64 -5.17 27.06
CA GLY E 208 19.49 -6.20 27.61
C GLY E 208 18.85 -7.07 28.66
N ILE E 209 19.57 -8.14 28.95
CA ILE E 209 19.33 -8.98 30.11
C ILE E 209 20.51 -8.62 31.04
N HIS E 210 20.19 -8.15 32.24
CA HIS E 210 21.20 -7.77 33.21
C HIS E 210 22.23 -8.87 33.43
N GLY E 211 23.50 -8.50 33.22
CA GLY E 211 24.61 -9.40 33.46
C GLY E 211 24.92 -10.41 32.37
N LEU E 212 24.14 -10.42 31.27
CA LEU E 212 24.29 -11.46 30.21
C LEU E 212 24.46 -10.98 28.80
N VAL E 213 23.67 -10.00 28.37
CA VAL E 213 23.63 -9.60 26.96
C VAL E 213 22.99 -8.23 26.82
N SER E 214 23.47 -7.48 25.84
CA SER E 214 22.76 -6.27 25.42
C SER E 214 22.80 -6.16 23.89
N MET E 215 21.99 -5.25 23.39
CA MET E 215 21.84 -5.05 21.95
C MET E 215 21.36 -3.66 21.65
N THR E 216 21.74 -3.15 20.47
CA THR E 216 21.29 -1.84 19.98
C THR E 216 20.74 -1.96 18.57
N PHE E 217 19.62 -1.29 18.34
CA PHE E 217 18.92 -1.27 17.05
C PHE E 217 18.50 0.16 16.72
N LYS E 218 18.65 0.53 15.46
CA LYS E 218 18.09 1.77 14.93
C LYS E 218 16.75 1.48 14.22
N VAL E 219 15.78 2.35 14.47
CA VAL E 219 14.51 2.32 13.75
C VAL E 219 14.63 3.07 12.41
N GLU E 220 14.35 2.33 11.32
CA GLU E 220 14.44 2.85 9.97
C GLU E 220 13.19 2.52 9.18
N LYS E 221 13.06 3.18 8.02
CA LYS E 221 12.03 2.83 7.05
C LYS E 221 12.71 2.13 5.89
N PRO E 222 12.01 1.20 5.21
CA PRO E 222 12.52 0.71 3.92
C PRO E 222 12.27 1.75 2.83
N PRO F 9 41.92 26.24 -46.18
CA PRO F 9 41.07 26.42 -47.37
C PRO F 9 39.62 26.76 -47.03
N LEU F 10 39.01 27.57 -47.89
CA LEU F 10 37.57 27.85 -47.78
C LEU F 10 36.70 26.61 -47.92
N SER F 11 37.20 25.57 -48.59
CA SER F 11 36.49 24.28 -48.68
C SER F 11 36.21 23.62 -47.31
N ARG F 12 36.97 24.02 -46.29
CA ARG F 12 36.77 23.58 -44.91
C ARG F 12 36.56 24.76 -43.95
N PHE F 13 35.86 25.79 -44.40
CA PHE F 13 35.74 27.05 -43.63
C PHE F 13 35.17 26.89 -42.22
N TRP F 14 34.25 25.93 -42.04
CA TRP F 14 33.64 25.66 -40.72
C TRP F 14 34.63 25.20 -39.66
N GLU F 15 35.76 24.60 -40.10
CA GLU F 15 36.82 24.12 -39.20
C GLU F 15 37.63 25.25 -38.57
N TRP F 16 37.82 26.35 -39.29
CA TRP F 16 38.67 27.43 -38.79
C TRP F 16 37.98 28.78 -38.68
N GLY F 17 36.86 28.97 -39.36
CA GLY F 17 36.16 30.26 -39.30
C GLY F 17 35.63 30.60 -37.91
N LYS F 18 35.76 31.89 -37.56
CA LYS F 18 35.47 32.39 -36.23
C LYS F 18 34.03 32.76 -35.96
N ASN F 19 33.34 33.41 -36.91
CA ASN F 19 32.08 34.06 -36.64
C ASN F 19 30.97 33.67 -37.60
N ILE F 20 29.77 33.56 -37.04
CA ILE F 20 28.51 33.33 -37.81
C ILE F 20 27.58 34.50 -37.49
N VAL F 21 27.15 35.22 -38.54
CA VAL F 21 26.16 36.29 -38.46
C VAL F 21 24.91 35.89 -39.22
N CYS F 22 23.75 36.11 -38.60
CA CYS F 22 22.47 35.69 -39.20
C CYS F 22 21.54 36.87 -39.39
N VAL F 23 20.89 36.90 -40.54
CA VAL F 23 19.87 37.87 -40.87
C VAL F 23 18.46 37.32 -40.52
N GLY F 24 17.67 38.18 -39.91
CA GLY F 24 16.27 37.84 -39.66
C GLY F 24 15.32 38.65 -40.49
N ARG F 25 14.17 38.05 -40.80
CA ARG F 25 13.05 38.73 -41.48
C ARG F 25 13.35 39.21 -42.88
N ASN F 26 13.91 38.30 -43.68
CA ASN F 26 14.33 38.60 -45.02
C ASN F 26 13.43 38.00 -46.11
N TYR F 27 12.38 37.26 -45.76
CA TYR F 27 11.45 36.72 -46.75
C TYR F 27 10.05 37.10 -46.29
N ALA F 28 9.31 37.82 -47.12
CA ALA F 28 8.00 38.40 -46.69
C ALA F 28 7.02 37.33 -46.21
N ASP F 29 7.01 36.17 -46.87
CA ASP F 29 6.09 35.09 -46.47
C ASP F 29 6.52 34.39 -45.16
N HIS F 30 7.79 34.40 -44.82
CA HIS F 30 8.21 33.95 -43.48
C HIS F 30 7.78 34.95 -42.42
N VAL F 31 7.96 36.24 -42.70
CA VAL F 31 7.52 37.29 -41.78
C VAL F 31 6.02 37.15 -41.46
N ARG F 32 5.21 36.87 -42.48
CA ARG F 32 3.78 36.65 -42.30
C ARG F 32 3.45 35.45 -41.43
N GLU F 33 4.08 34.29 -41.68
CA GLU F 33 3.84 33.10 -40.87
C GLU F 33 4.29 33.30 -39.40
N MET F 34 5.32 34.10 -39.16
CA MET F 34 5.73 34.46 -37.77
C MET F 34 4.87 35.52 -37.11
N ARG F 35 3.98 36.14 -37.89
CA ARG F 35 3.20 37.32 -37.50
C ARG F 35 4.06 38.48 -36.99
N SER F 36 5.24 38.67 -37.58
CA SER F 36 6.08 39.83 -37.29
C SER F 36 5.85 40.91 -38.36
N ALA F 37 6.69 41.95 -38.31
CA ALA F 37 6.69 43.01 -39.33
C ALA F 37 8.11 43.26 -39.79
N VAL F 38 8.25 43.57 -41.09
CA VAL F 38 9.57 43.82 -41.67
C VAL F 38 10.06 45.20 -41.26
N LEU F 39 11.30 45.29 -40.76
CA LEU F 39 11.85 46.60 -40.33
C LEU F 39 12.49 47.29 -41.51
N SER F 40 13.05 48.46 -41.29
CA SER F 40 13.79 49.19 -42.35
C SER F 40 15.19 48.62 -42.59
N GLU F 41 15.70 47.85 -41.64
CA GLU F 41 17.01 47.22 -41.74
C GLU F 41 16.91 45.76 -41.31
N PRO F 42 17.81 44.89 -41.82
CA PRO F 42 17.74 43.50 -41.41
C PRO F 42 18.02 43.36 -39.92
N VAL F 43 17.29 42.48 -39.24
CA VAL F 43 17.63 42.04 -37.89
C VAL F 43 18.90 41.16 -37.93
N LEU F 44 19.85 41.37 -37.02
CA LEU F 44 21.05 40.58 -36.92
C LEU F 44 21.21 39.83 -35.60
N PHE F 45 21.59 38.57 -35.66
CA PHE F 45 22.01 37.86 -34.44
C PHE F 45 23.21 36.98 -34.76
N LEU F 46 23.85 36.45 -33.73
CA LEU F 46 25.09 35.68 -33.84
C LEU F 46 24.95 34.27 -33.39
N LYS F 47 25.77 33.42 -33.99
CA LYS F 47 25.99 32.07 -33.50
C LYS F 47 27.48 31.92 -33.24
N PRO F 48 27.86 31.10 -32.22
CA PRO F 48 29.25 30.81 -32.01
C PRO F 48 29.77 29.83 -33.08
N SER F 49 31.08 29.79 -33.30
CA SER F 49 31.73 28.81 -34.23
C SER F 49 31.37 27.34 -33.94
N THR F 50 31.12 27.01 -32.68
CA THR F 50 30.66 25.67 -32.31
C THR F 50 29.19 25.35 -32.62
N ALA F 51 28.42 26.31 -33.14
CA ALA F 51 27.12 26.05 -33.78
C ALA F 51 27.29 25.23 -35.06
N TYR F 52 28.44 25.31 -35.74
CA TYR F 52 28.64 24.57 -37.01
C TYR F 52 28.55 23.06 -36.80
N ALA F 53 27.76 22.41 -37.65
CA ALA F 53 27.68 20.95 -37.72
C ALA F 53 27.88 20.61 -39.19
N PRO F 54 29.10 20.26 -39.59
CA PRO F 54 29.28 19.86 -40.98
C PRO F 54 28.69 18.47 -41.24
N GLU F 55 28.54 18.11 -42.51
CA GLU F 55 28.00 16.78 -42.82
C GLU F 55 28.81 15.68 -42.13
N GLY F 56 28.10 14.72 -41.55
CA GLY F 56 28.66 13.67 -40.71
C GLY F 56 28.51 13.93 -39.23
N SER F 57 28.16 15.17 -38.86
CA SER F 57 27.86 15.55 -37.48
C SER F 57 26.36 15.66 -37.32
N PRO F 58 25.84 15.37 -36.10
CA PRO F 58 24.39 15.43 -35.90
C PRO F 58 23.88 16.84 -35.66
N ILE F 59 22.61 17.05 -35.96
CA ILE F 59 21.83 18.16 -35.38
C ILE F 59 21.56 17.70 -33.93
N LEU F 60 21.93 18.52 -32.96
CA LEU F 60 21.72 18.19 -31.56
C LEU F 60 20.57 19.02 -30.98
N MET F 61 19.55 18.34 -30.45
CA MET F 61 18.43 18.99 -29.80
C MET F 61 18.84 19.47 -28.40
N PRO F 62 18.64 20.76 -28.08
CA PRO F 62 18.86 21.15 -26.64
C PRO F 62 17.80 20.54 -25.72
N ALA F 63 18.19 20.25 -24.48
CA ALA F 63 17.28 19.61 -23.53
C ALA F 63 16.16 20.55 -23.07
N TYR F 64 16.35 21.86 -23.25
CA TYR F 64 15.42 22.87 -22.77
C TYR F 64 14.35 23.29 -23.79
N THR F 65 14.31 22.66 -24.98
CA THR F 65 13.29 22.98 -26.00
C THR F 65 12.40 21.77 -26.21
N ARG F 66 11.12 22.04 -26.49
CA ARG F 66 10.15 21.05 -26.97
C ARG F 66 9.63 21.43 -28.36
N ASN F 67 10.30 22.37 -29.02
CA ASN F 67 9.85 22.93 -30.31
C ASN F 67 11.07 23.44 -31.09
N LEU F 68 11.87 22.50 -31.58
CA LEU F 68 13.09 22.79 -32.32
C LEU F 68 12.70 22.86 -33.79
N HIS F 69 12.94 24.03 -34.40
CA HIS F 69 12.54 24.28 -35.78
C HIS F 69 13.70 24.20 -36.74
N HIS F 70 13.42 23.71 -37.95
CA HIS F 70 14.33 23.88 -39.08
C HIS F 70 14.10 25.26 -39.75
N GLU F 71 15.18 25.85 -40.25
CA GLU F 71 15.15 27.06 -41.08
C GLU F 71 16.21 26.93 -42.19
N LEU F 72 15.75 26.96 -43.42
CA LEU F 72 16.59 26.75 -44.59
C LEU F 72 17.16 28.06 -45.10
N GLU F 73 18.48 28.20 -45.16
CA GLU F 73 19.09 29.51 -45.51
C GLU F 73 20.35 29.41 -46.35
N LEU F 74 20.53 30.36 -47.24
CA LEU F 74 21.76 30.52 -47.97
C LEU F 74 22.76 31.21 -47.09
N GLY F 75 23.94 30.62 -46.93
CA GLY F 75 25.10 31.24 -46.29
C GLY F 75 26.04 31.86 -47.29
N VAL F 76 26.48 33.07 -46.98
CA VAL F 76 27.54 33.80 -47.72
C VAL F 76 28.85 33.80 -46.95
N VAL F 77 29.84 33.08 -47.52
CA VAL F 77 31.18 32.94 -46.92
C VAL F 77 32.13 34.01 -47.43
N MET F 78 32.73 34.75 -46.50
CA MET F 78 33.67 35.79 -46.83
C MET F 78 35.05 35.29 -47.20
N GLY F 79 35.61 35.87 -48.28
CA GLY F 79 36.91 35.48 -48.82
C GLY F 79 38.05 36.42 -48.41
N LYS F 80 37.71 37.62 -47.92
CA LYS F 80 38.71 38.60 -47.50
C LYS F 80 38.12 39.45 -46.37
N ARG F 81 39.01 39.97 -45.53
CA ARG F 81 38.58 40.85 -44.44
C ARG F 81 37.72 42.01 -44.97
N CYS F 82 36.56 42.20 -44.34
CA CYS F 82 35.52 43.11 -44.84
C CYS F 82 35.05 44.04 -43.73
N ARG F 83 35.61 45.26 -43.77
CA ARG F 83 35.30 46.30 -42.79
C ARG F 83 34.63 47.48 -43.47
N ALA F 84 33.38 47.76 -43.07
CA ALA F 84 32.62 48.95 -43.48
C ALA F 84 32.68 49.26 -44.98
N VAL F 85 32.32 48.28 -45.80
CA VAL F 85 32.44 48.41 -47.24
C VAL F 85 31.13 48.90 -47.85
N PRO F 86 31.20 49.67 -48.94
CA PRO F 86 29.97 50.04 -49.67
C PRO F 86 29.29 48.87 -50.36
N GLU F 87 27.99 48.99 -50.63
CA GLU F 87 27.20 47.98 -51.35
C GLU F 87 27.82 47.63 -52.68
N ALA F 88 28.21 48.66 -53.42
CA ALA F 88 28.79 48.50 -54.75
C ALA F 88 30.11 47.70 -54.77
N ALA F 89 30.82 47.60 -53.66
CA ALA F 89 32.05 46.81 -53.58
C ALA F 89 31.88 45.46 -52.87
N ALA F 90 30.71 45.17 -52.33
CA ALA F 90 30.55 44.12 -51.29
C ALA F 90 30.80 42.71 -51.83
N MET F 91 30.36 42.44 -53.06
CA MET F 91 30.60 41.16 -53.71
C MET F 91 32.07 40.82 -53.94
N ASP F 92 32.94 41.82 -54.07
CA ASP F 92 34.38 41.60 -54.11
C ASP F 92 34.94 40.83 -52.90
N TYR F 93 34.23 40.92 -51.75
CA TYR F 93 34.67 40.33 -50.49
C TYR F 93 34.15 38.91 -50.27
N VAL F 94 33.28 38.44 -51.17
CA VAL F 94 32.70 37.12 -51.04
C VAL F 94 33.62 36.06 -51.65
N GLY F 95 33.79 34.96 -50.93
CA GLY F 95 34.57 33.81 -51.38
C GLY F 95 33.69 32.72 -51.98
N GLY F 96 32.49 32.57 -51.42
CA GLY F 96 31.56 31.59 -51.90
C GLY F 96 30.38 31.43 -50.98
N TYR F 97 29.79 30.25 -51.01
CA TYR F 97 28.50 30.00 -50.41
C TYR F 97 28.41 28.64 -49.76
N ALA F 98 27.45 28.53 -48.84
CA ALA F 98 27.03 27.25 -48.32
C ALA F 98 25.59 27.29 -47.91
N LEU F 99 24.94 26.14 -47.94
CA LEU F 99 23.59 25.99 -47.48
C LEU F 99 23.62 25.69 -45.99
N CYS F 100 22.83 26.45 -45.21
CA CYS F 100 22.75 26.24 -43.79
C CYS F 100 21.38 26.04 -43.32
N LEU F 101 21.26 25.44 -42.13
CA LEU F 101 20.03 25.44 -41.38
C LEU F 101 20.26 26.27 -40.13
N ASP F 102 19.44 27.28 -39.94
CA ASP F 102 19.38 28.05 -38.68
C ASP F 102 18.41 27.36 -37.71
N MET F 103 18.91 26.31 -37.04
CA MET F 103 18.11 25.52 -36.12
C MET F 103 17.74 26.46 -34.96
N THR F 104 16.47 26.40 -34.56
CA THR F 104 15.88 27.46 -33.68
C THR F 104 15.03 26.78 -32.63
N ALA F 105 15.29 27.05 -31.35
CA ALA F 105 14.36 26.64 -30.31
C ALA F 105 13.25 27.71 -30.21
N ARG F 106 12.13 27.44 -30.89
CA ARG F 106 11.08 28.42 -31.10
C ARG F 106 10.31 28.85 -29.83
N ASP F 107 10.02 27.90 -28.94
CA ASP F 107 9.46 28.18 -27.61
C ASP F 107 10.35 29.13 -26.78
N VAL F 108 11.67 28.87 -26.78
CA VAL F 108 12.65 29.74 -26.11
C VAL F 108 12.68 31.12 -26.77
N GLN F 109 12.64 31.15 -28.11
CA GLN F 109 12.62 32.44 -28.81
C GLN F 109 11.41 33.29 -28.46
N ASP F 110 10.23 32.67 -28.36
CA ASP F 110 9.00 33.40 -28.00
C ASP F 110 9.14 34.06 -26.61
N GLU F 111 9.74 33.36 -25.68
CA GLU F 111 9.94 33.90 -24.34
C GLU F 111 10.92 35.08 -24.35
N CYS F 112 12.03 34.90 -25.06
CA CYS F 112 13.07 35.96 -25.24
C CYS F 112 12.53 37.26 -25.81
N LYS F 113 11.74 37.15 -26.89
CA LYS F 113 11.08 38.31 -27.48
C LYS F 113 10.17 39.01 -26.48
N LYS F 114 9.38 38.23 -25.75
CA LYS F 114 8.40 38.74 -24.79
C LYS F 114 9.07 39.50 -23.65
N LYS F 115 10.19 38.95 -23.16
CA LYS F 115 10.89 39.51 -22.01
C LYS F 115 12.02 40.47 -22.38
N GLY F 116 12.24 40.72 -23.69
CA GLY F 116 13.35 41.55 -24.14
C GLY F 116 14.72 41.03 -23.74
N LEU F 117 14.91 39.72 -23.87
CA LEU F 117 16.16 39.06 -23.50
C LEU F 117 16.94 38.74 -24.77
N PRO F 118 18.25 38.44 -24.63
CA PRO F 118 18.99 38.00 -25.81
C PRO F 118 18.44 36.69 -26.36
N TRP F 119 18.64 36.51 -27.66
CA TRP F 119 18.12 35.38 -28.39
C TRP F 119 19.07 34.20 -28.34
N THR F 120 20.18 34.30 -27.57
CA THR F 120 21.17 33.22 -27.47
C THR F 120 20.72 31.77 -27.27
N LEU F 121 19.89 31.45 -26.25
CA LEU F 121 19.47 30.07 -26.07
C LEU F 121 18.53 29.57 -27.18
N ALA F 122 17.88 30.50 -27.85
CA ALA F 122 16.98 30.17 -28.93
C ALA F 122 17.71 29.86 -30.21
N LYS F 123 18.85 30.51 -30.44
CA LYS F 123 19.49 30.52 -31.74
C LYS F 123 20.95 30.10 -31.81
N SER F 124 21.63 29.96 -30.67
CA SER F 124 23.10 30.05 -30.70
C SER F 124 23.77 28.90 -29.98
N PHE F 125 23.07 27.80 -29.85
CA PHE F 125 23.52 26.60 -29.16
C PHE F 125 24.41 25.73 -30.08
N THR F 126 25.10 24.78 -29.45
CA THR F 126 25.95 23.79 -30.11
C THR F 126 25.17 23.05 -31.18
N ALA F 127 25.78 22.95 -32.38
CA ALA F 127 25.17 22.27 -33.53
C ALA F 127 23.88 22.94 -34.04
N SER F 128 23.69 24.25 -33.79
CA SER F 128 22.56 25.02 -34.31
C SER F 128 22.75 25.52 -35.74
N CYS F 129 23.90 25.25 -36.36
CA CYS F 129 24.22 25.61 -37.77
C CYS F 129 24.76 24.40 -38.58
N PRO F 130 23.89 23.47 -38.90
CA PRO F 130 24.20 22.48 -39.96
C PRO F 130 24.58 23.20 -41.25
N VAL F 131 25.64 22.75 -41.90
CA VAL F 131 26.28 23.43 -43.00
C VAL F 131 26.74 22.44 -44.09
N SER F 132 26.45 22.78 -45.35
CA SER F 132 26.85 21.99 -46.51
C SER F 132 28.33 22.13 -46.87
N ALA F 133 28.75 21.39 -47.90
CA ALA F 133 30.00 21.72 -48.61
C ALA F 133 30.02 23.19 -49.13
N PHE F 134 31.22 23.75 -49.15
CA PHE F 134 31.49 25.06 -49.70
C PHE F 134 31.24 25.05 -51.20
N VAL F 135 30.50 26.04 -51.67
CA VAL F 135 30.31 26.32 -53.10
C VAL F 135 31.08 27.54 -53.51
N PRO F 136 32.14 27.39 -54.31
CA PRO F 136 32.90 28.57 -54.77
C PRO F 136 32.03 29.58 -55.50
N LYS F 137 32.37 30.86 -55.34
CA LYS F 137 31.65 31.97 -55.93
C LYS F 137 31.51 31.85 -57.45
N GLU F 138 32.51 31.30 -58.13
CA GLU F 138 32.49 31.10 -59.61
C GLU F 138 31.28 30.27 -60.07
N LYS F 139 30.79 29.35 -59.22
CA LYS F 139 29.61 28.55 -59.57
C LYS F 139 28.27 29.27 -59.39
N ILE F 140 28.26 30.44 -58.75
CA ILE F 140 27.05 31.17 -58.44
C ILE F 140 27.28 32.63 -58.89
N PRO F 141 27.04 32.92 -60.19
CA PRO F 141 27.18 34.31 -60.68
C PRO F 141 26.08 35.22 -60.11
N ASP F 142 24.89 34.68 -59.84
CA ASP F 142 23.81 35.41 -59.22
C ASP F 142 23.17 34.61 -58.07
N PRO F 143 23.56 34.96 -56.83
CA PRO F 143 22.96 34.31 -55.68
C PRO F 143 21.48 34.61 -55.44
N HIS F 144 20.90 35.60 -56.13
CA HIS F 144 19.46 35.89 -56.10
C HIS F 144 18.66 35.16 -57.19
N LYS F 145 19.24 34.12 -57.78
CA LYS F 145 18.50 33.25 -58.68
C LYS F 145 18.63 31.78 -58.30
N LEU F 146 18.61 31.50 -57.00
CA LEU F 146 18.76 30.12 -56.53
C LEU F 146 17.45 29.59 -55.99
N LYS F 147 17.26 28.31 -56.09
CA LYS F 147 16.18 27.61 -55.42
C LYS F 147 16.69 26.73 -54.31
N LEU F 148 16.12 26.92 -53.12
CA LEU F 148 16.41 26.11 -51.96
C LEU F 148 15.29 25.12 -51.69
N TRP F 149 15.66 23.93 -51.21
CA TRP F 149 14.68 22.93 -50.77
C TRP F 149 15.11 22.15 -49.51
N LEU F 150 14.14 21.65 -48.79
CA LEU F 150 14.38 20.91 -47.57
C LEU F 150 13.30 19.87 -47.40
N LYS F 151 13.74 18.64 -47.10
CA LYS F 151 12.86 17.51 -46.78
C LYS F 151 13.09 17.01 -45.35
N VAL F 152 12.02 16.59 -44.70
CA VAL F 152 12.09 15.84 -43.45
C VAL F 152 11.54 14.44 -43.65
N ASN F 153 12.36 13.43 -43.42
CA ASN F 153 12.00 12.02 -43.65
C ASN F 153 11.40 11.81 -45.06
N GLY F 154 12.05 12.39 -46.07
CA GLY F 154 11.61 12.28 -47.47
C GLY F 154 10.50 13.21 -47.94
N GLU F 155 9.83 13.93 -47.02
CA GLU F 155 8.72 14.81 -47.39
C GLU F 155 9.20 16.26 -47.47
N LEU F 156 8.90 16.90 -48.59
CA LEU F 156 9.23 18.32 -48.79
C LEU F 156 8.47 19.20 -47.80
N ARG F 157 9.21 20.05 -47.09
CA ARG F 157 8.66 20.97 -46.06
C ARG F 157 8.96 22.46 -46.30
N GLN F 158 10.12 22.76 -46.88
CA GLN F 158 10.48 24.12 -47.21
C GLN F 158 11.05 24.17 -48.62
N GLU F 159 10.65 25.23 -49.32
CA GLU F 159 11.22 25.60 -50.58
C GLU F 159 11.26 27.11 -50.61
N GLY F 160 12.26 27.65 -51.30
CA GLY F 160 12.31 29.07 -51.46
C GLY F 160 13.17 29.49 -52.63
N GLU F 161 12.92 30.70 -53.10
CA GLU F 161 13.66 31.34 -54.12
C GLU F 161 14.37 32.51 -53.52
N THR F 162 15.67 32.59 -53.75
CA THR F 162 16.48 33.70 -53.25
C THR F 162 16.15 35.04 -53.92
N SER F 163 15.46 35.01 -55.07
CA SER F 163 14.87 36.22 -55.64
C SER F 163 13.83 36.90 -54.73
N SER F 164 13.25 36.16 -53.78
CA SER F 164 12.29 36.74 -52.80
C SER F 164 12.89 37.49 -51.62
N MET F 165 14.22 37.57 -51.51
CA MET F 165 14.87 38.27 -50.38
C MET F 165 14.48 39.76 -50.38
N ILE F 166 14.13 40.26 -49.20
CA ILE F 166 13.77 41.67 -49.03
C ILE F 166 15.04 42.55 -49.16
N PHE F 167 16.09 42.15 -48.48
CA PHE F 167 17.38 42.80 -48.56
C PHE F 167 18.32 41.95 -49.39
N SER F 168 19.00 42.61 -50.34
CA SER F 168 19.93 41.95 -51.21
C SER F 168 21.21 41.58 -50.45
N ILE F 169 21.93 40.59 -51.01
CA ILE F 169 23.20 40.15 -50.48
C ILE F 169 24.24 41.27 -50.44
N PRO F 170 24.42 42.06 -51.52
CA PRO F 170 25.36 43.20 -51.37
C PRO F 170 24.96 44.19 -50.26
N TYR F 171 23.66 44.43 -50.06
CA TYR F 171 23.19 45.25 -48.93
C TYR F 171 23.53 44.63 -47.57
N ILE F 172 23.23 43.37 -47.41
CA ILE F 172 23.50 42.61 -46.14
C ILE F 172 24.99 42.68 -45.80
N ILE F 173 25.85 42.37 -46.76
CA ILE F 173 27.30 42.40 -46.54
C ILE F 173 27.78 43.76 -46.08
N SER F 174 27.38 44.79 -46.82
CA SER F 174 27.71 46.17 -46.47
C SER F 174 27.20 46.59 -45.09
N TYR F 175 25.92 46.31 -44.83
CA TYR F 175 25.27 46.57 -43.55
C TYR F 175 25.95 45.90 -42.36
N VAL F 176 26.18 44.60 -42.45
CA VAL F 176 26.89 43.84 -41.41
C VAL F 176 28.31 44.37 -41.20
N SER F 177 29.04 44.59 -42.30
CA SER F 177 30.45 45.05 -42.24
C SER F 177 30.66 46.40 -41.51
N LYS F 178 29.65 47.27 -41.58
CA LYS F 178 29.67 48.55 -40.89
C LYS F 178 29.40 48.43 -39.40
N ILE F 179 28.79 47.34 -38.97
CA ILE F 179 28.50 47.09 -37.56
C ILE F 179 29.57 46.17 -36.98
N ILE F 180 29.86 45.07 -37.68
CA ILE F 180 30.78 44.00 -37.27
C ILE F 180 31.76 43.72 -38.39
N THR F 181 33.04 43.97 -38.17
CA THR F 181 34.04 43.59 -39.17
C THR F 181 33.98 42.07 -39.39
N LEU F 182 34.02 41.67 -40.65
CA LEU F 182 33.96 40.28 -41.05
C LEU F 182 35.36 39.85 -41.47
N GLU F 183 35.81 38.71 -40.93
CA GLU F 183 37.09 38.12 -41.29
C GLU F 183 36.89 37.13 -42.39
N GLU F 184 37.97 36.84 -43.14
CA GLU F 184 37.99 35.65 -44.03
C GLU F 184 37.46 34.41 -43.30
N GLY F 185 36.50 33.74 -43.93
CA GLY F 185 35.86 32.54 -43.37
C GLY F 185 34.67 32.72 -42.46
N ASP F 186 34.33 33.97 -42.11
CA ASP F 186 33.05 34.29 -41.52
C ASP F 186 31.93 34.03 -42.54
N ILE F 187 30.79 33.56 -42.02
CA ILE F 187 29.60 33.35 -42.83
C ILE F 187 28.46 34.32 -42.40
N ILE F 188 27.63 34.71 -43.35
CA ILE F 188 26.40 35.42 -43.11
C ILE F 188 25.23 34.58 -43.61
N LEU F 189 24.33 34.21 -42.71
CA LEU F 189 23.12 33.47 -43.05
C LEU F 189 22.07 34.51 -43.46
N THR F 190 21.42 34.31 -44.62
CA THR F 190 20.61 35.38 -45.22
C THR F 190 19.09 35.29 -45.00
N GLY F 191 18.65 34.42 -44.08
CA GLY F 191 17.27 34.30 -43.66
C GLY F 191 16.54 33.13 -44.34
N THR F 192 15.39 32.77 -43.77
CA THR F 192 14.64 31.57 -44.22
C THR F 192 13.37 31.98 -44.96
N PRO F 193 13.03 31.22 -46.02
CA PRO F 193 11.70 31.38 -46.58
C PRO F 193 10.62 30.74 -45.69
N LYS F 194 9.37 30.84 -46.12
CA LYS F 194 8.28 30.25 -45.38
C LYS F 194 8.45 28.70 -45.26
N GLY F 195 7.69 28.13 -44.33
CA GLY F 195 7.60 26.70 -44.14
C GLY F 195 8.41 26.16 -42.96
N VAL F 196 8.80 27.02 -42.02
CA VAL F 196 9.53 26.54 -40.83
C VAL F 196 8.63 25.62 -39.99
N GLY F 197 9.25 24.68 -39.31
CA GLY F 197 8.47 23.71 -38.58
C GLY F 197 9.34 22.82 -37.72
N PRO F 198 8.70 22.08 -36.80
CA PRO F 198 9.44 21.31 -35.82
C PRO F 198 10.06 20.02 -36.36
N VAL F 199 11.14 19.60 -35.71
CA VAL F 199 11.72 18.28 -35.92
C VAL F 199 11.84 17.54 -34.59
N LYS F 200 11.90 16.22 -34.67
CA LYS F 200 12.02 15.40 -33.46
C LYS F 200 13.21 14.48 -33.60
N GLU F 201 13.57 13.83 -32.49
CA GLU F 201 14.68 12.92 -32.46
C GLU F 201 14.53 11.83 -33.51
N ASN F 202 15.63 11.60 -34.21
CA ASN F 202 15.77 10.63 -35.30
C ASN F 202 15.17 11.02 -36.64
N ASP F 203 14.63 12.24 -36.78
CA ASP F 203 14.27 12.75 -38.11
C ASP F 203 15.52 12.90 -38.98
N GLU F 204 15.36 12.63 -40.26
CA GLU F 204 16.41 12.82 -41.24
C GLU F 204 16.05 14.05 -42.07
N ILE F 205 16.92 15.05 -42.05
CA ILE F 205 16.78 16.24 -42.87
C ILE F 205 17.68 16.19 -44.08
N GLU F 206 17.10 16.35 -45.26
CA GLU F 206 17.85 16.49 -46.49
C GLU F 206 17.53 17.87 -47.04
N ALA F 207 18.55 18.56 -47.53
CA ALA F 207 18.34 19.89 -48.05
C ALA F 207 19.36 20.20 -49.12
N GLY F 208 19.02 21.16 -49.97
CA GLY F 208 19.88 21.52 -51.06
C GLY F 208 19.59 22.85 -51.71
N ILE F 209 20.55 23.25 -52.55
CA ILE F 209 20.41 24.30 -53.52
C ILE F 209 20.32 23.57 -54.84
N HIS F 210 19.22 23.78 -55.56
CA HIS F 210 18.97 23.10 -56.85
C HIS F 210 20.17 23.29 -57.78
N GLY F 211 20.70 22.15 -58.24
CA GLY F 211 21.79 22.12 -59.19
C GLY F 211 23.20 22.31 -58.65
N LEU F 212 23.36 22.57 -57.34
CA LEU F 212 24.67 22.98 -56.75
C LEU F 212 25.15 22.15 -55.56
N VAL F 213 24.27 21.85 -54.62
CA VAL F 213 24.69 21.13 -53.41
C VAL F 213 23.50 20.49 -52.72
N SER F 214 23.74 19.35 -52.07
CA SER F 214 22.77 18.82 -51.12
C SER F 214 23.48 18.25 -49.89
N MET F 215 22.70 17.98 -48.87
CA MET F 215 23.24 17.55 -47.56
C MET F 215 22.18 16.84 -46.76
N THR F 216 22.62 15.90 -45.91
CA THR F 216 21.74 15.11 -45.07
C THR F 216 22.24 15.13 -43.62
N PHE F 217 21.28 15.28 -42.70
CA PHE F 217 21.54 15.41 -41.26
C PHE F 217 20.51 14.61 -40.48
N LYS F 218 20.97 13.94 -39.44
CA LYS F 218 20.09 13.28 -38.48
C LYS F 218 19.94 14.13 -37.24
N VAL F 219 18.69 14.22 -36.74
CA VAL F 219 18.39 14.88 -35.48
C VAL F 219 18.62 13.90 -34.31
N GLU F 220 19.50 14.28 -33.40
CA GLU F 220 19.90 13.48 -32.26
C GLU F 220 19.87 14.30 -30.97
N LYS F 221 19.94 13.60 -29.85
CA LYS F 221 20.13 14.21 -28.55
C LYS F 221 21.56 13.92 -28.11
N PRO F 222 22.15 14.82 -27.28
CA PRO F 222 23.51 14.62 -26.81
C PRO F 222 23.71 13.31 -26.04
N GLU F 223 24.75 12.57 -26.43
CA GLU F 223 25.13 11.30 -25.81
C GLU F 223 26.34 11.52 -24.88
N TYR F 224 26.23 12.53 -24.00
CA TYR F 224 27.29 12.88 -23.05
C TYR F 224 26.75 13.59 -21.80
N ALA G 6 -2.09 -1.80 3.21
CA ALA G 6 -0.78 -2.16 2.53
C ALA G 6 -0.93 -1.99 1.01
N SER G 7 -0.34 -2.85 0.16
CA SER G 7 -0.56 -2.72 -1.29
C SER G 7 -1.98 -3.17 -1.73
N ARG G 8 -2.40 -2.61 -2.85
CA ARG G 8 -3.73 -2.90 -3.43
C ARG G 8 -3.50 -3.43 -4.85
N PRO G 9 -4.42 -4.24 -5.37
CA PRO G 9 -4.12 -4.87 -6.63
C PRO G 9 -4.21 -3.96 -7.83
N LEU G 10 -3.33 -4.19 -8.82
CA LEU G 10 -3.42 -3.47 -10.09
C LEU G 10 -4.72 -3.77 -10.83
N SER G 11 -5.36 -4.91 -10.57
CA SER G 11 -6.67 -5.24 -11.16
C SER G 11 -7.78 -4.22 -10.79
N ARG G 12 -7.57 -3.44 -9.73
CA ARG G 12 -8.45 -2.36 -9.30
C ARG G 12 -7.72 -1.03 -9.22
N PHE G 13 -6.77 -0.77 -10.14
CA PHE G 13 -5.89 0.41 -10.05
C PHE G 13 -6.63 1.75 -10.00
N TRP G 14 -7.77 1.84 -10.69
CA TRP G 14 -8.59 3.07 -10.70
C TRP G 14 -9.15 3.46 -9.33
N GLU G 15 -9.30 2.48 -8.42
CA GLU G 15 -9.78 2.72 -7.07
C GLU G 15 -8.76 3.40 -6.17
N TRP G 16 -7.47 3.15 -6.36
CA TRP G 16 -6.45 3.68 -5.48
C TRP G 16 -5.38 4.51 -6.15
N GLY G 17 -5.25 4.41 -7.48
CA GLY G 17 -4.23 5.16 -8.20
C GLY G 17 -4.46 6.69 -8.11
N LYS G 18 -3.32 7.40 -7.98
CA LYS G 18 -3.32 8.83 -7.73
C LYS G 18 -3.41 9.71 -8.96
N ASN G 19 -2.67 9.38 -10.02
CA ASN G 19 -2.43 10.30 -11.14
C ASN G 19 -2.73 9.69 -12.50
N ILE G 20 -3.27 10.54 -13.37
CA ILE G 20 -3.52 10.24 -14.80
C ILE G 20 -2.74 11.29 -15.62
N VAL G 21 -1.84 10.82 -16.49
CA VAL G 21 -1.10 11.63 -17.45
C VAL G 21 -1.51 11.25 -18.87
N CYS G 22 -1.75 12.26 -19.71
CA CYS G 22 -2.26 12.02 -21.06
C CYS G 22 -1.33 12.64 -22.09
N VAL G 23 -1.08 11.87 -23.16
CA VAL G 23 -0.29 12.34 -24.29
C VAL G 23 -1.21 12.89 -25.39
N GLY G 24 -0.81 14.04 -25.93
CA GLY G 24 -1.53 14.58 -27.09
C GLY G 24 -0.73 14.51 -28.35
N ARG G 25 -1.43 14.38 -29.48
CA ARG G 25 -0.84 14.43 -30.83
C ARG G 25 0.14 13.31 -31.12
N ASN G 26 -0.33 12.09 -30.84
CA ASN G 26 0.52 10.91 -31.01
C ASN G 26 0.17 10.02 -32.21
N TYR G 27 -0.86 10.38 -32.98
CA TYR G 27 -1.20 9.62 -34.20
C TYR G 27 -1.35 10.65 -35.31
N ALA G 28 -0.58 10.48 -36.39
CA ALA G 28 -0.49 11.51 -37.45
C ALA G 28 -1.83 11.87 -38.05
N ASP G 29 -2.71 10.88 -38.23
CA ASP G 29 -4.02 11.13 -38.82
C ASP G 29 -4.99 11.85 -37.87
N HIS G 30 -4.81 11.69 -36.56
CA HIS G 30 -5.55 12.54 -35.61
C HIS G 30 -5.07 13.97 -35.64
N VAL G 31 -3.75 14.15 -35.69
CA VAL G 31 -3.16 15.49 -35.78
C VAL G 31 -3.73 16.24 -37.01
N ARG G 32 -3.84 15.54 -38.13
CA ARG G 32 -4.40 16.11 -39.35
C ARG G 32 -5.86 16.54 -39.21
N GLU G 33 -6.70 15.65 -38.67
CA GLU G 33 -8.12 15.99 -38.46
C GLU G 33 -8.31 17.16 -37.47
N MET G 34 -7.42 17.31 -36.48
CA MET G 34 -7.44 18.47 -35.56
C MET G 34 -6.86 19.76 -36.15
N ARG G 35 -6.23 19.63 -37.33
CA ARG G 35 -5.43 20.68 -37.96
C ARG G 35 -4.33 21.25 -37.06
N SER G 36 -3.73 20.40 -36.23
CA SER G 36 -2.61 20.81 -35.39
C SER G 36 -1.30 20.36 -36.00
N ALA G 37 -0.20 20.48 -35.25
CA ALA G 37 1.11 20.00 -35.68
C ALA G 37 1.72 19.20 -34.54
N VAL G 38 2.47 18.16 -34.87
CA VAL G 38 3.32 17.47 -33.89
C VAL G 38 4.51 18.35 -33.56
N LEU G 39 4.82 18.52 -32.27
CA LEU G 39 6.00 19.22 -31.81
C LEU G 39 7.22 18.29 -31.78
N SER G 40 8.32 18.72 -31.20
CA SER G 40 9.49 17.85 -31.04
C SER G 40 9.33 16.82 -29.90
N GLU G 41 8.39 17.08 -28.98
CA GLU G 41 8.11 16.25 -27.84
C GLU G 41 6.61 16.09 -27.67
N PRO G 42 6.18 14.98 -27.03
CA PRO G 42 4.73 14.79 -26.86
C PRO G 42 4.13 15.87 -25.99
N VAL G 43 2.93 16.32 -26.36
CA VAL G 43 2.14 17.22 -25.48
C VAL G 43 1.61 16.43 -24.28
N LEU G 44 1.68 16.98 -23.08
CA LEU G 44 1.16 16.36 -21.86
C LEU G 44 0.09 17.14 -21.15
N PHE G 45 -0.96 16.47 -20.70
CA PHE G 45 -1.93 17.10 -19.76
C PHE G 45 -2.35 16.07 -18.73
N LEU G 46 -3.04 16.53 -17.68
CA LEU G 46 -3.40 15.71 -16.54
C LEU G 46 -4.90 15.59 -16.37
N LYS G 47 -5.29 14.47 -15.78
CA LYS G 47 -6.63 14.29 -15.25
C LYS G 47 -6.54 13.97 -13.78
N PRO G 48 -7.53 14.37 -12.97
CA PRO G 48 -7.55 13.94 -11.59
C PRO G 48 -8.01 12.45 -11.51
N SER G 49 -7.68 11.81 -10.41
CA SER G 49 -8.16 10.43 -10.07
C SER G 49 -9.69 10.25 -10.18
N THR G 50 -10.46 11.31 -9.89
CA THR G 50 -11.90 11.25 -10.05
C THR G 50 -12.42 11.34 -11.50
N ALA G 51 -11.55 11.52 -12.47
CA ALA G 51 -11.88 11.31 -13.89
C ALA G 51 -12.19 9.83 -14.20
N TYR G 52 -11.64 8.91 -13.43
CA TYR G 52 -11.85 7.46 -13.68
C TYR G 52 -13.33 7.07 -13.60
N ALA G 53 -13.80 6.37 -14.61
CA ALA G 53 -15.14 5.78 -14.63
C ALA G 53 -14.97 4.32 -15.00
N PRO G 54 -14.90 3.43 -14.01
CA PRO G 54 -14.75 2.01 -14.36
C PRO G 54 -16.05 1.43 -14.92
N GLU G 55 -15.97 0.26 -15.54
CA GLU G 55 -17.16 -0.38 -16.10
C GLU G 55 -18.24 -0.51 -15.04
N GLY G 56 -19.47 -0.15 -15.42
CA GLY G 56 -20.59 -0.09 -14.48
C GLY G 56 -20.92 1.32 -14.00
N SER G 57 -20.00 2.27 -14.24
CA SER G 57 -20.21 3.69 -13.97
C SER G 57 -20.50 4.41 -15.27
N PRO G 58 -21.29 5.51 -15.23
CA PRO G 58 -21.60 6.23 -16.45
C PRO G 58 -20.48 7.16 -16.92
N ILE G 59 -20.46 7.43 -18.22
CA ILE G 59 -19.83 8.62 -18.76
C ILE G 59 -20.78 9.77 -18.39
N LEU G 60 -20.27 10.81 -17.73
CA LEU G 60 -21.08 11.95 -17.32
C LEU G 60 -20.76 13.15 -18.20
N MET G 61 -21.80 13.69 -18.86
CA MET G 61 -21.65 14.87 -19.70
C MET G 61 -21.60 16.12 -18.83
N PRO G 62 -20.57 16.96 -18.95
CA PRO G 62 -20.64 18.25 -18.19
C PRO G 62 -21.73 19.18 -18.73
N ALA G 63 -22.34 19.98 -17.85
CA ALA G 63 -23.43 20.88 -18.24
C ALA G 63 -22.96 22.01 -19.14
N TYR G 64 -21.65 22.30 -19.11
CA TYR G 64 -21.07 23.42 -19.85
C TYR G 64 -20.59 23.09 -21.28
N THR G 65 -20.78 21.86 -21.74
CA THR G 65 -20.39 21.47 -23.12
C THR G 65 -21.64 21.12 -23.92
N ARG G 66 -21.58 21.41 -25.22
CA ARG G 66 -22.55 20.94 -26.22
C ARG G 66 -21.85 20.09 -27.29
N ASN G 67 -20.61 19.67 -27.02
CA ASN G 67 -19.79 18.95 -28.00
C ASN G 67 -18.77 18.06 -27.24
N LEU G 68 -19.29 17.00 -26.64
CA LEU G 68 -18.48 16.03 -25.88
C LEU G 68 -18.00 14.97 -26.82
N HIS G 69 -16.69 14.83 -26.94
CA HIS G 69 -16.07 13.90 -27.88
C HIS G 69 -15.56 12.64 -27.20
N HIS G 70 -15.67 11.52 -27.90
CA HIS G 70 -14.94 10.31 -27.53
C HIS G 70 -13.51 10.35 -28.12
N GLU G 71 -12.55 9.78 -27.37
CA GLU G 71 -11.17 9.55 -27.83
C GLU G 71 -10.69 8.19 -27.30
N LEU G 72 -10.36 7.30 -28.21
CA LEU G 72 -9.98 5.93 -27.91
C LEU G 72 -8.47 5.82 -27.68
N GLU G 73 -8.04 5.37 -26.50
CA GLU G 73 -6.60 5.34 -26.20
C GLU G 73 -6.15 4.15 -25.38
N LEU G 74 -4.93 3.71 -25.65
CA LEU G 74 -4.28 2.72 -24.81
C LEU G 74 -3.71 3.41 -23.60
N GLY G 75 -4.07 2.90 -22.40
CA GLY G 75 -3.48 3.31 -21.14
C GLY G 75 -2.37 2.36 -20.71
N VAL G 76 -1.26 2.95 -20.28
CA VAL G 76 -0.11 2.22 -19.68
C VAL G 76 -0.07 2.44 -18.17
N VAL G 77 -0.33 1.36 -17.42
CA VAL G 77 -0.36 1.37 -15.95
C VAL G 77 0.99 1.02 -15.37
N MET G 78 1.51 1.89 -14.50
CA MET G 78 2.82 1.72 -13.91
C MET G 78 2.80 0.75 -12.71
N GLY G 79 3.79 -0.14 -12.68
CA GLY G 79 3.91 -1.20 -11.67
C GLY G 79 4.90 -0.90 -10.57
N LYS G 80 5.76 0.09 -10.77
CA LYS G 80 6.80 0.46 -9.79
C LYS G 80 7.08 1.96 -9.93
N ARG G 81 7.49 2.57 -8.83
CA ARG G 81 7.84 4.01 -8.85
C ARG G 81 8.88 4.30 -9.94
N CYS G 82 8.60 5.30 -10.77
CA CYS G 82 9.36 5.57 -12.00
C CYS G 82 9.78 7.03 -12.06
N ARG G 83 11.03 7.26 -11.69
CA ARG G 83 11.63 8.59 -11.65
C ARG G 83 12.81 8.67 -12.63
N ALA G 84 12.67 9.53 -13.64
CA ALA G 84 13.75 9.90 -14.58
C ALA G 84 14.50 8.68 -15.16
N VAL G 85 13.77 7.75 -15.75
CA VAL G 85 14.34 6.50 -16.23
C VAL G 85 14.72 6.60 -17.70
N PRO G 86 15.78 5.89 -18.12
CA PRO G 86 16.09 5.84 -19.56
C PRO G 86 15.07 5.04 -20.37
N GLU G 87 14.99 5.32 -21.67
CA GLU G 87 14.12 4.61 -22.59
C GLU G 87 14.32 3.10 -22.54
N ALA G 88 15.58 2.69 -22.56
CA ALA G 88 15.94 1.26 -22.55
C ALA G 88 15.49 0.50 -21.30
N ALA G 89 15.22 1.19 -20.18
CA ALA G 89 14.74 0.56 -18.97
C ALA G 89 13.24 0.75 -18.72
N ALA G 90 12.53 1.51 -19.56
CA ALA G 90 11.22 2.07 -19.20
C ALA G 90 10.14 1.00 -19.07
N MET G 91 10.17 0.00 -19.95
CA MET G 91 9.24 -1.12 -19.87
C MET G 91 9.31 -1.95 -18.60
N ASP G 92 10.47 -1.99 -17.94
CA ASP G 92 10.59 -2.61 -16.61
C ASP G 92 9.65 -2.02 -15.57
N TYR G 93 9.22 -0.76 -15.76
CA TYR G 93 8.37 -0.05 -14.80
C TYR G 93 6.88 -0.22 -15.05
N VAL G 94 6.52 -0.86 -16.16
CA VAL G 94 5.13 -1.08 -16.53
C VAL G 94 4.57 -2.31 -15.83
N GLY G 95 3.36 -2.19 -15.28
CA GLY G 95 2.62 -3.26 -14.65
C GLY G 95 1.60 -3.89 -15.58
N GLY G 96 1.02 -3.07 -16.45
CA GLY G 96 0.08 -3.58 -17.43
C GLY G 96 -0.62 -2.44 -18.15
N TYR G 97 -1.83 -2.74 -18.63
CA TYR G 97 -2.52 -1.90 -19.56
C TYR G 97 -4.01 -1.81 -19.29
N ALA G 98 -4.61 -0.78 -19.83
CA ALA G 98 -6.04 -0.66 -19.89
C ALA G 98 -6.44 0.22 -21.06
N LEU G 99 -7.65 -0.03 -21.55
CA LEU G 99 -8.22 0.78 -22.61
C LEU G 99 -8.97 1.92 -21.97
N CYS G 100 -8.70 3.14 -22.43
CA CYS G 100 -9.34 4.34 -21.89
C CYS G 100 -10.02 5.12 -22.98
N LEU G 101 -10.99 5.93 -22.56
CA LEU G 101 -11.51 6.99 -23.38
C LEU G 101 -11.10 8.31 -22.72
N ASP G 102 -10.42 9.14 -23.47
CA ASP G 102 -10.15 10.54 -23.09
C ASP G 102 -11.32 11.44 -23.52
N MET G 103 -12.37 11.44 -22.71
CA MET G 103 -13.59 12.18 -23.02
C MET G 103 -13.19 13.65 -22.96
N THR G 104 -13.66 14.43 -23.95
CA THR G 104 -13.14 15.77 -24.20
C THR G 104 -14.29 16.70 -24.52
N ALA G 105 -14.42 17.80 -23.78
CA ALA G 105 -15.36 18.85 -24.17
C ALA G 105 -14.66 19.73 -25.23
N ARG G 106 -14.94 19.44 -26.50
CA ARG G 106 -14.20 20.01 -27.62
C ARG G 106 -14.40 21.52 -27.83
N ASP G 107 -15.64 21.99 -27.67
CA ASP G 107 -15.97 23.43 -27.66
C ASP G 107 -15.19 24.21 -26.59
N VAL G 108 -15.14 23.65 -25.37
CA VAL G 108 -14.35 24.23 -24.26
C VAL G 108 -12.86 24.20 -24.59
N GLN G 109 -12.38 23.11 -25.18
CA GLN G 109 -10.98 23.04 -25.57
C GLN G 109 -10.59 24.11 -26.60
N ASP G 110 -11.46 24.34 -27.59
CA ASP G 110 -11.20 25.38 -28.60
C ASP G 110 -11.05 26.77 -27.95
N GLU G 111 -11.89 27.05 -26.97
CA GLU G 111 -11.85 28.34 -26.27
C GLU G 111 -10.56 28.46 -25.45
N CYS G 112 -10.19 27.40 -24.74
CA CYS G 112 -8.94 27.34 -23.94
C CYS G 112 -7.68 27.59 -24.73
N LYS G 113 -7.56 26.93 -25.89
CA LYS G 113 -6.46 27.17 -26.81
C LYS G 113 -6.39 28.63 -27.26
N LYS G 114 -7.55 29.19 -27.61
CA LYS G 114 -7.66 30.55 -28.12
C LYS G 114 -7.26 31.59 -27.06
N LYS G 115 -7.66 31.34 -25.82
CA LYS G 115 -7.44 32.28 -24.71
C LYS G 115 -6.16 31.96 -23.90
N GLY G 116 -5.41 30.92 -24.28
CA GLY G 116 -4.23 30.50 -23.53
C GLY G 116 -4.52 30.08 -22.10
N LEU G 117 -5.59 29.34 -21.91
CA LEU G 117 -6.03 28.90 -20.58
C LEU G 117 -5.67 27.42 -20.43
N PRO G 118 -5.67 26.93 -19.16
CA PRO G 118 -5.47 25.52 -18.97
C PRO G 118 -6.57 24.69 -19.60
N TRP G 119 -6.21 23.45 -19.94
CA TRP G 119 -7.12 22.54 -20.61
C TRP G 119 -8.05 21.80 -19.64
N THR G 120 -7.95 22.10 -18.33
CA THR G 120 -8.77 21.48 -17.31
C THR G 120 -10.26 21.22 -17.52
N LEU G 121 -11.07 22.24 -17.83
CA LEU G 121 -12.50 22.02 -18.03
C LEU G 121 -12.79 21.21 -19.31
N ALA G 122 -11.86 21.24 -20.26
CA ALA G 122 -12.02 20.50 -21.48
C ALA G 122 -11.70 19.01 -21.31
N LYS G 123 -10.78 18.69 -20.41
CA LYS G 123 -10.19 17.36 -20.36
C LYS G 123 -10.22 16.64 -19.03
N SER G 124 -10.57 17.31 -17.94
CA SER G 124 -10.13 16.82 -16.61
C SER G 124 -11.28 16.75 -15.62
N PHE G 125 -12.50 16.69 -16.14
CA PHE G 125 -13.71 16.68 -15.34
C PHE G 125 -14.02 15.24 -14.83
N THR G 126 -14.93 15.16 -13.88
CA THR G 126 -15.45 13.94 -13.28
C THR G 126 -15.96 12.98 -14.36
N ALA G 127 -15.51 11.73 -14.29
CA ALA G 127 -15.89 10.70 -15.27
C ALA G 127 -15.39 10.97 -16.71
N SER G 128 -14.32 11.76 -16.87
CA SER G 128 -13.68 12.00 -18.18
C SER G 128 -12.69 10.93 -18.64
N CYS G 129 -12.48 9.89 -17.81
CA CYS G 129 -11.62 8.72 -18.12
C CYS G 129 -12.32 7.37 -17.86
N PRO G 130 -13.28 7.03 -18.71
CA PRO G 130 -13.75 5.64 -18.78
C PRO G 130 -12.60 4.69 -19.00
N VAL G 131 -12.58 3.58 -18.26
CA VAL G 131 -11.45 2.69 -18.18
C VAL G 131 -11.90 1.23 -18.13
N SER G 132 -11.25 0.39 -18.93
CA SER G 132 -11.52 -1.06 -18.97
C SER G 132 -10.95 -1.80 -17.77
N ALA G 133 -11.21 -3.11 -17.72
CA ALA G 133 -10.42 -4.01 -16.89
C ALA G 133 -8.91 -3.91 -17.16
N PHE G 134 -8.13 -4.13 -16.10
CA PHE G 134 -6.69 -4.19 -16.18
C PHE G 134 -6.25 -5.38 -16.97
N VAL G 135 -5.34 -5.16 -17.91
CA VAL G 135 -4.66 -6.22 -18.65
C VAL G 135 -3.22 -6.35 -18.19
N PRO G 136 -2.90 -7.47 -17.50
CA PRO G 136 -1.51 -7.67 -17.07
C PRO G 136 -0.51 -7.62 -18.20
N LYS G 137 0.68 -7.11 -17.90
CA LYS G 137 1.75 -6.96 -18.89
C LYS G 137 2.09 -8.27 -19.63
N GLU G 138 2.03 -9.40 -18.92
CA GLU G 138 2.30 -10.75 -19.51
C GLU G 138 1.43 -11.04 -20.74
N LYS G 139 0.23 -10.51 -20.79
CA LYS G 139 -0.66 -10.70 -21.95
C LYS G 139 -0.36 -9.81 -23.16
N ILE G 140 0.52 -8.81 -23.01
CA ILE G 140 0.86 -7.88 -24.07
C ILE G 140 2.40 -7.80 -24.14
N PRO G 141 3.03 -8.75 -24.88
CA PRO G 141 4.49 -8.68 -25.08
C PRO G 141 4.94 -7.47 -25.92
N ASP G 142 4.10 -7.02 -26.85
CA ASP G 142 4.37 -5.82 -27.63
C ASP G 142 3.13 -4.92 -27.70
N PRO G 143 3.13 -3.85 -26.88
CA PRO G 143 2.02 -2.91 -26.93
C PRO G 143 1.91 -2.07 -28.21
N HIS G 144 2.92 -2.09 -29.09
CA HIS G 144 2.87 -1.46 -30.42
C HIS G 144 2.41 -2.40 -31.53
N LYS G 145 1.77 -3.50 -31.16
CA LYS G 145 1.11 -4.36 -32.15
C LYS G 145 -0.35 -4.64 -31.78
N LEU G 146 -1.04 -3.65 -31.25
CA LEU G 146 -2.43 -3.81 -30.84
C LEU G 146 -3.37 -3.10 -31.79
N LYS G 147 -4.57 -3.63 -31.90
CA LYS G 147 -5.63 -2.98 -32.66
C LYS G 147 -6.74 -2.55 -31.72
N LEU G 148 -7.07 -1.27 -31.80
CA LEU G 148 -8.12 -0.66 -30.98
C LEU G 148 -9.35 -0.38 -31.80
N TRP G 149 -10.53 -0.54 -31.20
CA TRP G 149 -11.80 -0.19 -31.86
C TRP G 149 -12.82 0.45 -30.91
N LEU G 150 -13.73 1.22 -31.47
CA LEU G 150 -14.76 1.89 -30.72
C LEU G 150 -16.01 2.01 -31.56
N LYS G 151 -17.15 1.65 -30.96
CA LYS G 151 -18.48 1.79 -31.56
C LYS G 151 -19.36 2.74 -30.76
N VAL G 152 -20.19 3.50 -31.45
CA VAL G 152 -21.26 4.26 -30.83
C VAL G 152 -22.61 3.74 -31.32
N ASN G 153 -23.43 3.26 -30.40
CA ASN G 153 -24.73 2.64 -30.73
C ASN G 153 -24.59 1.55 -31.82
N GLY G 154 -23.59 0.70 -31.67
CA GLY G 154 -23.33 -0.40 -32.62
C GLY G 154 -22.55 -0.05 -33.90
N GLU G 155 -22.34 1.22 -34.18
CA GLU G 155 -21.63 1.65 -35.40
C GLU G 155 -20.16 1.97 -35.10
N LEU G 156 -19.26 1.34 -35.86
CA LEU G 156 -17.84 1.60 -35.75
C LEU G 156 -17.51 3.05 -36.10
N ARG G 157 -16.80 3.73 -35.20
CA ARG G 157 -16.41 5.15 -35.36
C ARG G 157 -14.90 5.41 -35.29
N GLN G 158 -14.17 4.63 -34.49
CA GLN G 158 -12.72 4.75 -34.37
C GLN G 158 -12.11 3.39 -34.42
N GLU G 159 -11.00 3.31 -35.13
CA GLU G 159 -10.12 2.17 -35.11
C GLU G 159 -8.71 2.68 -35.20
N GLY G 160 -7.78 1.98 -34.58
CA GLY G 160 -6.39 2.37 -34.64
C GLY G 160 -5.45 1.22 -34.37
N GLU G 161 -4.23 1.41 -34.83
CA GLU G 161 -3.16 0.46 -34.65
C GLU G 161 -2.12 1.19 -33.84
N THR G 162 -1.71 0.59 -32.73
CA THR G 162 -0.70 1.19 -31.86
C THR G 162 0.69 1.24 -32.49
N SER G 163 0.93 0.49 -33.56
CA SER G 163 2.11 0.69 -34.38
C SER G 163 2.22 2.08 -35.01
N SER G 164 1.11 2.81 -35.15
CA SER G 164 1.10 4.17 -35.70
C SER G 164 1.50 5.30 -34.75
N MET G 165 1.81 4.98 -33.46
CA MET G 165 2.23 6.01 -32.50
C MET G 165 3.49 6.74 -32.95
N ILE G 166 3.47 8.07 -32.89
CA ILE G 166 4.60 8.88 -33.30
C ILE G 166 5.75 8.75 -32.28
N PHE G 167 5.39 8.85 -31.00
CA PHE G 167 6.31 8.57 -29.89
C PHE G 167 5.96 7.23 -29.29
N SER G 168 6.95 6.39 -29.12
CA SER G 168 6.78 5.02 -28.59
C SER G 168 6.50 5.10 -27.10
N ILE G 169 5.95 4.03 -26.56
CA ILE G 169 5.66 3.87 -25.14
C ILE G 169 6.94 3.99 -24.29
N PRO G 170 8.06 3.30 -24.65
CA PRO G 170 9.27 3.54 -23.87
C PRO G 170 9.77 4.99 -23.85
N TYR G 171 9.61 5.70 -24.99
CA TYR G 171 9.94 7.13 -25.09
C TYR G 171 9.04 7.96 -24.17
N ILE G 172 7.73 7.74 -24.26
CA ILE G 172 6.74 8.48 -23.46
C ILE G 172 7.04 8.30 -21.95
N ILE G 173 7.24 7.07 -21.50
CA ILE G 173 7.52 6.78 -20.10
C ILE G 173 8.74 7.50 -19.62
N SER G 174 9.84 7.37 -20.38
CA SER G 174 11.09 8.05 -20.06
C SER G 174 10.94 9.58 -20.00
N TYR G 175 10.32 10.15 -21.06
CA TYR G 175 10.01 11.58 -21.11
C TYR G 175 9.17 12.10 -19.93
N VAL G 176 8.03 11.46 -19.67
CA VAL G 176 7.15 11.82 -18.56
C VAL G 176 7.87 11.69 -17.22
N SER G 177 8.59 10.59 -17.01
CA SER G 177 9.29 10.31 -15.74
C SER G 177 10.34 11.35 -15.35
N LYS G 178 10.95 11.99 -16.36
CA LYS G 178 11.92 13.07 -16.15
C LYS G 178 11.27 14.38 -15.76
N ILE G 179 9.99 14.54 -16.07
CA ILE G 179 9.23 15.76 -15.72
C ILE G 179 8.43 15.52 -14.46
N ILE G 180 7.71 14.40 -14.40
CA ILE G 180 6.77 14.03 -13.32
C ILE G 180 7.10 12.61 -12.88
N THR G 181 7.54 12.44 -11.63
CA THR G 181 7.68 11.10 -11.09
C THR G 181 6.33 10.37 -11.12
N LEU G 182 6.38 9.12 -11.58
CA LEU G 182 5.20 8.27 -11.69
C LEU G 182 5.22 7.27 -10.55
N GLU G 183 4.10 7.14 -9.84
CA GLU G 183 3.95 6.17 -8.76
C GLU G 183 3.35 4.90 -9.33
N GLU G 184 3.58 3.77 -8.63
CA GLU G 184 2.74 2.58 -8.81
C GLU G 184 1.24 2.93 -8.92
N GLY G 185 0.61 2.44 -9.99
CA GLY G 185 -0.80 2.69 -10.26
C GLY G 185 -1.21 3.94 -11.00
N ASP G 186 -0.25 4.82 -11.26
CA ASP G 186 -0.41 5.91 -12.23
C ASP G 186 -0.58 5.31 -13.64
N ILE G 187 -1.41 5.95 -14.43
CA ILE G 187 -1.64 5.58 -15.83
C ILE G 187 -1.13 6.71 -16.75
N ILE G 188 -0.64 6.32 -17.94
CA ILE G 188 -0.34 7.23 -19.02
C ILE G 188 -1.24 6.86 -20.20
N LEU G 189 -2.07 7.79 -20.63
CA LEU G 189 -2.90 7.62 -21.83
C LEU G 189 -2.05 8.04 -23.02
N THR G 190 -1.98 7.19 -24.05
CA THR G 190 -0.98 7.38 -25.11
C THR G 190 -1.45 8.03 -26.42
N GLY G 191 -2.64 8.62 -26.39
CA GLY G 191 -3.20 9.42 -27.49
C GLY G 191 -4.20 8.62 -28.32
N THR G 192 -4.97 9.35 -29.12
CA THR G 192 -6.08 8.78 -29.89
C THR G 192 -5.74 8.72 -31.37
N PRO G 193 -6.16 7.64 -32.05
CA PRO G 193 -6.12 7.67 -33.50
C PRO G 193 -7.24 8.56 -34.09
N LYS G 194 -7.28 8.67 -35.42
CA LYS G 194 -8.31 9.47 -36.05
C LYS G 194 -9.73 8.92 -35.74
N GLY G 195 -10.74 9.76 -36.01
CA GLY G 195 -12.13 9.42 -35.92
C GLY G 195 -12.84 9.93 -34.67
N VAL G 196 -12.28 10.92 -33.99
CA VAL G 196 -12.95 11.51 -32.82
C VAL G 196 -14.27 12.17 -33.23
N GLY G 197 -15.23 12.18 -32.34
CA GLY G 197 -16.54 12.69 -32.69
C GLY G 197 -17.44 12.77 -31.49
N PRO G 198 -18.58 13.46 -31.64
CA PRO G 198 -19.45 13.74 -30.50
C PRO G 198 -20.31 12.56 -30.05
N VAL G 199 -20.67 12.59 -28.78
CA VAL G 199 -21.68 11.70 -28.22
C VAL G 199 -22.76 12.52 -27.53
N LYS G 200 -23.95 11.92 -27.41
CA LYS G 200 -25.07 12.59 -26.76
C LYS G 200 -25.61 11.70 -25.67
N GLU G 201 -26.49 12.27 -24.85
CA GLU G 201 -27.10 11.55 -23.76
C GLU G 201 -27.80 10.29 -24.26
N ASN G 202 -27.55 9.21 -23.51
CA ASN G 202 -28.06 7.86 -23.77
C ASN G 202 -27.37 7.07 -24.89
N ASP G 203 -26.33 7.62 -25.53
CA ASP G 203 -25.49 6.82 -26.43
C ASP G 203 -24.79 5.70 -25.64
N GLU G 204 -24.63 4.56 -26.32
CA GLU G 204 -23.89 3.45 -25.79
C GLU G 204 -22.55 3.40 -26.52
N ILE G 205 -21.46 3.49 -25.76
CA ILE G 205 -20.11 3.32 -26.31
C ILE G 205 -19.56 1.95 -25.97
N GLU G 206 -19.15 1.21 -27.00
CA GLU G 206 -18.47 -0.05 -26.82
C GLU G 206 -17.08 0.12 -27.41
N ALA G 207 -16.08 -0.40 -26.71
CA ALA G 207 -14.72 -0.27 -27.21
C ALA G 207 -13.87 -1.41 -26.73
N GLY G 208 -12.79 -1.66 -27.45
CA GLY G 208 -11.92 -2.78 -27.11
C GLY G 208 -10.56 -2.74 -27.73
N ILE G 209 -9.71 -3.64 -27.22
CA ILE G 209 -8.45 -4.02 -27.81
C ILE G 209 -8.71 -5.41 -28.37
N HIS G 210 -8.54 -5.57 -29.67
CA HIS G 210 -8.79 -6.85 -30.34
C HIS G 210 -8.06 -8.00 -29.65
N GLY G 211 -8.85 -9.00 -29.27
CA GLY G 211 -8.32 -10.21 -28.67
C GLY G 211 -8.01 -10.16 -27.20
N LEU G 212 -8.19 -9.00 -26.54
CA LEU G 212 -7.73 -8.81 -25.13
C LEU G 212 -8.81 -8.29 -24.15
N VAL G 213 -9.58 -7.28 -24.56
CA VAL G 213 -10.52 -6.64 -23.66
C VAL G 213 -11.58 -5.86 -24.42
N SER G 214 -12.78 -5.79 -23.85
CA SER G 214 -13.76 -4.82 -24.29
C SER G 214 -14.50 -4.22 -23.11
N MET G 215 -15.26 -3.17 -23.39
CA MET G 215 -15.98 -2.40 -22.37
C MET G 215 -17.16 -1.70 -22.99
N THR G 216 -18.20 -1.50 -22.18
CA THR G 216 -19.40 -0.76 -22.58
C THR G 216 -19.73 0.31 -21.55
N PHE G 217 -20.09 1.50 -22.05
CA PHE G 217 -20.42 2.67 -21.25
C PHE G 217 -21.65 3.36 -21.82
N LYS G 218 -22.53 3.81 -20.94
CA LYS G 218 -23.64 4.65 -21.30
C LYS G 218 -23.30 6.12 -20.98
N VAL G 219 -23.66 7.00 -21.92
CA VAL G 219 -23.54 8.44 -21.71
C VAL G 219 -24.78 8.97 -20.97
N GLU G 220 -24.53 9.59 -19.81
CA GLU G 220 -25.57 10.10 -18.94
C GLU G 220 -25.25 11.53 -18.51
N LYS G 221 -26.28 12.19 -17.95
CA LYS G 221 -26.09 13.48 -17.28
C LYS G 221 -26.17 13.24 -15.77
N PRO G 222 -25.44 14.04 -14.97
CA PRO G 222 -25.55 13.86 -13.51
C PRO G 222 -26.77 14.59 -13.00
N ARG H 8 -27.43 -44.71 53.21
CA ARG H 8 -26.11 -44.04 53.35
C ARG H 8 -26.34 -42.60 53.82
N PRO H 9 -25.37 -42.05 54.55
CA PRO H 9 -25.66 -40.75 55.16
C PRO H 9 -25.58 -39.58 54.17
N LEU H 10 -26.42 -38.57 54.42
CA LEU H 10 -26.33 -37.33 53.65
C LEU H 10 -25.01 -36.60 53.83
N SER H 11 -24.32 -36.83 54.95
CA SER H 11 -22.96 -36.28 55.17
C SER H 11 -21.93 -36.70 54.10
N ARG H 12 -22.21 -37.79 53.39
CA ARG H 12 -21.41 -38.25 52.27
C ARG H 12 -22.21 -38.39 50.98
N PHE H 13 -23.15 -37.47 50.75
CA PHE H 13 -24.11 -37.59 49.64
C PHE H 13 -23.48 -37.74 48.25
N TRP H 14 -22.35 -37.07 48.04
CA TRP H 14 -21.61 -37.13 46.76
C TRP H 14 -21.12 -38.53 46.40
N GLU H 15 -20.91 -39.39 47.40
CA GLU H 15 -20.46 -40.77 47.19
C GLU H 15 -21.54 -41.68 46.61
N TRP H 16 -22.80 -41.45 46.97
CA TRP H 16 -23.87 -42.35 46.54
C TRP H 16 -24.98 -41.67 45.73
N GLY H 17 -25.08 -40.33 45.79
CA GLY H 17 -26.12 -39.64 45.08
C GLY H 17 -26.03 -39.77 43.56
N LYS H 18 -27.20 -39.90 42.92
CA LYS H 18 -27.27 -40.19 41.48
C LYS H 18 -27.20 -39.01 40.54
N ASN H 19 -27.89 -37.93 40.87
CA ASN H 19 -28.18 -36.84 39.89
C ASN H 19 -27.81 -35.46 40.45
N ILE H 20 -27.30 -34.63 39.56
CA ILE H 20 -27.02 -33.20 39.79
C ILE H 20 -27.83 -32.40 38.75
N VAL H 21 -28.69 -31.52 39.24
CA VAL H 21 -29.47 -30.57 38.44
C VAL H 21 -29.01 -29.15 38.73
N CYS H 22 -28.81 -28.35 37.69
CA CYS H 22 -28.29 -27.00 37.81
C CYS H 22 -29.24 -25.99 37.22
N VAL H 23 -29.42 -24.89 37.95
CA VAL H 23 -30.18 -23.74 37.49
C VAL H 23 -29.27 -22.70 36.83
N GLY H 24 -29.73 -22.19 35.70
CA GLY H 24 -29.03 -21.08 35.06
C GLY H 24 -29.83 -19.80 35.12
N ARG H 25 -29.13 -18.67 35.10
CA ARG H 25 -29.74 -17.33 35.00
C ARG H 25 -30.62 -16.95 36.20
N ASN H 26 -30.08 -17.18 37.41
CA ASN H 26 -30.80 -16.94 38.62
C ASN H 26 -30.33 -15.68 39.41
N TYR H 27 -29.31 -14.98 38.93
CA TYR H 27 -28.85 -13.73 39.57
C TYR H 27 -28.79 -12.69 38.47
N ALA H 28 -29.53 -11.58 38.63
CA ALA H 28 -29.69 -10.59 37.55
C ALA H 28 -28.35 -10.04 37.06
N ASP H 29 -27.42 -9.79 37.97
CA ASP H 29 -26.10 -9.26 37.61
C ASP H 29 -25.21 -10.27 36.90
N HIS H 30 -25.40 -11.58 37.14
CA HIS H 30 -24.72 -12.58 36.29
C HIS H 30 -25.29 -12.60 34.89
N VAL H 31 -26.61 -12.54 34.79
CA VAL H 31 -27.28 -12.49 33.48
C VAL H 31 -26.75 -11.32 32.64
N ARG H 32 -26.58 -10.15 33.28
CA ARG H 32 -26.03 -8.97 32.62
C ARG H 32 -24.60 -9.16 32.12
N GLU H 33 -23.71 -9.70 32.97
CA GLU H 33 -22.32 -9.94 32.55
C GLU H 33 -22.23 -10.99 31.41
N MET H 34 -23.15 -11.95 31.36
CA MET H 34 -23.22 -12.91 30.23
C MET H 34 -23.87 -12.36 28.97
N ARG H 35 -24.45 -11.17 29.08
CA ARG H 35 -25.30 -10.54 28.07
C ARG H 35 -26.45 -11.42 27.59
N SER H 36 -27.04 -12.19 28.50
CA SER H 36 -28.27 -12.91 28.18
C SER H 36 -29.49 -12.13 28.68
N ALA H 37 -30.65 -12.78 28.62
CA ALA H 37 -31.89 -12.25 29.16
C ALA H 37 -32.57 -13.28 30.04
N VAL H 38 -33.20 -12.80 31.11
CA VAL H 38 -33.85 -13.69 32.08
C VAL H 38 -35.15 -14.22 31.50
N LEU H 39 -35.36 -15.53 31.57
CA LEU H 39 -36.58 -16.11 30.93
C LEU H 39 -37.69 -16.13 31.98
N SER H 40 -38.85 -16.65 31.61
CA SER H 40 -39.96 -16.79 32.57
C SER H 40 -39.78 -17.98 33.53
N GLU H 41 -38.90 -18.90 33.18
CA GLU H 41 -38.60 -20.07 34.01
C GLU H 41 -37.11 -20.28 34.07
N PRO H 42 -36.61 -20.92 35.16
CA PRO H 42 -35.16 -21.14 35.24
C PRO H 42 -34.70 -22.07 34.11
N VAL H 43 -33.54 -21.79 33.54
CA VAL H 43 -32.82 -22.72 32.68
C VAL H 43 -32.30 -23.91 33.53
N LEU H 44 -32.48 -25.14 33.03
CA LEU H 44 -31.97 -26.34 33.71
C LEU H 44 -30.98 -27.13 32.87
N PHE H 45 -29.88 -27.53 33.49
CA PHE H 45 -28.99 -28.53 32.82
C PHE H 45 -28.52 -29.51 33.88
N LEU H 46 -27.89 -30.61 33.42
CA LEU H 46 -27.48 -31.71 34.24
C LEU H 46 -25.99 -31.92 34.26
N LYS H 47 -25.53 -32.47 35.37
CA LYS H 47 -24.19 -32.99 35.49
C LYS H 47 -24.30 -34.45 35.92
N PRO H 48 -23.33 -35.29 35.48
CA PRO H 48 -23.34 -36.66 35.92
C PRO H 48 -22.79 -36.75 37.37
N SER H 49 -23.09 -37.83 38.07
CA SER H 49 -22.54 -38.10 39.45
C SER H 49 -21.00 -38.00 39.52
N THR H 50 -20.31 -38.35 38.42
CA THR H 50 -18.87 -38.19 38.35
C THR H 50 -18.33 -36.78 38.20
N ALA H 51 -19.20 -35.79 38.04
CA ALA H 51 -18.84 -34.36 38.14
C ALA H 51 -18.41 -34.01 39.59
N TYR H 52 -18.92 -34.73 40.58
CA TYR H 52 -18.60 -34.42 41.98
C TYR H 52 -17.10 -34.54 42.29
N ALA H 53 -16.55 -33.49 42.91
CA ALA H 53 -15.19 -33.50 43.41
C ALA H 53 -15.27 -33.05 44.86
N PRO H 54 -15.30 -34.01 45.80
CA PRO H 54 -15.32 -33.58 47.19
C PRO H 54 -13.96 -33.03 47.64
N GLU H 55 -13.94 -32.36 48.79
CA GLU H 55 -12.68 -31.82 49.29
C GLU H 55 -11.60 -32.91 49.36
N GLY H 56 -10.41 -32.55 48.89
CA GLY H 56 -9.30 -33.49 48.75
C GLY H 56 -9.11 -34.00 47.34
N SER H 57 -10.11 -33.81 46.47
CA SER H 57 -10.03 -34.17 45.06
C SER H 57 -9.81 -32.92 44.23
N PRO H 58 -9.11 -33.04 43.09
CA PRO H 58 -8.82 -31.87 42.28
C PRO H 58 -9.99 -31.41 41.41
N ILE H 59 -9.99 -30.13 41.07
CA ILE H 59 -10.71 -29.63 39.90
C ILE H 59 -9.86 -30.08 38.71
N LEU H 60 -10.48 -30.76 37.74
CA LEU H 60 -9.76 -31.23 36.55
C LEU H 60 -10.11 -30.43 35.32
N MET H 61 -9.11 -29.80 34.71
CA MET H 61 -9.30 -28.94 33.53
C MET H 61 -9.41 -29.88 32.30
N PRO H 62 -10.51 -29.77 31.52
CA PRO H 62 -10.55 -30.56 30.27
C PRO H 62 -9.52 -30.07 29.24
N ALA H 63 -9.01 -31.00 28.42
CA ALA H 63 -7.99 -30.68 27.43
C ALA H 63 -8.51 -29.80 26.30
N TYR H 64 -9.82 -29.75 26.12
CA TYR H 64 -10.48 -29.04 25.03
C TYR H 64 -10.89 -27.60 25.35
N THR H 65 -10.57 -27.10 26.56
CA THR H 65 -10.92 -25.71 26.94
C THR H 65 -9.63 -24.92 27.17
N ARG H 66 -9.70 -23.63 26.81
CA ARG H 66 -8.67 -22.63 27.17
C ARG H 66 -9.30 -21.52 28.02
N ASN H 67 -10.50 -21.76 28.55
CA ASN H 67 -11.28 -20.74 29.28
C ASN H 67 -12.22 -21.43 30.26
N LEU H 68 -11.62 -22.01 31.30
CA LEU H 68 -12.34 -22.74 32.35
C LEU H 68 -12.72 -21.72 33.41
N HIS H 69 -14.02 -21.58 33.65
CA HIS H 69 -14.54 -20.58 34.58
C HIS H 69 -14.96 -21.20 35.91
N HIS H 70 -14.74 -20.44 36.98
CA HIS H 70 -15.40 -20.72 38.25
C HIS H 70 -16.82 -20.12 38.29
N GLU H 71 -17.73 -20.81 38.96
CA GLU H 71 -19.07 -20.34 39.29
C GLU H 71 -19.46 -20.79 40.70
N LEU H 72 -19.72 -19.83 41.56
CA LEU H 72 -20.00 -20.07 42.97
C LEU H 72 -21.50 -20.25 43.20
N GLU H 73 -21.92 -21.41 43.74
CA GLU H 73 -23.37 -21.68 43.88
C GLU H 73 -23.75 -22.43 45.12
N LEU H 74 -24.94 -22.11 45.64
CA LEU H 74 -25.52 -22.87 46.73
C LEU H 74 -26.16 -24.11 46.14
N GLY H 75 -25.80 -25.29 46.67
CA GLY H 75 -26.48 -26.55 46.38
C GLY H 75 -27.53 -26.89 47.41
N VAL H 76 -28.69 -27.33 46.94
CA VAL H 76 -29.79 -27.87 47.77
C VAL H 76 -29.88 -29.39 47.62
N VAL H 77 -29.56 -30.09 48.71
CA VAL H 77 -29.54 -31.56 48.75
C VAL H 77 -30.89 -32.09 49.23
N MET H 78 -31.47 -32.99 48.43
CA MET H 78 -32.76 -33.57 48.74
C MET H 78 -32.67 -34.71 49.77
N GLY H 79 -33.60 -34.68 50.74
CA GLY H 79 -33.65 -35.63 51.85
C GLY H 79 -34.68 -36.75 51.66
N LYS H 80 -35.61 -36.58 50.72
CA LYS H 80 -36.58 -37.61 50.42
C LYS H 80 -37.00 -37.51 48.96
N ARG H 81 -37.46 -38.62 48.38
CA ARG H 81 -37.91 -38.65 46.99
C ARG H 81 -38.98 -37.54 46.75
N CYS H 82 -38.77 -36.76 45.69
CA CYS H 82 -39.53 -35.53 45.43
C CYS H 82 -40.07 -35.52 44.01
N ARG H 83 -41.34 -35.90 43.90
CA ARG H 83 -42.02 -35.95 42.60
C ARG H 83 -43.18 -34.95 42.55
N ALA H 84 -43.08 -33.99 41.64
CA ALA H 84 -44.16 -33.03 41.29
C ALA H 84 -44.82 -32.39 42.52
N VAL H 85 -44.03 -31.78 43.37
CA VAL H 85 -44.51 -31.23 44.64
C VAL H 85 -44.85 -29.75 44.47
N PRO H 86 -45.87 -29.27 45.21
CA PRO H 86 -46.15 -27.82 45.19
C PRO H 86 -45.07 -27.01 45.92
N GLU H 87 -44.98 -25.73 45.61
CA GLU H 87 -44.04 -24.81 46.23
C GLU H 87 -44.15 -24.82 47.76
N ALA H 88 -45.38 -24.77 48.26
CA ALA H 88 -45.62 -24.72 49.72
C ALA H 88 -45.14 -25.97 50.49
N ALA H 89 -44.96 -27.10 49.80
CA ALA H 89 -44.47 -28.31 50.42
C ALA H 89 -42.98 -28.59 50.14
N ALA H 90 -42.31 -27.79 49.30
CA ALA H 90 -41.03 -28.15 48.71
C ALA H 90 -39.89 -28.26 49.74
N MET H 91 -39.87 -27.35 50.72
CA MET H 91 -38.87 -27.40 51.78
C MET H 91 -38.92 -28.63 52.65
N ASP H 92 -40.09 -29.28 52.79
CA ASP H 92 -40.20 -30.56 53.49
C ASP H 92 -39.29 -31.64 52.88
N TYR H 93 -38.95 -31.52 51.59
CA TYR H 93 -38.16 -32.52 50.88
C TYR H 93 -36.65 -32.27 50.92
N VAL H 94 -36.24 -31.14 51.48
CA VAL H 94 -34.84 -30.76 51.56
C VAL H 94 -34.20 -31.41 52.80
N GLY H 95 -33.01 -31.97 52.60
CA GLY H 95 -32.21 -32.56 53.67
C GLY H 95 -31.15 -31.60 54.18
N GLY H 96 -30.60 -30.81 53.28
CA GLY H 96 -29.60 -29.83 53.65
C GLY H 96 -28.97 -29.19 52.45
N TYR H 97 -27.74 -28.75 52.63
CA TYR H 97 -27.07 -27.88 51.68
C TYR H 97 -25.61 -28.21 51.51
N ALA H 98 -25.08 -27.76 50.38
CA ALA H 98 -23.65 -27.72 50.18
C ALA H 98 -23.29 -26.58 49.24
N LEU H 99 -22.07 -26.10 49.40
CA LEU H 99 -21.53 -25.10 48.49
C LEU H 99 -20.88 -25.81 47.33
N CYS H 100 -21.22 -25.40 46.11
CA CYS H 100 -20.66 -26.00 44.91
C CYS H 100 -20.02 -24.98 44.03
N LEU H 101 -19.11 -25.46 43.17
CA LEU H 101 -18.64 -24.70 42.05
C LEU H 101 -19.14 -25.39 40.78
N ASP H 102 -19.85 -24.66 39.96
CA ASP H 102 -20.26 -25.11 38.61
C ASP H 102 -19.15 -24.74 37.60
N MET H 103 -18.11 -25.57 37.55
CA MET H 103 -16.95 -25.31 36.72
C MET H 103 -17.44 -25.43 35.28
N THR H 104 -17.03 -24.50 34.44
CA THR H 104 -17.65 -24.29 33.10
C THR H 104 -16.59 -24.05 32.07
N ALA H 105 -16.56 -24.84 31.00
CA ALA H 105 -15.73 -24.49 29.85
C ALA H 105 -16.48 -23.46 28.99
N ARG H 106 -16.15 -22.18 29.21
CA ARG H 106 -16.92 -21.08 28.66
C ARG H 106 -16.84 -20.93 27.11
N ASP H 107 -15.63 -21.13 26.56
CA ASP H 107 -15.42 -21.19 25.10
C ASP H 107 -16.29 -22.30 24.43
N VAL H 108 -16.32 -23.47 25.04
CA VAL H 108 -17.17 -24.58 24.57
C VAL H 108 -18.65 -24.22 24.70
N GLN H 109 -19.02 -23.60 25.81
CA GLN H 109 -20.42 -23.19 25.98
C GLN H 109 -20.87 -22.18 24.91
N ASP H 110 -20.01 -21.23 24.56
CA ASP H 110 -20.34 -20.24 23.52
C ASP H 110 -20.61 -20.92 22.17
N GLU H 111 -19.82 -21.95 21.84
CA GLU H 111 -20.01 -22.68 20.59
C GLU H 111 -21.32 -23.47 20.61
N CYS H 112 -21.61 -24.14 21.75
CA CYS H 112 -22.86 -24.90 21.95
C CYS H 112 -24.11 -24.07 21.78
N LYS H 113 -24.14 -22.89 22.40
CA LYS H 113 -25.25 -21.96 22.25
C LYS H 113 -25.45 -21.55 20.79
N LYS H 114 -24.34 -21.24 20.11
CA LYS H 114 -24.34 -20.76 18.73
C LYS H 114 -24.87 -21.84 17.78
N LYS H 115 -24.47 -23.07 18.01
CA LYS H 115 -24.84 -24.21 17.15
C LYS H 115 -26.06 -24.97 17.59
N GLY H 116 -26.70 -24.55 18.70
CA GLY H 116 -27.88 -25.26 19.26
C GLY H 116 -27.58 -26.68 19.66
N LEU H 117 -26.44 -26.88 20.32
CA LEU H 117 -25.99 -28.21 20.74
C LEU H 117 -26.22 -28.33 22.24
N PRO H 118 -26.18 -29.58 22.77
CA PRO H 118 -26.25 -29.74 24.21
C PRO H 118 -25.06 -29.07 24.90
N TRP H 119 -25.29 -28.68 26.15
CA TRP H 119 -24.29 -28.00 26.93
C TRP H 119 -23.35 -28.96 27.65
N THR H 120 -23.50 -30.28 27.43
CA THR H 120 -22.66 -31.29 28.04
C THR H 120 -21.14 -31.10 28.17
N LEU H 121 -20.42 -30.87 27.06
CA LEU H 121 -18.96 -30.72 27.18
C LEU H 121 -18.58 -29.39 27.91
N ALA H 122 -19.49 -28.44 27.91
CA ALA H 122 -19.23 -27.19 28.59
C ALA H 122 -19.44 -27.27 30.09
N LYS H 123 -20.36 -28.14 30.53
CA LYS H 123 -20.84 -28.12 31.90
C LYS H 123 -20.77 -29.42 32.68
N SER H 124 -20.50 -30.54 32.03
CA SER H 124 -20.91 -31.83 32.63
C SER H 124 -19.79 -32.84 32.64
N PHE H 125 -18.55 -32.36 32.60
CA PHE H 125 -17.37 -33.19 32.58
C PHE H 125 -16.98 -33.64 33.99
N THR H 126 -16.09 -34.62 34.04
CA THR H 126 -15.51 -35.20 35.26
C THR H 126 -14.89 -34.08 36.12
N ALA H 127 -15.24 -34.08 37.40
CA ALA H 127 -14.76 -33.11 38.37
C ALA H 127 -15.23 -31.65 38.10
N SER H 128 -16.35 -31.48 37.38
CA SER H 128 -16.93 -30.16 37.12
C SER H 128 -17.83 -29.63 38.25
N CYS H 129 -18.00 -30.41 39.33
CA CYS H 129 -18.80 -30.02 40.53
C CYS H 129 -18.03 -30.26 41.83
N PRO H 130 -17.01 -29.42 42.09
CA PRO H 130 -16.46 -29.30 43.43
C PRO H 130 -17.55 -29.02 44.45
N VAL H 131 -17.51 -29.71 45.58
CA VAL H 131 -18.59 -29.71 46.56
C VAL H 131 -18.01 -29.71 48.00
N SER H 132 -18.58 -28.86 48.85
CA SER H 132 -18.20 -28.77 50.25
C SER H 132 -18.75 -29.92 51.09
N ALA H 133 -18.39 -29.90 52.40
CA ALA H 133 -19.14 -30.67 53.38
C ALA H 133 -20.64 -30.37 53.37
N PHE H 134 -21.43 -31.40 53.68
CA PHE H 134 -22.86 -31.30 53.82
C PHE H 134 -23.20 -30.41 55.03
N VAL H 135 -24.09 -29.46 54.81
CA VAL H 135 -24.65 -28.65 55.88
C VAL H 135 -26.09 -29.05 56.14
N PRO H 136 -26.37 -29.67 57.31
CA PRO H 136 -27.75 -30.04 57.62
C PRO H 136 -28.71 -28.85 57.58
N LYS H 137 -29.94 -29.12 57.17
CA LYS H 137 -30.99 -28.12 57.06
C LYS H 137 -31.21 -27.32 58.36
N GLU H 138 -31.08 -27.98 59.50
CA GLU H 138 -31.23 -27.33 60.84
C GLU H 138 -30.30 -26.12 61.02
N LYS H 139 -29.14 -26.11 60.38
CA LYS H 139 -28.22 -24.97 60.46
C LYS H 139 -28.56 -23.80 59.56
N ILE H 140 -29.51 -23.97 58.64
CA ILE H 140 -29.88 -22.95 57.66
C ILE H 140 -31.42 -22.85 57.68
N PRO H 141 -31.97 -22.04 58.61
CA PRO H 141 -33.42 -21.82 58.65
C PRO H 141 -33.94 -21.02 57.43
N ASP H 142 -33.11 -20.14 56.88
CA ASP H 142 -33.44 -19.41 55.66
C ASP H 142 -32.27 -19.42 54.68
N PRO H 143 -32.35 -20.29 53.65
CA PRO H 143 -31.33 -20.31 52.62
C PRO H 143 -31.25 -19.08 51.72
N HIS H 144 -32.24 -18.17 51.77
CA HIS H 144 -32.21 -16.87 51.07
C HIS H 144 -31.65 -15.74 51.92
N LYS H 145 -30.94 -16.06 52.99
CA LYS H 145 -30.20 -15.06 53.75
C LYS H 145 -28.73 -15.45 53.94
N LEU H 146 -28.12 -16.03 52.92
CA LEU H 146 -26.73 -16.47 53.00
C LEU H 146 -25.82 -15.58 52.21
N LYS H 147 -24.57 -15.46 52.66
CA LYS H 147 -23.54 -14.78 51.89
C LYS H 147 -22.50 -15.78 51.43
N LEU H 148 -22.25 -15.77 50.13
CA LEU H 148 -21.27 -16.66 49.50
C LEU H 148 -20.05 -15.87 49.10
N TRP H 149 -18.87 -16.49 49.20
CA TRP H 149 -17.62 -15.90 48.72
C TRP H 149 -16.67 -16.92 48.06
N LEU H 150 -15.80 -16.42 47.19
CA LEU H 150 -14.85 -17.23 46.49
C LEU H 150 -13.58 -16.42 46.26
N LYS H 151 -12.44 -17.05 46.55
CA LYS H 151 -11.11 -16.50 46.29
C LYS H 151 -10.32 -17.38 45.33
N VAL H 152 -9.52 -16.74 44.48
CA VAL H 152 -8.53 -17.43 43.67
C VAL H 152 -7.13 -16.98 44.08
N ASN H 153 -6.30 -17.92 44.53
CA ASN H 153 -4.96 -17.63 45.05
C ASN H 153 -4.97 -16.49 46.11
N GLY H 154 -5.93 -16.57 47.04
CA GLY H 154 -6.06 -15.55 48.11
C GLY H 154 -6.82 -14.27 47.76
N GLU H 155 -7.12 -14.02 46.49
CA GLU H 155 -7.81 -12.79 46.07
C GLU H 155 -9.30 -13.04 45.86
N LEU H 156 -10.12 -12.22 46.51
CA LEU H 156 -11.58 -12.30 46.36
C LEU H 156 -12.00 -11.99 44.91
N ARG H 157 -12.79 -12.89 44.31
CA ARG H 157 -13.27 -12.77 42.93
C ARG H 157 -14.80 -12.82 42.77
N GLN H 158 -15.49 -13.56 43.64
CA GLN H 158 -16.94 -13.63 43.62
C GLN H 158 -17.46 -13.51 45.02
N GLU H 159 -18.56 -12.79 45.14
CA GLU H 159 -19.37 -12.72 46.34
C GLU H 159 -20.79 -12.63 45.91
N GLY H 160 -21.70 -13.16 46.72
CA GLY H 160 -23.11 -13.06 46.43
C GLY H 160 -23.96 -13.24 47.65
N GLU H 161 -25.18 -12.75 47.55
CA GLU H 161 -26.20 -12.90 48.54
C GLU H 161 -27.29 -13.72 47.92
N THR H 162 -27.69 -14.78 48.61
CA THR H 162 -28.80 -15.62 48.14
C THR H 162 -30.16 -14.93 48.17
N SER H 163 -30.28 -13.82 48.90
CA SER H 163 -31.44 -12.94 48.75
C SER H 163 -31.64 -12.37 47.36
N SER H 164 -30.58 -12.32 46.54
CA SER H 164 -30.67 -11.83 45.15
C SER H 164 -31.19 -12.82 44.12
N MET H 165 -31.52 -14.04 44.51
CA MET H 165 -32.03 -15.07 43.56
C MET H 165 -33.34 -14.59 42.91
N ILE H 166 -33.42 -14.75 41.58
CA ILE H 166 -34.62 -14.40 40.84
C ILE H 166 -35.75 -15.39 41.16
N PHE H 167 -35.43 -16.68 41.13
CA PHE H 167 -36.36 -17.73 41.48
C PHE H 167 -35.97 -18.29 42.84
N SER H 168 -36.98 -18.42 43.70
CA SER H 168 -36.79 -18.93 45.04
C SER H 168 -36.51 -20.43 45.01
N ILE H 169 -35.89 -20.91 46.10
CA ILE H 169 -35.60 -22.33 46.29
C ILE H 169 -36.86 -23.17 46.30
N PRO H 170 -37.94 -22.76 47.04
CA PRO H 170 -39.18 -23.56 46.91
C PRO H 170 -39.75 -23.64 45.50
N TYR H 171 -39.65 -22.54 44.72
CA TYR H 171 -40.05 -22.55 43.30
C TYR H 171 -39.18 -23.52 42.48
N ILE H 172 -37.86 -23.43 42.63
CA ILE H 172 -36.91 -24.27 41.89
C ILE H 172 -37.20 -25.76 42.14
N ILE H 173 -37.34 -26.14 43.42
CA ILE H 173 -37.61 -27.53 43.79
C ILE H 173 -38.89 -28.03 43.16
N SER H 174 -39.96 -27.25 43.32
CA SER H 174 -41.26 -27.55 42.71
C SER H 174 -41.20 -27.69 41.18
N TYR H 175 -40.60 -26.70 40.54
CA TYR H 175 -40.38 -26.67 39.08
C TYR H 175 -39.60 -27.87 38.56
N VAL H 176 -38.42 -28.15 39.15
CA VAL H 176 -37.61 -29.31 38.78
C VAL H 176 -38.37 -30.62 39.00
N SER H 177 -38.99 -30.76 40.17
CA SER H 177 -39.72 -31.99 40.54
C SER H 177 -40.85 -32.40 39.59
N LYS H 178 -41.48 -31.41 38.96
CA LYS H 178 -42.53 -31.62 37.96
C LYS H 178 -41.99 -32.08 36.62
N ILE H 179 -40.71 -31.81 36.35
CA ILE H 179 -40.06 -32.19 35.09
C ILE H 179 -39.27 -33.50 35.32
N ILE H 180 -38.48 -33.51 36.38
CA ILE H 180 -37.53 -34.60 36.73
C ILE H 180 -37.77 -34.98 38.17
N THR H 181 -38.24 -36.21 38.43
CA THR H 181 -38.32 -36.68 39.81
C THR H 181 -36.91 -36.67 40.44
N LEU H 182 -36.84 -36.17 41.66
CA LEU H 182 -35.61 -36.04 42.41
C LEU H 182 -35.58 -37.15 43.46
N GLU H 183 -34.46 -37.86 43.54
CA GLU H 183 -34.27 -38.92 44.54
C GLU H 183 -33.59 -38.32 45.75
N GLU H 184 -33.72 -38.99 46.89
CA GLU H 184 -32.87 -38.68 48.07
C GLU H 184 -31.39 -38.65 47.64
N GLY H 185 -30.70 -37.57 48.02
CA GLY H 185 -29.30 -37.36 47.66
C GLY H 185 -28.97 -36.67 46.37
N ASP H 186 -29.98 -36.41 45.53
CA ASP H 186 -29.86 -35.50 44.41
C ASP H 186 -29.63 -34.08 44.94
N ILE H 187 -28.81 -33.32 44.21
CA ILE H 187 -28.55 -31.91 44.50
C ILE H 187 -29.12 -31.01 43.36
N ILE H 188 -29.57 -29.82 43.74
CA ILE H 188 -29.92 -28.77 42.79
C ILE H 188 -28.98 -27.59 43.05
N LEU H 189 -28.20 -27.21 42.05
CA LEU H 189 -27.35 -26.04 42.10
C LEU H 189 -28.20 -24.83 41.70
N THR H 190 -28.17 -23.76 42.50
CA THR H 190 -29.15 -22.68 42.35
C THR H 190 -28.69 -21.42 41.59
N GLY H 191 -27.55 -21.51 40.91
CA GLY H 191 -27.02 -20.49 40.02
C GLY H 191 -25.94 -19.64 40.68
N THR H 192 -25.21 -18.89 39.86
CA THR H 192 -24.05 -18.13 40.31
C THR H 192 -24.35 -16.64 40.32
N PRO H 193 -23.84 -15.91 41.34
CA PRO H 193 -23.84 -14.46 41.22
C PRO H 193 -22.79 -13.95 40.23
N LYS H 194 -22.74 -12.63 40.06
CA LYS H 194 -21.74 -12.05 39.15
C LYS H 194 -20.30 -12.37 39.62
N GLY H 195 -19.36 -12.16 38.71
CA GLY H 195 -17.93 -12.26 38.97
C GLY H 195 -17.31 -13.57 38.46
N VAL H 196 -17.95 -14.28 37.55
CA VAL H 196 -17.36 -15.48 36.95
C VAL H 196 -16.09 -15.12 36.16
N GLY H 197 -15.14 -16.04 36.13
CA GLY H 197 -13.89 -15.75 35.50
C GLY H 197 -13.02 -16.96 35.41
N PRO H 198 -11.94 -16.86 34.59
CA PRO H 198 -11.10 -18.01 34.31
C PRO H 198 -10.16 -18.41 35.44
N VAL H 199 -9.83 -19.69 35.47
CA VAL H 199 -8.75 -20.21 36.31
C VAL H 199 -7.76 -20.98 35.44
N LYS H 200 -6.55 -21.13 35.95
CA LYS H 200 -5.50 -21.88 35.22
C LYS H 200 -4.96 -22.97 36.11
N GLU H 201 -4.18 -23.86 35.51
CA GLU H 201 -3.61 -24.99 36.21
C GLU H 201 -2.76 -24.47 37.39
N ASN H 202 -2.94 -25.15 38.51
CA ASN H 202 -2.32 -24.88 39.80
C ASN H 202 -2.90 -23.71 40.60
N ASP H 203 -3.95 -23.05 40.11
CA ASP H 203 -4.68 -22.08 40.96
C ASP H 203 -5.33 -22.79 42.15
N GLU H 204 -5.37 -22.09 43.28
CA GLU H 204 -6.04 -22.55 44.47
C GLU H 204 -7.34 -21.75 44.60
N ILE H 205 -8.46 -22.45 44.62
CA ILE H 205 -9.76 -21.85 44.88
C ILE H 205 -10.22 -22.12 46.29
N GLU H 206 -10.55 -21.04 47.01
CA GLU H 206 -11.14 -21.16 48.33
C GLU H 206 -12.51 -20.53 48.24
N ALA H 207 -13.49 -21.17 48.85
CA ALA H 207 -14.85 -20.64 48.81
C ALA H 207 -15.62 -21.04 50.04
N GLY H 208 -16.65 -20.28 50.34
CA GLY H 208 -17.44 -20.53 51.53
C GLY H 208 -18.79 -19.87 51.55
N ILE H 209 -19.57 -20.32 52.53
CA ILE H 209 -20.78 -19.67 52.96
C ILE H 209 -20.42 -19.06 54.31
N HIS H 210 -20.53 -17.73 54.42
CA HIS H 210 -20.19 -17.01 55.65
C HIS H 210 -20.88 -17.63 56.86
N GLY H 211 -20.05 -18.00 57.84
CA GLY H 211 -20.54 -18.52 59.10
C GLY H 211 -20.88 -20.01 59.13
N LEU H 212 -20.78 -20.72 57.99
CA LEU H 212 -21.27 -22.11 57.89
C LEU H 212 -20.26 -23.13 57.36
N VAL H 213 -19.54 -22.81 56.29
CA VAL H 213 -18.67 -23.78 55.64
C VAL H 213 -17.66 -23.09 54.75
N SER H 214 -16.48 -23.71 54.61
CA SER H 214 -15.55 -23.31 53.56
C SER H 214 -14.87 -24.53 52.97
N MET H 215 -14.18 -24.31 51.86
CA MET H 215 -13.55 -25.39 51.09
C MET H 215 -12.42 -24.86 50.26
N THR H 216 -11.43 -25.71 50.00
CA THR H 216 -10.28 -25.37 49.16
C THR H 216 -10.05 -26.45 48.10
N PHE H 217 -9.78 -26.02 46.87
CA PHE H 217 -9.58 -26.89 45.71
C PHE H 217 -8.40 -26.39 44.89
N LYS H 218 -7.59 -27.32 44.41
CA LYS H 218 -6.54 -27.03 43.45
C LYS H 218 -7.01 -27.39 42.03
N VAL H 219 -6.69 -26.51 41.09
CA VAL H 219 -6.91 -26.77 39.67
C VAL H 219 -5.75 -27.60 39.08
N GLU H 220 -6.07 -28.75 38.53
CA GLU H 220 -5.11 -29.69 37.97
C GLU H 220 -5.55 -30.18 36.60
N LYS H 221 -4.66 -30.83 35.88
CA LYS H 221 -4.97 -31.54 34.64
C LYS H 221 -4.93 -33.05 34.90
N PRO H 222 -5.72 -33.86 34.15
CA PRO H 222 -5.60 -35.34 34.27
C PRO H 222 -4.33 -35.94 33.69
MG MG I . 28.14 43.23 -19.31
C1 OXL J . 25.31 43.01 -18.66
C2 OXL J . 26.01 42.89 -17.38
O1 OXL J . 25.99 43.34 -19.64
O2 OXL J . 27.25 42.99 -17.38
O3 OXL J . 24.09 42.76 -18.73
O4 OXL J . 25.39 42.65 -16.33
CL CL K . 21.08 38.45 -28.85
MG MG L . 32.86 33.77 -33.11
MG MG M . -31.51 -40.14 20.37
C1 OXL N . -29.82 -39.22 18.08
C2 OXL N . -30.02 -37.97 18.85
O1 OXL N . -29.12 -39.30 17.04
O2 OXL N . -29.49 -36.90 18.47
O3 OXL N . -30.36 -40.22 18.54
O4 OXL N . -30.74 -38.03 19.89
MG MG O . -27.02 -39.15 37.31
MG MG P . -0.60 30.09 -8.30
MG MG Q . -3.74 13.04 -8.99
C1 OXL R . -2.26 32.24 -9.56
C2 OXL R . -2.01 31.36 -10.71
O1 OXL R . -2.98 33.28 -9.62
O2 OXL R . -2.52 31.58 -11.82
O3 OXL R . -1.76 31.87 -8.50
O4 OXL R . -1.23 30.39 -10.51
CL CL S . -3.72 22.23 -18.36
MG MG T . -7.75 -21.48 3.90
MG MG U . 8.43 -20.51 9.76
C1 OXL V . -9.77 -19.36 3.22
C2 OXL V . -9.42 -19.19 4.64
O1 OXL V . -10.40 -18.48 2.58
O2 OXL V . -9.54 -18.08 5.24
O3 OXL V . -9.36 -20.42 2.65
O4 OXL V . -8.99 -20.21 5.21
MG MG W . 4.54 -9.87 22.82
C1 OXL X . 2.71 -9.98 24.85
C2 OXL X . 1.87 -10.02 23.63
O1 OXL X . 3.94 -9.91 24.65
O2 OXL X . 2.47 -9.88 22.55
O3 OXL X . 2.28 -10.10 26.00
O4 OXL X . 0.64 -10.19 23.68
CL CL Y . -2.97 -14.80 13.84
MG MG Z . 16.93 32.37 -39.59
C1 OXL AA . 14.89 34.60 -40.31
C2 OXL AA . 15.19 34.72 -38.86
O1 OXL AA . 15.42 33.66 -40.94
O2 OXL AA . 16.00 33.87 -38.42
O3 OXL AA . 14.19 35.45 -40.93
O4 OXL AA . 14.69 35.58 -38.10
MG MG BA . -6.36 12.33 -26.12
C1 OXL CA . -4.69 13.17 -28.21
C2 OXL CA . -4.95 14.41 -27.47
O1 OXL CA . -3.95 13.19 -29.23
O2 OXL CA . -4.37 15.47 -27.79
O3 OXL CA . -5.19 12.11 -27.74
O4 OXL CA . -5.77 14.34 -26.51
MG MG DA . -24.08 -22.22 37.02
C1 OXL EA . -25.65 -20.86 34.92
C2 OXL EA . -25.80 -20.01 36.11
O1 OXL EA . -26.19 -20.54 33.82
O2 OXL EA . -26.48 -18.96 36.09
O3 OXL EA . -24.99 -21.91 35.05
O4 OXL EA . -25.24 -20.42 37.16
CL CL FA . -27.93 -30.18 27.55
#